data_6NHR
#
_entry.id   6NHR
#
_cell.length_a   208.378
_cell.length_b   131.409
_cell.length_c   72.280
_cell.angle_alpha   90.00
_cell.angle_beta   98.07
_cell.angle_gamma   90.00
#
_symmetry.space_group_name_H-M   'C 1 2 1'
#
loop_
_entity.id
_entity.type
_entity.pdbx_description
1 polymer 'Hemagglutinin HA1 chain'
2 polymer 'Hemagglutinin HA2 chain'
3 branched beta-D-mannopyranose-(1-4)-2-acetamido-2-deoxy-beta-D-glucopyranose-(1-4)-2-acetamido-2-deoxy-beta-D-glucopyranose
4 branched 2-acetamido-2-deoxy-beta-D-glucopyranose-(1-4)-2-acetamido-2-deoxy-beta-D-glucopyranose
5 branched alpha-D-mannopyranose-(1-6)-beta-D-mannopyranose-(1-4)-2-acetamido-2-deoxy-beta-D-glucopyranose-(1-4)-2-acetamido-2-deoxy-beta-D-glucopyranose
6 branched alpha-D-mannopyranose-(1-3)-beta-D-mannopyranose-(1-4)-2-acetamido-2-deoxy-beta-D-glucopyranose-(1-4)-2-acetamido-2-deoxy-beta-D-glucopyranose
7 non-polymer 2-acetamido-2-deoxy-beta-D-glucopyranose
8 water water
#
loop_
_entity_poly.entity_id
_entity_poly.type
_entity_poly.pdbx_seq_one_letter_code
_entity_poly.pdbx_strand_id
1 'polypeptide(L)'
;PGATLCLGHHAVPNGTLVKTITDDQIEVTNATELVQSSSTGKICNNPHRILDGIDCTLIDALLGDPHCDVFQNETWDLFV
ERSKAFSNCYPYDVPDYASLRSLVASSGTLEFITEGFTWTGVTQNGGSNACKRGPGSGFFSRLNWLTKSGSTYPVLNVTM
PNNDNFDKLYIWGVHHPSTNQEQTSLYVQASGRVTVSTRRSQQTIIPNIGSRPWVRGLSSRISIYWTIVKPGDVLVINSN
GNLIAPRGYFKMRTGKSSIMRSDAPIDTCISECITPNGSIPNDKPFQNVNKITYGACPKYVKQNTLKLATGMRNVPEKQT
R
;
A,C,E
2 'polypeptide(L)'
;GLFGAIAGFIENGWEGMIDGWYGFRHQNSEGTGQAADLKSTQAAFDQINGKLNRVIEKTNEKFHQIEKEFSEVEGRIQDL
EKYVEDTKIDLWSYNAELLVALENQHTIDLTDSEMNKLFEKTGRQLRENAEDMGNGCFKIYHKCDNACIESIRNGTYDHD
VYRDEALNNRFQIKGV
;
B,D,F
#
loop_
_chem_comp.id
_chem_comp.type
_chem_comp.name
_chem_comp.formula
BMA D-saccharide, beta linking beta-D-mannopyranose 'C6 H12 O6'
MAN D-saccharide, alpha linking alpha-D-mannopyranose 'C6 H12 O6'
NAG D-saccharide, beta linking 2-acetamido-2-deoxy-beta-D-glucopyranose 'C8 H15 N O6'
#
# COMPACT_ATOMS: atom_id res chain seq x y z
N PRO A 1 9.41 34.99 -59.75
CA PRO A 1 8.50 34.85 -58.60
C PRO A 1 8.18 33.39 -58.30
N GLY A 2 8.56 32.93 -57.11
CA GLY A 2 8.40 31.53 -56.72
C GLY A 2 7.16 31.26 -55.87
N ALA A 3 7.30 30.36 -54.89
CA ALA A 3 6.22 30.03 -53.98
C ALA A 3 6.75 29.80 -52.57
N THR A 4 5.88 30.03 -51.58
CA THR A 4 6.17 29.75 -50.18
C THR A 4 5.21 28.66 -49.71
N LEU A 5 5.74 27.66 -49.01
CA LEU A 5 4.95 26.58 -48.42
C LEU A 5 5.26 26.53 -46.92
N CYS A 6 4.26 26.89 -46.11
CA CYS A 6 4.39 26.94 -44.67
C CYS A 6 3.72 25.75 -44.00
N LEU A 7 4.45 25.09 -43.11
CA LEU A 7 3.92 23.96 -42.33
C LEU A 7 3.39 24.52 -41.01
N GLY A 8 2.29 23.98 -40.54
CA GLY A 8 1.76 24.40 -39.27
C GLY A 8 0.85 23.41 -38.60
N HIS A 9 0.24 23.87 -37.53
CA HIS A 9 -0.63 23.06 -36.70
C HIS A 9 -1.78 23.93 -36.23
N HIS A 10 -2.83 23.30 -35.72
CA HIS A 10 -4.00 24.04 -35.28
C HIS A 10 -3.81 24.69 -33.89
N ALA A 11 -4.72 25.62 -33.61
CA ALA A 11 -4.91 26.15 -32.29
C ALA A 11 -6.41 26.34 -32.10
N VAL A 12 -6.85 26.49 -30.86
CA VAL A 12 -8.26 26.67 -30.55
C VAL A 12 -8.39 27.94 -29.71
N PRO A 13 -9.57 28.59 -29.77
CA PRO A 13 -9.71 29.82 -29.00
C PRO A 13 -9.75 29.56 -27.49
N ASN A 14 -10.23 28.39 -27.06
CA ASN A 14 -10.41 28.08 -25.65
C ASN A 14 -9.71 26.75 -25.24
N GLY A 15 -8.43 26.87 -24.88
CA GLY A 15 -7.66 25.72 -24.41
C GLY A 15 -7.94 25.35 -22.96
N THR A 16 -7.24 24.33 -22.46
CA THR A 16 -7.39 23.85 -21.08
C THR A 16 -6.03 23.74 -20.43
N LEU A 17 -5.91 24.07 -19.15
CA LEU A 17 -4.65 23.93 -18.41
C LEU A 17 -4.47 22.50 -17.87
N VAL A 18 -3.28 21.94 -18.07
CA VAL A 18 -2.92 20.64 -17.55
C VAL A 18 -1.55 20.70 -16.88
N LYS A 19 -1.25 19.64 -16.16
CA LYS A 19 0.01 19.47 -15.44
C LYS A 19 0.88 18.48 -16.19
N THR A 20 2.19 18.75 -16.18
CA THR A 20 3.20 17.89 -16.77
C THR A 20 4.32 17.65 -15.75
N ILE A 21 5.40 17.01 -16.20
CA ILE A 21 6.59 16.82 -15.38
C ILE A 21 7.25 18.17 -15.07
N THR A 22 7.31 19.04 -16.07
CA THR A 22 8.01 20.33 -15.92
C THR A 22 7.10 21.52 -15.56
N ASP A 23 5.81 21.45 -15.81
CA ASP A 23 4.90 22.59 -15.55
C ASP A 23 3.70 22.18 -14.73
N ASP A 24 3.38 22.94 -13.70
CA ASP A 24 2.13 22.69 -12.97
C ASP A 24 0.89 23.18 -13.70
N GLN A 25 1.05 24.07 -14.68
CA GLN A 25 -0.06 24.52 -15.51
C GLN A 25 0.53 24.86 -16.87
N ILE A 26 0.04 24.20 -17.91
CA ILE A 26 0.36 24.54 -19.27
C ILE A 26 -0.83 24.25 -20.16
N GLU A 27 -1.01 25.06 -21.21
CA GLU A 27 -2.24 25.05 -21.98
C GLU A 27 -2.15 24.11 -23.17
N VAL A 28 -3.14 23.22 -23.28
CA VAL A 28 -3.28 22.33 -24.42
C VAL A 28 -4.64 22.58 -25.07
N THR A 29 -4.83 22.03 -26.27
CA THR A 29 -6.05 22.30 -27.03
C THR A 29 -7.26 21.63 -26.43
N ASN A 30 -7.08 20.52 -25.75
CA ASN A 30 -8.18 19.81 -25.09
C ASN A 30 -7.68 18.87 -24.01
N ALA A 31 -8.54 18.54 -23.06
CA ALA A 31 -8.25 17.56 -22.04
C ALA A 31 -9.52 16.86 -21.59
N THR A 32 -9.34 15.76 -20.86
CA THR A 32 -10.46 15.02 -20.35
C THR A 32 -10.27 14.72 -18.85
N GLU A 33 -11.38 14.72 -18.12
CA GLU A 33 -11.40 14.59 -16.67
C GLU A 33 -11.26 13.14 -16.26
N LEU A 34 -10.30 12.84 -15.39
CA LEU A 34 -10.08 11.47 -14.89
C LEU A 34 -10.65 11.15 -13.51
N VAL A 35 -11.13 12.16 -12.79
CA VAL A 35 -11.70 11.98 -11.45
C VAL A 35 -13.21 12.21 -11.48
N GLN A 36 -13.97 11.18 -11.12
CA GLN A 36 -15.41 11.31 -10.93
C GLN A 36 -15.68 12.01 -9.59
N SER A 37 -16.29 13.19 -9.65
CA SER A 37 -16.50 13.98 -8.44
C SER A 37 -17.97 14.22 -8.08
N SER A 38 -18.88 13.64 -8.83
CA SER A 38 -20.30 13.83 -8.54
C SER A 38 -21.04 12.50 -8.58
N SER A 39 -22.15 12.50 -7.86
CA SER A 39 -23.10 11.40 -7.77
C SER A 39 -24.49 11.96 -8.05
N THR A 40 -25.41 11.11 -8.47
CA THR A 40 -26.83 11.48 -8.54
C THR A 40 -27.47 11.67 -7.17
N GLY A 41 -26.89 11.13 -6.12
CA GLY A 41 -27.52 11.14 -4.81
C GLY A 41 -28.47 9.98 -4.61
N LYS A 42 -28.53 9.04 -5.55
CA LYS A 42 -29.43 7.90 -5.48
C LYS A 42 -28.66 6.63 -5.75
N ILE A 43 -29.06 5.57 -5.05
CA ILE A 43 -28.50 4.23 -5.27
C ILE A 43 -29.33 3.51 -6.33
N CYS A 44 -28.69 3.10 -7.40
CA CYS A 44 -29.38 2.42 -8.48
C CYS A 44 -29.74 0.99 -8.04
N ASN A 45 -30.99 0.61 -8.30
CA ASN A 45 -31.49 -0.72 -7.91
C ASN A 45 -30.99 -1.91 -8.74
N ASN A 46 -30.25 -1.63 -9.83
CA ASN A 46 -29.62 -2.64 -10.66
C ASN A 46 -28.19 -2.23 -10.98
N PRO A 47 -27.29 -3.19 -11.26
CA PRO A 47 -27.56 -4.63 -11.37
C PRO A 47 -27.40 -5.42 -10.08
N HIS A 48 -27.06 -4.77 -8.97
CA HIS A 48 -26.87 -5.47 -7.72
C HIS A 48 -28.19 -5.57 -6.98
N ARG A 49 -28.43 -6.69 -6.31
CA ARG A 49 -29.57 -6.82 -5.42
C ARG A 49 -29.34 -5.97 -4.15
N ILE A 50 -30.09 -4.85 -4.05
CA ILE A 50 -30.01 -3.92 -2.92
C ILE A 50 -31.15 -4.25 -1.98
N LEU A 51 -30.83 -4.49 -0.70
CA LEU A 51 -31.87 -4.71 0.28
C LEU A 51 -31.81 -3.53 1.23
N ASP A 52 -32.88 -2.75 1.25
CA ASP A 52 -33.02 -1.59 2.10
C ASP A 52 -33.44 -2.06 3.49
N GLY A 53 -32.61 -1.80 4.50
CA GLY A 53 -32.92 -2.16 5.88
C GLY A 53 -34.07 -1.37 6.49
N ILE A 54 -34.39 -0.20 5.93
CA ILE A 54 -35.43 0.70 6.42
C ILE A 54 -35.18 1.00 7.90
N ASP A 55 -36.03 0.48 8.78
CA ASP A 55 -35.95 0.71 10.23
C ASP A 55 -35.07 -0.30 10.96
N CYS A 56 -34.40 -1.19 10.23
CA CYS A 56 -33.72 -2.34 10.84
C CYS A 56 -32.24 -2.39 10.51
N THR A 57 -31.43 -2.68 11.53
CA THR A 57 -30.03 -3.08 11.30
C THR A 57 -30.02 -4.52 10.86
N LEU A 58 -28.93 -4.92 10.22
CA LEU A 58 -28.75 -6.31 9.86
C LEU A 58 -28.86 -7.23 11.07
N ILE A 59 -28.26 -6.85 12.19
CA ILE A 59 -28.27 -7.71 13.39
C ILE A 59 -29.71 -7.88 13.95
N ASP A 60 -30.50 -6.82 13.93
CA ASP A 60 -31.91 -6.94 14.36
C ASP A 60 -32.75 -7.83 13.44
N ALA A 61 -32.47 -7.77 12.15
CA ALA A 61 -33.10 -8.65 11.18
C ALA A 61 -32.65 -10.09 11.38
N LEU A 62 -31.37 -10.29 11.70
CA LEU A 62 -30.83 -11.61 12.02
C LEU A 62 -31.51 -12.22 13.24
N LEU A 63 -31.55 -11.48 14.34
CA LEU A 63 -32.11 -11.99 15.58
C LEU A 63 -33.62 -12.20 15.48
N GLY A 64 -34.27 -11.34 14.71
CA GLY A 64 -35.72 -11.42 14.50
C GLY A 64 -36.52 -10.55 15.45
N ASP A 65 -36.05 -9.31 15.64
CA ASP A 65 -36.80 -8.20 16.25
C ASP A 65 -38.14 -8.10 15.47
N PRO A 66 -39.30 -8.09 16.16
CA PRO A 66 -40.59 -8.16 15.46
C PRO A 66 -40.81 -7.17 14.32
N HIS A 67 -40.42 -5.91 14.48
CA HIS A 67 -40.53 -4.95 13.37
C HIS A 67 -39.58 -5.26 12.20
N CYS A 68 -38.64 -6.19 12.39
CA CYS A 68 -37.79 -6.68 11.33
C CYS A 68 -38.22 -8.03 10.73
N ASP A 69 -39.42 -8.52 11.05
CA ASP A 69 -39.88 -9.83 10.58
C ASP A 69 -39.96 -9.94 9.06
N VAL A 70 -40.20 -8.82 8.39
CA VAL A 70 -40.22 -8.78 6.93
C VAL A 70 -38.90 -9.21 6.28
N PHE A 71 -37.79 -9.18 7.02
CA PHE A 71 -36.48 -9.60 6.50
C PHE A 71 -36.14 -11.08 6.64
N GLN A 72 -37.05 -11.88 7.18
CA GLN A 72 -36.82 -13.31 7.32
C GLN A 72 -36.47 -13.94 6.00
N ASN A 73 -35.37 -14.68 5.99
CA ASN A 73 -34.86 -15.38 4.82
C ASN A 73 -34.40 -14.49 3.67
N GLU A 74 -34.26 -13.19 3.89
CA GLU A 74 -33.88 -12.31 2.81
C GLU A 74 -32.46 -12.61 2.33
N THR A 75 -32.14 -12.18 1.12
CA THR A 75 -30.82 -12.25 0.59
C THR A 75 -30.50 -10.87 0.00
N TRP A 76 -29.22 -10.62 -0.21
CA TRP A 76 -28.77 -9.35 -0.78
C TRP A 76 -27.40 -9.50 -1.42
N ASP A 77 -27.11 -8.59 -2.35
CA ASP A 77 -25.74 -8.26 -2.68
C ASP A 77 -25.25 -7.13 -1.77
N LEU A 78 -26.10 -6.13 -1.52
CA LEU A 78 -25.72 -5.04 -0.64
C LEU A 78 -26.87 -4.73 0.29
N PHE A 79 -26.65 -4.95 1.58
CA PHE A 79 -27.58 -4.57 2.62
C PHE A 79 -27.29 -3.11 2.96
N VAL A 80 -28.31 -2.25 2.90
CA VAL A 80 -28.17 -0.84 3.18
C VAL A 80 -28.80 -0.51 4.52
N GLU A 81 -27.97 -0.13 5.49
CA GLU A 81 -28.44 0.26 6.84
C GLU A 81 -28.63 1.76 6.90
N ARG A 82 -29.78 2.17 7.41
CA ARG A 82 -30.19 3.57 7.46
C ARG A 82 -29.95 4.16 8.85
N SER A 83 -29.68 5.45 8.91
CA SER A 83 -29.44 6.10 10.21
C SER A 83 -30.70 6.15 11.08
N LYS A 84 -31.88 6.03 10.48
CA LYS A 84 -33.13 5.94 11.25
C LYS A 84 -33.42 4.58 11.91
N ALA A 85 -32.56 3.57 11.70
CA ALA A 85 -32.85 2.25 12.26
C ALA A 85 -32.92 2.28 13.78
N PHE A 86 -33.78 1.45 14.35
CA PHE A 86 -33.92 1.36 15.80
C PHE A 86 -34.20 -0.10 16.20
N SER A 87 -33.88 -0.42 17.44
CA SER A 87 -34.14 -1.72 18.02
C SER A 87 -35.41 -1.60 18.83
N ASN A 88 -36.22 -2.64 18.88
CA ASN A 88 -37.48 -2.58 19.63
C ASN A 88 -37.85 -3.90 20.26
N CYS A 89 -36.87 -4.61 20.80
CA CYS A 89 -37.07 -5.93 21.37
C CYS A 89 -36.34 -5.98 22.70
N TYR A 90 -35.95 -7.16 23.18
CA TYR A 90 -35.26 -7.26 24.46
C TYR A 90 -33.91 -6.54 24.33
N PRO A 91 -33.54 -5.70 25.32
CA PRO A 91 -32.23 -5.04 25.22
C PRO A 91 -31.08 -6.07 25.24
N TYR A 92 -30.12 -5.88 24.35
CA TYR A 92 -29.08 -6.85 24.15
C TYR A 92 -27.77 -6.18 23.81
N ASP A 93 -26.69 -6.94 23.97
CA ASP A 93 -25.41 -6.55 23.39
C ASP A 93 -24.83 -7.75 22.66
N VAL A 94 -23.90 -7.47 21.76
CA VAL A 94 -23.14 -8.49 21.08
C VAL A 94 -21.67 -8.21 21.30
N PRO A 95 -20.99 -8.98 22.17
CA PRO A 95 -19.54 -8.86 22.19
C PRO A 95 -19.01 -9.19 20.79
N ASP A 96 -18.17 -8.35 20.26
CA ASP A 96 -17.76 -8.48 18.85
C ASP A 96 -18.92 -8.35 17.83
N TYR A 97 -19.82 -7.43 18.15
CA TYR A 97 -20.86 -6.95 17.22
C TYR A 97 -20.32 -6.73 15.79
N ALA A 98 -19.22 -6.00 15.66
CA ALA A 98 -18.70 -5.67 14.34
C ALA A 98 -18.37 -6.93 13.51
N SER A 99 -17.82 -7.95 14.15
CA SER A 99 -17.50 -9.21 13.46
C SER A 99 -18.75 -10.00 13.04
N LEU A 100 -19.76 -10.08 13.90
CA LEU A 100 -20.98 -10.81 13.56
C LEU A 100 -21.69 -10.12 12.38
N ARG A 101 -21.78 -8.80 12.45
CA ARG A 101 -22.32 -8.00 11.35
C ARG A 101 -21.56 -8.24 10.07
N SER A 102 -20.22 -8.25 10.15
CA SER A 102 -19.39 -8.46 8.99
C SER A 102 -19.59 -9.82 8.33
N LEU A 103 -19.57 -10.87 9.15
CA LEU A 103 -19.66 -12.21 8.63
C LEU A 103 -21.06 -12.49 8.03
N VAL A 104 -22.13 -12.00 8.68
CA VAL A 104 -23.47 -12.16 8.11
C VAL A 104 -23.59 -11.32 6.83
N ALA A 105 -23.12 -10.08 6.85
CA ALA A 105 -23.18 -9.21 5.66
C ALA A 105 -22.53 -9.87 4.45
N SER A 106 -21.38 -10.47 4.72
CA SER A 106 -20.57 -11.11 3.71
C SER A 106 -21.20 -12.42 3.18
N SER A 107 -21.91 -13.12 4.04
CA SER A 107 -22.60 -14.33 3.67
C SER A 107 -23.81 -14.06 2.74
N GLY A 108 -24.47 -12.93 2.91
CA GLY A 108 -25.48 -12.45 1.96
C GLY A 108 -26.87 -13.05 2.09
N THR A 109 -27.13 -13.78 3.18
CA THR A 109 -28.38 -14.42 3.39
C THR A 109 -28.75 -14.50 4.87
N LEU A 110 -30.05 -14.46 5.15
CA LEU A 110 -30.62 -14.76 6.45
C LEU A 110 -31.42 -16.06 6.40
N GLU A 111 -31.15 -16.90 5.41
CA GLU A 111 -31.86 -18.18 5.27
C GLU A 111 -31.70 -18.98 6.57
N PHE A 112 -32.82 -19.25 7.22
CA PHE A 112 -32.85 -19.89 8.50
C PHE A 112 -33.60 -21.23 8.43
N ILE A 113 -32.98 -22.27 8.98
CA ILE A 113 -33.52 -23.63 8.96
C ILE A 113 -33.79 -24.00 10.42
N THR A 114 -35.07 -24.25 10.73
CA THR A 114 -35.46 -24.60 12.09
C THR A 114 -35.05 -26.04 12.37
N GLU A 115 -34.53 -26.29 13.56
CA GLU A 115 -34.15 -27.65 13.97
C GLU A 115 -34.90 -28.08 15.22
N GLY A 116 -35.17 -29.37 15.32
CA GLY A 116 -35.96 -29.90 16.42
C GLY A 116 -35.15 -30.14 17.68
N PHE A 117 -34.72 -29.06 18.33
CA PHE A 117 -34.07 -29.19 19.63
C PHE A 117 -35.08 -29.68 20.64
N THR A 118 -34.65 -30.58 21.51
CA THR A 118 -35.48 -31.13 22.58
C THR A 118 -35.04 -30.52 23.90
N TRP A 119 -35.87 -29.64 24.46
CA TRP A 119 -35.55 -28.98 25.72
C TRP A 119 -36.39 -29.61 26.82
N THR A 120 -35.88 -30.69 27.40
CA THR A 120 -36.65 -31.45 28.38
C THR A 120 -36.70 -30.77 29.74
N GLY A 121 -37.92 -30.57 30.26
CA GLY A 121 -38.15 -30.08 31.61
C GLY A 121 -38.10 -28.58 31.82
N VAL A 122 -38.18 -27.81 30.72
CA VAL A 122 -38.24 -26.34 30.78
C VAL A 122 -39.42 -25.82 29.98
N THR A 123 -39.78 -24.58 30.26
CA THR A 123 -40.82 -23.88 29.49
C THR A 123 -40.11 -23.18 28.32
N GLN A 124 -40.69 -23.31 27.13
CA GLN A 124 -40.15 -22.68 25.93
C GLN A 124 -40.93 -21.43 25.60
N ASN A 125 -40.40 -20.66 24.63
CA ASN A 125 -41.11 -19.54 24.02
C ASN A 125 -41.44 -18.38 24.98
N GLY A 126 -40.56 -18.11 25.93
CA GLY A 126 -40.71 -16.95 26.79
C GLY A 126 -40.74 -15.67 25.99
N GLY A 127 -41.49 -14.70 26.50
CA GLY A 127 -41.68 -13.40 25.87
C GLY A 127 -41.63 -12.28 26.89
N SER A 128 -41.55 -11.08 26.37
CA SER A 128 -41.39 -9.87 27.17
C SER A 128 -42.25 -8.77 26.59
N ASN A 129 -42.75 -7.89 27.44
CA ASN A 129 -43.44 -6.69 26.98
C ASN A 129 -42.48 -5.66 26.36
N ALA A 130 -41.17 -5.84 26.53
CA ALA A 130 -40.20 -5.03 25.79
C ALA A 130 -40.09 -5.45 24.32
N CYS A 131 -40.71 -6.56 23.94
CA CYS A 131 -40.57 -7.08 22.60
C CYS A 131 -41.92 -7.59 22.10
N LYS A 132 -42.87 -6.66 21.94
CA LYS A 132 -44.21 -7.01 21.50
C LYS A 132 -44.29 -7.50 20.08
N ARG A 133 -45.10 -8.54 19.89
CA ARG A 133 -45.34 -9.20 18.62
C ARG A 133 -46.87 -9.31 18.59
N GLY A 134 -47.51 -8.52 17.73
CA GLY A 134 -48.94 -8.26 17.83
C GLY A 134 -49.23 -7.58 19.17
N PRO A 135 -50.39 -7.86 19.78
CA PRO A 135 -50.77 -7.13 21.00
C PRO A 135 -50.04 -7.56 22.27
N GLY A 136 -49.46 -8.76 22.29
CA GLY A 136 -48.92 -9.35 23.52
C GLY A 136 -47.41 -9.49 23.52
N SER A 137 -46.89 -10.04 24.63
CA SER A 137 -45.46 -10.14 24.82
C SER A 137 -44.87 -11.05 23.75
N GLY A 138 -43.60 -10.83 23.42
CA GLY A 138 -42.94 -11.65 22.42
C GLY A 138 -41.45 -11.64 22.60
N PHE A 139 -40.74 -12.12 21.59
CA PHE A 139 -39.30 -12.28 21.65
C PHE A 139 -38.71 -12.32 20.26
N PHE A 140 -37.39 -12.31 20.17
CA PHE A 140 -36.68 -12.52 18.93
C PHE A 140 -37.19 -13.80 18.27
N SER A 141 -37.52 -13.74 16.99
CA SER A 141 -38.13 -14.88 16.30
C SER A 141 -37.16 -16.08 16.20
N ARG A 142 -35.85 -15.83 16.15
CA ARG A 142 -34.88 -16.91 15.97
C ARG A 142 -34.28 -17.45 17.25
N LEU A 143 -34.73 -16.95 18.39
CA LEU A 143 -34.22 -17.35 19.70
C LEU A 143 -35.38 -17.85 20.56
N ASN A 144 -35.04 -18.72 21.51
CA ASN A 144 -36.05 -19.43 22.31
C ASN A 144 -35.70 -19.21 23.78
N TRP A 145 -36.48 -18.37 24.45
CA TRP A 145 -36.22 -18.05 25.86
C TRP A 145 -36.75 -19.18 26.73
N LEU A 146 -35.82 -19.97 27.27
CA LEU A 146 -36.18 -21.10 28.12
C LEU A 146 -36.18 -20.67 29.58
N THR A 147 -37.22 -21.06 30.30
CA THR A 147 -37.34 -20.80 31.73
C THR A 147 -37.85 -22.06 32.43
N LYS A 148 -37.92 -22.00 33.75
CA LYS A 148 -38.30 -23.16 34.55
C LYS A 148 -39.67 -23.73 34.16
N SER A 149 -39.82 -25.03 34.42
CA SER A 149 -41.08 -25.73 34.27
C SER A 149 -41.45 -26.28 35.64
N GLY A 150 -42.61 -25.88 36.14
CA GLY A 150 -42.99 -26.17 37.53
C GLY A 150 -42.09 -25.38 38.47
N SER A 151 -41.28 -26.09 39.23
CA SER A 151 -40.33 -25.48 40.16
C SER A 151 -38.89 -25.95 39.91
N THR A 152 -38.61 -26.48 38.72
CA THR A 152 -37.28 -26.99 38.39
C THR A 152 -36.78 -26.48 37.03
N TYR A 153 -35.47 -26.33 36.92
CA TYR A 153 -34.80 -26.09 35.65
C TYR A 153 -33.63 -27.07 35.67
N PRO A 154 -33.77 -28.19 34.95
CA PRO A 154 -32.73 -29.21 34.97
C PRO A 154 -31.49 -28.82 34.19
N VAL A 155 -30.45 -29.65 34.24
CA VAL A 155 -29.30 -29.43 33.40
C VAL A 155 -29.74 -29.82 32.00
N LEU A 156 -29.74 -28.87 31.08
CA LEU A 156 -30.04 -29.14 29.69
C LEU A 156 -28.75 -29.62 29.04
N ASN A 157 -28.87 -30.65 28.22
CA ASN A 157 -27.71 -31.21 27.55
C ASN A 157 -28.19 -31.77 26.22
N VAL A 158 -28.03 -30.98 25.15
CA VAL A 158 -28.56 -31.35 23.83
C VAL A 158 -27.49 -31.29 22.75
N THR A 159 -27.77 -32.02 21.68
CA THR A 159 -26.85 -32.13 20.57
C THR A 159 -27.54 -31.90 19.24
N MET A 160 -26.79 -31.37 18.29
CA MET A 160 -27.24 -31.28 16.90
C MET A 160 -26.02 -31.52 16.02
N PRO A 161 -25.94 -32.72 15.39
CA PRO A 161 -24.83 -32.95 14.49
C PRO A 161 -25.05 -32.20 13.18
N ASN A 162 -23.96 -31.83 12.52
CA ASN A 162 -24.05 -31.30 11.18
C ASN A 162 -23.71 -32.45 10.22
N ASN A 163 -24.74 -33.06 9.67
CA ASN A 163 -24.56 -34.07 8.63
C ASN A 163 -24.83 -33.51 7.23
N ASP A 164 -24.83 -32.19 7.07
CA ASP A 164 -24.93 -31.58 5.76
C ASP A 164 -23.53 -31.36 5.25
N ASN A 165 -23.41 -30.86 4.02
CA ASN A 165 -22.10 -30.52 3.42
C ASN A 165 -21.81 -29.03 3.40
N PHE A 166 -22.56 -28.25 4.19
CA PHE A 166 -22.37 -26.79 4.32
C PHE A 166 -22.16 -26.44 5.78
N ASP A 167 -21.64 -25.25 6.05
CA ASP A 167 -21.45 -24.76 7.42
C ASP A 167 -22.75 -24.19 7.96
N LYS A 168 -23.01 -24.47 9.25
CA LYS A 168 -24.15 -23.90 9.95
C LYS A 168 -23.71 -22.81 10.93
N LEU A 169 -24.38 -21.65 10.89
CA LEU A 169 -24.19 -20.58 11.86
C LEU A 169 -25.31 -20.64 12.90
N TYR A 170 -24.93 -20.84 14.16
CA TYR A 170 -25.87 -20.79 15.28
C TYR A 170 -25.70 -19.51 16.07
N ILE A 171 -26.82 -18.81 16.28
CA ILE A 171 -26.90 -17.63 17.10
C ILE A 171 -27.60 -18.04 18.39
N TRP A 172 -27.00 -17.69 19.52
CA TRP A 172 -27.57 -18.00 20.82
C TRP A 172 -27.23 -16.91 21.79
N GLY A 173 -27.77 -16.99 23.00
CA GLY A 173 -27.53 -15.96 23.96
C GLY A 173 -27.50 -16.43 25.39
N VAL A 174 -27.15 -15.49 26.25
CA VAL A 174 -27.14 -15.65 27.67
C VAL A 174 -27.90 -14.48 28.29
N HIS A 175 -28.83 -14.80 29.18
CA HIS A 175 -29.63 -13.81 29.88
C HIS A 175 -28.93 -13.37 31.17
N HIS A 176 -28.84 -12.05 31.36
CA HIS A 176 -28.25 -11.42 32.53
C HIS A 176 -29.38 -10.73 33.27
N PRO A 177 -29.94 -11.38 34.31
CA PRO A 177 -30.99 -10.75 35.10
C PRO A 177 -30.49 -9.55 35.88
N SER A 178 -31.40 -8.65 36.24
CA SER A 178 -30.99 -7.49 37.00
C SER A 178 -30.97 -7.69 38.52
N THR A 179 -31.67 -8.70 39.05
CA THR A 179 -31.70 -9.04 40.47
C THR A 179 -31.61 -10.55 40.70
N ASN A 180 -31.21 -10.94 41.91
CA ASN A 180 -31.23 -12.36 42.33
C ASN A 180 -32.64 -12.95 42.30
N GLN A 181 -33.63 -12.10 42.58
CA GLN A 181 -35.03 -12.49 42.59
C GLN A 181 -35.44 -12.96 41.20
N GLU A 182 -35.08 -12.17 40.19
CA GLU A 182 -35.38 -12.49 38.80
C GLU A 182 -34.67 -13.81 38.39
N GLN A 183 -33.38 -13.91 38.73
CA GLN A 183 -32.59 -15.11 38.45
C GLN A 183 -33.29 -16.39 38.93
N THR A 184 -33.57 -16.47 40.23
CA THR A 184 -34.10 -17.71 40.81
C THR A 184 -35.53 -17.94 40.39
N SER A 185 -36.28 -16.86 40.19
CA SER A 185 -37.64 -16.94 39.71
C SER A 185 -37.74 -17.58 38.31
N LEU A 186 -36.83 -17.19 37.41
CA LEU A 186 -36.82 -17.73 36.04
C LEU A 186 -36.09 -19.06 35.90
N TYR A 187 -34.98 -19.22 36.60
CA TYR A 187 -34.09 -20.37 36.39
C TYR A 187 -33.85 -21.25 37.60
N VAL A 188 -34.48 -20.95 38.74
CA VAL A 188 -34.30 -21.71 40.00
C VAL A 188 -32.89 -21.57 40.58
N GLN A 189 -31.88 -22.11 39.88
CA GLN A 189 -30.49 -22.02 40.33
C GLN A 189 -30.08 -20.56 40.53
N ALA A 190 -29.25 -20.32 41.55
CA ALA A 190 -28.80 -18.97 41.91
C ALA A 190 -27.82 -18.39 40.89
N SER A 191 -27.12 -19.27 40.19
CA SER A 191 -26.19 -18.87 39.17
C SER A 191 -26.34 -19.85 38.00
N GLY A 192 -26.51 -19.30 36.80
CA GLY A 192 -26.60 -20.13 35.61
C GLY A 192 -25.26 -20.33 34.94
N ARG A 193 -25.30 -20.99 33.80
CA ARG A 193 -24.12 -21.17 32.96
C ARG A 193 -24.58 -21.71 31.62
N VAL A 194 -23.90 -21.27 30.57
CA VAL A 194 -24.15 -21.76 29.24
C VAL A 194 -22.81 -22.16 28.67
N THR A 195 -22.73 -23.41 28.22
CA THR A 195 -21.55 -23.94 27.53
C THR A 195 -22.00 -24.44 26.16
N VAL A 196 -21.43 -23.85 25.11
CA VAL A 196 -21.71 -24.25 23.75
C VAL A 196 -20.38 -24.69 23.14
N SER A 197 -20.34 -25.90 22.60
CA SER A 197 -19.08 -26.46 22.10
C SER A 197 -19.28 -27.30 20.85
N THR A 198 -18.20 -27.38 20.08
CA THR A 198 -18.05 -28.35 19.02
C THR A 198 -16.83 -29.23 19.39
N ARG A 199 -16.44 -30.14 18.52
CA ARG A 199 -15.26 -30.97 18.76
C ARG A 199 -14.00 -30.16 19.09
N ARG A 200 -13.81 -29.07 18.38
CA ARG A 200 -12.56 -28.29 18.43
C ARG A 200 -12.62 -26.92 19.09
N SER A 201 -13.79 -26.43 19.46
CA SER A 201 -13.89 -25.15 20.18
C SER A 201 -14.97 -25.20 21.26
N GLN A 202 -14.90 -24.25 22.17
CA GLN A 202 -15.91 -24.13 23.23
C GLN A 202 -15.96 -22.71 23.76
N GLN A 203 -17.14 -22.32 24.20
CA GLN A 203 -17.37 -20.99 24.81
C GLN A 203 -18.19 -21.27 26.03
N THR A 204 -17.73 -20.85 27.21
CA THR A 204 -18.58 -20.89 28.40
C THR A 204 -18.78 -19.47 28.89
N ILE A 205 -20.04 -19.15 29.14
CA ILE A 205 -20.43 -17.83 29.60
C ILE A 205 -21.14 -18.02 30.92
N ILE A 206 -20.71 -17.28 31.94
CA ILE A 206 -21.39 -17.23 33.25
C ILE A 206 -22.18 -15.92 33.26
N PRO A 207 -23.51 -15.99 33.52
CA PRO A 207 -24.25 -14.74 33.55
C PRO A 207 -23.86 -13.88 34.73
N ASN A 208 -24.18 -12.60 34.63
CA ASN A 208 -23.86 -11.62 35.65
C ASN A 208 -25.12 -10.88 36.06
N ILE A 209 -25.40 -10.88 37.34
CA ILE A 209 -26.62 -10.29 37.86
C ILE A 209 -26.31 -8.84 38.24
N GLY A 210 -27.18 -7.91 37.85
CA GLY A 210 -27.01 -6.48 38.19
C GLY A 210 -27.77 -5.57 37.23
N SER A 211 -28.02 -4.32 37.61
CA SER A 211 -28.69 -3.37 36.71
C SER A 211 -27.76 -2.82 35.66
N ARG A 212 -28.25 -2.83 34.43
CA ARG A 212 -27.76 -2.02 33.32
C ARG A 212 -28.79 -0.88 33.11
N PRO A 213 -28.51 0.06 32.19
CA PRO A 213 -29.46 1.15 32.05
C PRO A 213 -30.80 0.67 31.53
N TRP A 214 -31.85 1.27 32.07
CA TRP A 214 -33.23 0.99 31.69
C TRP A 214 -33.43 1.23 30.21
N VAL A 215 -33.87 0.19 29.51
CA VAL A 215 -34.19 0.27 28.08
C VAL A 215 -35.50 -0.47 27.92
N ARG A 216 -36.53 0.24 27.45
CA ARG A 216 -37.85 -0.33 27.22
C ARG A 216 -38.35 -1.12 28.41
N GLY A 217 -38.14 -0.54 29.59
CA GLY A 217 -38.67 -1.10 30.83
C GLY A 217 -37.76 -2.07 31.57
N LEU A 218 -36.57 -2.36 31.05
CA LEU A 218 -35.74 -3.41 31.60
C LEU A 218 -34.31 -2.95 31.86
N SER A 219 -33.79 -3.41 33.00
CA SER A 219 -32.40 -3.26 33.34
C SER A 219 -31.64 -4.56 33.12
N SER A 220 -32.31 -5.65 32.76
CA SER A 220 -31.61 -6.87 32.39
C SER A 220 -31.15 -6.79 30.94
N ARG A 221 -30.28 -7.73 30.57
CA ARG A 221 -29.75 -7.83 29.22
C ARG A 221 -29.68 -9.26 28.73
N ILE A 222 -29.63 -9.37 27.41
CA ILE A 222 -29.16 -10.57 26.76
C ILE A 222 -27.85 -10.27 26.04
N SER A 223 -26.89 -11.17 26.17
CA SER A 223 -25.64 -11.11 25.38
C SER A 223 -25.72 -12.19 24.31
N ILE A 224 -25.39 -11.80 23.08
CA ILE A 224 -25.50 -12.66 21.92
C ILE A 224 -24.12 -13.19 21.53
N TYR A 225 -24.10 -14.50 21.28
CA TYR A 225 -22.92 -15.24 20.85
C TYR A 225 -23.24 -16.06 19.63
N TRP A 226 -22.19 -16.51 18.94
CA TRP A 226 -22.37 -17.32 17.77
C TRP A 226 -21.34 -18.44 17.67
N THR A 227 -21.71 -19.50 16.95
CA THR A 227 -20.87 -20.67 16.77
C THR A 227 -21.12 -21.25 15.39
N ILE A 228 -20.05 -21.50 14.64
CA ILE A 228 -20.13 -22.13 13.34
C ILE A 228 -19.82 -23.60 13.49
N VAL A 229 -20.69 -24.44 12.93
CA VAL A 229 -20.50 -25.87 12.95
C VAL A 229 -20.24 -26.38 11.54
N LYS A 230 -19.06 -26.97 11.34
CA LYS A 230 -18.65 -27.45 10.02
C LYS A 230 -19.22 -28.84 9.76
N PRO A 231 -19.28 -29.24 8.47
CA PRO A 231 -19.74 -30.59 8.11
C PRO A 231 -18.95 -31.62 8.89
N GLY A 232 -19.66 -32.57 9.48
CA GLY A 232 -19.03 -33.64 10.24
C GLY A 232 -18.80 -33.32 11.70
N ASP A 233 -18.95 -32.07 12.09
CA ASP A 233 -18.83 -31.67 13.47
C ASP A 233 -20.22 -31.73 14.13
N VAL A 234 -20.28 -31.41 15.41
CA VAL A 234 -21.49 -31.58 16.20
C VAL A 234 -21.53 -30.46 17.22
N LEU A 235 -22.73 -29.89 17.42
CA LEU A 235 -22.96 -28.83 18.39
C LEU A 235 -23.48 -29.48 19.65
N VAL A 236 -22.94 -29.06 20.81
CA VAL A 236 -23.48 -29.47 22.09
C VAL A 236 -23.76 -28.21 22.90
N ILE A 237 -24.97 -28.17 23.46
CA ILE A 237 -25.38 -27.05 24.29
C ILE A 237 -25.71 -27.62 25.66
N ASN A 238 -25.06 -27.06 26.68
CA ASN A 238 -25.16 -27.53 28.04
C ASN A 238 -25.37 -26.32 28.95
N SER A 239 -26.46 -26.35 29.72
CA SER A 239 -26.85 -25.20 30.53
C SER A 239 -27.69 -25.63 31.72
N ASN A 240 -27.45 -25.03 32.87
CA ASN A 240 -28.35 -25.20 34.03
C ASN A 240 -29.07 -23.88 34.36
N GLY A 241 -29.18 -23.01 33.35
CA GLY A 241 -29.93 -21.77 33.48
C GLY A 241 -29.37 -20.64 32.62
N ASN A 242 -30.24 -19.70 32.30
CA ASN A 242 -29.91 -18.44 31.59
C ASN A 242 -29.62 -18.59 30.08
N LEU A 243 -29.93 -19.77 29.53
CA LEU A 243 -29.73 -20.02 28.10
C LEU A 243 -30.83 -19.37 27.29
N ILE A 244 -30.42 -18.60 26.28
CA ILE A 244 -31.32 -18.13 25.25
C ILE A 244 -30.99 -19.00 24.04
N ALA A 245 -31.86 -19.96 23.76
CA ALA A 245 -31.50 -21.07 22.89
C ALA A 245 -31.69 -20.72 21.43
N PRO A 246 -30.87 -21.30 20.54
CA PRO A 246 -31.14 -21.19 19.10
C PRO A 246 -32.39 -22.04 18.75
N ARG A 247 -33.09 -21.67 17.69
CA ARG A 247 -34.18 -22.48 17.16
C ARG A 247 -33.74 -23.29 15.94
N GLY A 248 -32.48 -23.12 15.54
CA GLY A 248 -32.02 -23.62 14.28
C GLY A 248 -30.74 -22.91 13.90
N TYR A 249 -30.41 -22.95 12.61
CA TYR A 249 -29.17 -22.37 12.11
C TYR A 249 -29.43 -21.52 10.86
N PHE A 250 -28.49 -20.62 10.62
CA PHE A 250 -28.43 -19.88 9.37
C PHE A 250 -27.50 -20.59 8.42
N LYS A 251 -27.91 -20.66 7.18
CA LYS A 251 -27.06 -21.16 6.13
C LYS A 251 -26.00 -20.13 5.79
N MET A 252 -24.74 -20.52 5.86
CA MET A 252 -23.65 -19.64 5.41
C MET A 252 -23.31 -19.81 3.95
N ARG A 253 -22.99 -18.73 3.27
CA ARG A 253 -22.52 -18.76 1.88
C ARG A 253 -21.32 -17.88 1.76
N THR A 254 -20.65 -17.95 0.63
CA THR A 254 -19.60 -17.01 0.29
C THR A 254 -19.98 -16.44 -1.06
N GLY A 255 -19.51 -15.24 -1.37
CA GLY A 255 -19.83 -14.55 -2.59
C GLY A 255 -19.52 -13.07 -2.46
N LYS A 256 -20.26 -12.25 -3.20
CA LYS A 256 -19.96 -10.83 -3.37
CA LYS A 256 -19.97 -10.84 -3.37
C LYS A 256 -20.77 -9.93 -2.43
N SER A 257 -21.40 -10.49 -1.40
CA SER A 257 -22.30 -9.69 -0.57
C SER A 257 -21.57 -8.78 0.44
N SER A 258 -22.16 -7.63 0.74
CA SER A 258 -21.62 -6.74 1.74
C SER A 258 -22.74 -5.88 2.37
N ILE A 259 -22.34 -4.88 3.15
CA ILE A 259 -23.24 -3.99 3.86
C ILE A 259 -22.68 -2.58 3.76
N MET A 260 -23.56 -1.59 3.72
CA MET A 260 -23.20 -0.18 3.60
C MET A 260 -24.17 0.68 4.43
N ARG A 261 -23.63 1.67 5.13
CA ARG A 261 -24.41 2.66 5.85
C ARG A 261 -24.66 3.83 4.88
N SER A 262 -25.92 4.16 4.63
CA SER A 262 -26.27 5.24 3.72
C SER A 262 -27.70 5.66 3.93
N ASP A 263 -27.97 6.93 3.72
CA ASP A 263 -29.32 7.43 3.69
C ASP A 263 -29.80 7.79 2.27
N ALA A 264 -29.06 7.44 1.22
CA ALA A 264 -29.48 7.76 -0.12
C ALA A 264 -30.71 6.91 -0.54
N PRO A 265 -31.68 7.54 -1.20
CA PRO A 265 -32.82 6.72 -1.67
C PRO A 265 -32.43 5.76 -2.81
N ILE A 266 -33.14 4.62 -2.90
CA ILE A 266 -32.92 3.66 -3.95
C ILE A 266 -33.81 4.00 -5.14
N ASP A 267 -33.26 3.98 -6.34
CA ASP A 267 -33.99 4.48 -7.54
C ASP A 267 -33.83 3.49 -8.69
N THR A 268 -34.68 3.60 -9.69
CA THR A 268 -34.67 2.69 -10.81
C THR A 268 -33.66 3.16 -11.86
N CYS A 269 -32.49 2.54 -11.85
CA CYS A 269 -31.44 2.83 -12.81
C CYS A 269 -30.41 1.71 -12.69
N ILE A 270 -29.38 1.80 -13.51
CA ILE A 270 -28.34 0.80 -13.58
C ILE A 270 -27.01 1.46 -13.29
N SER A 271 -26.31 0.97 -12.28
CA SER A 271 -24.97 1.41 -12.00
C SER A 271 -24.16 0.35 -11.30
N GLU A 272 -22.99 0.05 -11.83
CA GLU A 272 -22.09 -0.93 -11.24
C GLU A 272 -21.51 -0.46 -9.91
N CYS A 273 -21.27 0.84 -9.75
CA CYS A 273 -20.59 1.37 -8.57
C CYS A 273 -21.51 2.10 -7.62
N ILE A 274 -21.48 1.73 -6.36
CA ILE A 274 -22.33 2.33 -5.33
C ILE A 274 -21.45 2.93 -4.25
N THR A 275 -21.79 4.16 -3.83
CA THR A 275 -21.18 4.78 -2.67
C THR A 275 -22.30 5.16 -1.73
N PRO A 276 -21.96 5.50 -0.47
CA PRO A 276 -22.99 6.00 0.43
C PRO A 276 -23.69 7.28 -0.04
N ASN A 277 -23.01 8.06 -0.88
CA ASN A 277 -23.60 9.27 -1.46
C ASN A 277 -24.56 8.96 -2.61
N GLY A 278 -24.56 7.72 -3.10
CA GLY A 278 -25.33 7.34 -4.28
C GLY A 278 -24.42 6.63 -5.26
N SER A 279 -25.02 6.16 -6.35
CA SER A 279 -24.26 5.49 -7.39
C SER A 279 -23.41 6.49 -8.13
N ILE A 280 -22.29 6.02 -8.68
CA ILE A 280 -21.48 6.90 -9.54
C ILE A 280 -21.12 6.17 -10.82
N PRO A 281 -20.97 6.92 -11.91
CA PRO A 281 -20.47 6.30 -13.14
C PRO A 281 -19.05 5.78 -12.92
N ASN A 282 -18.70 4.73 -13.62
CA ASN A 282 -17.36 4.14 -13.53
C ASN A 282 -16.54 4.23 -14.84
N ASP A 283 -16.85 5.18 -15.71
CA ASP A 283 -16.05 5.42 -16.94
C ASP A 283 -14.66 6.02 -16.65
N LYS A 284 -14.52 6.74 -15.54
CA LYS A 284 -13.24 7.36 -15.18
C LYS A 284 -12.46 6.43 -14.25
N PRO A 285 -11.12 6.50 -14.30
CA PRO A 285 -10.30 5.58 -13.49
C PRO A 285 -10.26 5.96 -11.99
N PHE A 286 -10.52 7.22 -11.66
CA PHE A 286 -10.44 7.72 -10.30
C PHE A 286 -11.75 8.40 -9.89
N GLN A 287 -11.95 8.52 -8.58
CA GLN A 287 -13.10 9.20 -8.03
C GLN A 287 -12.75 9.80 -6.69
N ASN A 288 -13.43 10.87 -6.35
CA ASN A 288 -13.23 11.63 -5.13
C ASN A 288 -14.56 11.74 -4.38
N VAL A 289 -15.53 10.88 -4.69
CA VAL A 289 -16.85 10.95 -4.06
C VAL A 289 -16.79 10.38 -2.65
N ASN A 290 -16.32 9.14 -2.49
CA ASN A 290 -16.27 8.48 -1.19
C ASN A 290 -15.30 7.30 -1.24
N LYS A 291 -14.49 7.19 -0.21
CA LYS A 291 -13.60 6.06 -0.06
C LYS A 291 -14.36 4.75 0.19
N ILE A 292 -15.61 4.83 0.67
CA ILE A 292 -16.47 3.67 0.82
C ILE A 292 -17.17 3.45 -0.50
N THR A 293 -16.92 2.29 -1.11
CA THR A 293 -17.55 1.91 -2.37
C THR A 293 -17.89 0.42 -2.40
N TYR A 294 -18.78 0.08 -3.32
CA TYR A 294 -19.14 -1.31 -3.58
C TYR A 294 -19.35 -1.44 -5.06
N GLY A 295 -18.75 -2.48 -5.65
CA GLY A 295 -18.90 -2.83 -7.06
C GLY A 295 -17.68 -2.41 -7.88
N ALA A 296 -17.87 -2.33 -9.20
CA ALA A 296 -16.83 -1.95 -10.14
C ALA A 296 -16.70 -0.42 -10.11
N CYS A 297 -15.75 0.07 -9.32
CA CYS A 297 -15.65 1.46 -9.00
C CYS A 297 -14.31 2.05 -9.43
N PRO A 298 -14.30 3.33 -9.83
CA PRO A 298 -13.02 4.03 -9.92
C PRO A 298 -12.31 4.02 -8.55
N LYS A 299 -11.01 4.16 -8.54
CA LYS A 299 -10.24 4.19 -7.29
C LYS A 299 -10.33 5.52 -6.62
N TYR A 300 -10.51 5.53 -5.30
CA TYR A 300 -10.60 6.78 -4.55
C TYR A 300 -9.25 7.49 -4.48
N VAL A 301 -9.27 8.79 -4.80
CA VAL A 301 -8.11 9.65 -4.68
C VAL A 301 -8.52 10.93 -3.98
N LYS A 302 -7.52 11.65 -3.49
CA LYS A 302 -7.77 12.91 -2.80
C LYS A 302 -7.99 14.09 -3.73
N GLN A 303 -7.49 14.03 -4.97
CA GLN A 303 -7.65 15.14 -5.92
C GLN A 303 -9.10 15.24 -6.33
N ASN A 304 -9.64 16.44 -6.48
CA ASN A 304 -11.01 16.55 -7.01
C ASN A 304 -11.04 16.73 -8.53
N THR A 305 -9.87 16.95 -9.15
CA THR A 305 -9.77 17.00 -10.60
C THR A 305 -8.37 16.60 -11.04
N LEU A 306 -8.29 15.87 -12.15
CA LEU A 306 -7.03 15.55 -12.79
C LEU A 306 -7.29 15.49 -14.29
N LYS A 307 -6.63 16.34 -15.04
CA LYS A 307 -6.88 16.49 -16.47
C LYS A 307 -5.82 15.77 -17.28
N LEU A 308 -6.28 14.86 -18.13
CA LEU A 308 -5.44 14.18 -19.10
C LEU A 308 -5.53 14.95 -20.42
N ALA A 309 -4.38 15.46 -20.87
CA ALA A 309 -4.27 16.14 -22.15
C ALA A 309 -4.69 15.22 -23.29
N THR A 310 -5.55 15.73 -24.16
CA THR A 310 -6.02 14.96 -25.32
C THR A 310 -5.76 15.76 -26.60
N GLY A 311 -4.80 16.67 -26.54
CA GLY A 311 -4.36 17.40 -27.69
C GLY A 311 -3.02 18.05 -27.49
N MET A 312 -2.53 18.69 -28.54
CA MET A 312 -1.26 19.39 -28.49
C MET A 312 -1.30 20.68 -27.66
N ARG A 313 -0.12 21.19 -27.46
CA ARG A 313 0.11 22.50 -26.92
C ARG A 313 -0.69 23.58 -27.69
N ASN A 314 -1.43 24.41 -26.96
CA ASN A 314 -2.25 25.46 -27.60
C ASN A 314 -1.46 26.77 -27.63
N VAL A 315 -1.09 27.21 -28.83
CA VAL A 315 -0.26 28.39 -29.05
C VAL A 315 -1.07 29.34 -29.94
N PRO A 316 -1.84 30.26 -29.33
CA PRO A 316 -2.49 31.28 -30.15
C PRO A 316 -1.51 32.28 -30.77
N GLU A 317 -2.00 33.05 -31.73
CA GLU A 317 -1.25 34.18 -32.25
C GLU A 317 -1.31 35.21 -31.15
N LYS A 318 -0.14 35.64 -30.65
CA LYS A 318 -0.05 36.87 -29.83
C LYS A 318 -0.77 38.03 -30.52
N GLN A 319 -1.50 38.87 -29.76
CA GLN A 319 -2.13 40.08 -30.33
C GLN A 319 -1.56 41.27 -29.61
N THR A 320 -1.56 42.42 -30.26
CA THR A 320 -1.36 43.73 -29.58
C THR A 320 -2.72 44.21 -29.06
N ARG A 321 -3.31 43.40 -28.20
CA ARG A 321 -4.53 43.72 -27.45
C ARG A 321 -4.51 42.83 -26.21
N GLY B 1 8.35 21.56 -26.36
CA GLY B 1 8.59 20.11 -26.44
C GLY B 1 10.00 19.77 -26.92
N LEU B 2 10.30 18.48 -26.83
CA LEU B 2 11.63 17.96 -27.15
C LEU B 2 12.10 18.27 -28.58
N PHE B 3 11.17 18.43 -29.52
CA PHE B 3 11.51 18.60 -30.92
C PHE B 3 11.59 20.05 -31.41
N GLY B 4 11.06 20.96 -30.63
CA GLY B 4 11.25 22.38 -30.88
C GLY B 4 10.49 22.92 -32.07
N ALA B 5 9.43 22.23 -32.48
CA ALA B 5 8.56 22.72 -33.55
C ALA B 5 7.41 23.50 -32.94
N ILE B 6 6.50 22.80 -32.26
CA ILE B 6 5.34 23.44 -31.66
C ILE B 6 5.81 24.28 -30.49
N ALA B 7 5.38 25.55 -30.45
CA ALA B 7 5.90 26.55 -29.52
C ALA B 7 7.42 26.74 -29.68
N GLY B 8 7.92 26.51 -30.89
CA GLY B 8 9.36 26.52 -31.15
C GLY B 8 9.62 27.29 -32.41
N PHE B 9 10.22 26.64 -33.42
CA PHE B 9 10.48 27.32 -34.71
C PHE B 9 9.19 27.66 -35.48
N ILE B 10 8.09 26.97 -35.15
CA ILE B 10 6.77 27.40 -35.60
C ILE B 10 6.22 28.34 -34.52
N GLU B 11 6.00 29.60 -34.91
CA GLU B 11 5.69 30.66 -33.95
C GLU B 11 4.41 30.43 -33.21
N ASN B 12 3.39 30.01 -33.95
CA ASN B 12 2.10 29.73 -33.35
C ASN B 12 1.27 28.81 -34.22
N GLY B 13 0.16 28.37 -33.65
CA GLY B 13 -0.81 27.56 -34.36
C GLY B 13 -1.81 28.40 -35.13
N TRP B 14 -2.63 27.73 -35.93
CA TRP B 14 -3.63 28.36 -36.79
C TRP B 14 -5.02 28.05 -36.25
N GLU B 15 -5.70 29.05 -35.71
CA GLU B 15 -7.10 28.87 -35.26
C GLU B 15 -8.07 28.60 -36.43
N GLY B 16 -7.71 29.12 -37.61
CA GLY B 16 -8.47 28.90 -38.83
C GLY B 16 -8.44 27.49 -39.38
N MET B 17 -7.46 26.69 -39.00
CA MET B 17 -7.42 25.30 -39.42
C MET B 17 -8.33 24.47 -38.53
N ILE B 18 -9.51 24.17 -39.04
CA ILE B 18 -10.54 23.44 -38.28
C ILE B 18 -10.80 22.01 -38.78
N ASP B 19 -10.13 21.59 -39.86
CA ASP B 19 -10.36 20.25 -40.45
C ASP B 19 -9.17 19.29 -40.27
N GLY B 20 -8.24 19.64 -39.38
CA GLY B 20 -7.08 18.80 -39.11
C GLY B 20 -6.22 19.45 -38.04
N TRP B 21 -5.23 18.72 -37.56
CA TRP B 21 -4.33 19.21 -36.53
C TRP B 21 -3.04 19.79 -37.06
N TYR B 22 -2.61 19.29 -38.21
CA TYR B 22 -1.41 19.74 -38.86
C TYR B 22 -1.78 19.99 -40.31
N GLY B 23 -1.04 20.88 -40.97
CA GLY B 23 -1.28 21.11 -42.38
C GLY B 23 -0.39 22.14 -43.04
N PHE B 24 -0.85 22.62 -44.19
CA PHE B 24 -0.05 23.44 -45.09
C PHE B 24 -0.77 24.74 -45.42
N ARG B 25 0.00 25.84 -45.41
CA ARG B 25 -0.41 27.10 -46.03
C ARG B 25 0.60 27.48 -47.10
N HIS B 26 0.09 27.96 -48.24
CA HIS B 26 0.93 28.32 -49.37
C HIS B 26 0.60 29.69 -49.94
N GLN B 27 1.59 30.29 -50.59
CA GLN B 27 1.40 31.46 -51.42
C GLN B 27 2.13 31.19 -52.73
N ASN B 28 1.41 31.29 -53.86
CA ASN B 28 2.01 31.18 -55.20
C ASN B 28 1.45 32.25 -56.13
N SER B 29 1.78 32.18 -57.42
CA SER B 29 1.21 33.07 -58.45
C SER B 29 -0.34 33.16 -58.42
N GLU B 30 -1.00 32.03 -58.15
CA GLU B 30 -2.47 31.95 -58.11
C GLU B 30 -3.14 32.38 -56.79
N GLY B 31 -2.37 32.83 -55.81
CA GLY B 31 -2.91 33.31 -54.52
C GLY B 31 -2.49 32.44 -53.35
N THR B 32 -3.35 32.39 -52.33
CA THR B 32 -3.05 31.68 -51.08
C THR B 32 -4.12 30.65 -50.72
N GLY B 33 -3.73 29.67 -49.91
CA GLY B 33 -4.65 28.64 -49.43
C GLY B 33 -4.12 27.81 -48.28
N GLN B 34 -5.00 26.96 -47.75
CA GLN B 34 -4.76 26.16 -46.57
C GLN B 34 -5.34 24.77 -46.78
N ALA B 35 -4.60 23.74 -46.36
CA ALA B 35 -5.08 22.36 -46.40
C ALA B 35 -4.51 21.53 -45.23
N ALA B 36 -5.40 20.79 -44.56
CA ALA B 36 -5.02 19.89 -43.47
C ALA B 36 -4.28 18.68 -44.03
N ASP B 37 -3.28 18.20 -43.30
CA ASP B 37 -2.61 16.91 -43.57
C ASP B 37 -3.28 15.83 -42.72
N LEU B 38 -3.85 14.84 -43.41
CA LEU B 38 -4.69 13.83 -42.80
C LEU B 38 -3.80 12.80 -42.07
N LYS B 39 -2.72 12.39 -42.71
CA LYS B 39 -1.85 11.34 -42.16
C LYS B 39 -1.27 11.70 -40.79
N SER B 40 -0.67 12.89 -40.69
CA SER B 40 -0.06 13.35 -39.45
C SER B 40 -1.13 13.54 -38.37
N THR B 41 -2.24 14.17 -38.76
CA THR B 41 -3.40 14.33 -37.90
C THR B 41 -3.88 12.98 -37.35
N GLN B 42 -4.00 12.00 -38.24
CA GLN B 42 -4.44 10.66 -37.87
C GLN B 42 -3.46 9.97 -36.91
N ALA B 43 -2.15 10.13 -37.14
CA ALA B 43 -1.15 9.53 -36.28
C ALA B 43 -1.17 10.09 -34.86
N ALA B 44 -1.34 11.41 -34.73
CA ALA B 44 -1.52 12.06 -33.43
C ALA B 44 -2.79 11.56 -32.75
N PHE B 45 -3.91 11.59 -33.47
N PHE B 45 -3.91 11.60 -33.47
CA PHE B 45 -5.16 11.13 -32.93
CA PHE B 45 -5.20 11.12 -32.95
C PHE B 45 -5.08 9.67 -32.44
C PHE B 45 -5.08 9.68 -32.45
N ASP B 46 -4.51 8.79 -33.27
CA ASP B 46 -4.44 7.36 -32.93
C ASP B 46 -3.63 7.09 -31.65
N GLN B 47 -2.53 7.82 -31.49
CA GLN B 47 -1.71 7.68 -30.30
C GLN B 47 -2.41 8.23 -29.05
N ILE B 48 -3.08 9.37 -29.18
CA ILE B 48 -3.77 9.98 -28.03
C ILE B 48 -4.96 9.15 -27.63
N ASN B 49 -5.67 8.65 -28.65
CA ASN B 49 -6.79 7.77 -28.41
C ASN B 49 -6.35 6.46 -27.78
N GLY B 50 -5.22 5.92 -28.24
CA GLY B 50 -4.64 4.73 -27.68
C GLY B 50 -4.34 4.88 -26.20
N LYS B 51 -3.71 6.01 -25.82
CA LYS B 51 -3.40 6.21 -24.40
C LYS B 51 -4.63 6.45 -23.55
N LEU B 52 -5.62 7.17 -24.09
CA LEU B 52 -6.88 7.34 -23.40
C LEU B 52 -7.53 6.00 -23.09
N ASN B 53 -7.58 5.11 -24.09
CA ASN B 53 -8.21 3.81 -23.88
C ASN B 53 -7.43 2.94 -22.90
N ARG B 54 -6.10 3.09 -22.84
CA ARG B 54 -5.32 2.38 -21.85
C ARG B 54 -5.62 2.84 -20.43
N VAL B 55 -5.72 4.16 -20.28
CA VAL B 55 -5.99 4.77 -18.97
C VAL B 55 -7.38 4.46 -18.44
N ILE B 56 -8.38 4.39 -19.30
CA ILE B 56 -9.72 4.08 -18.80
C ILE B 56 -10.08 2.59 -18.85
N GLU B 57 -9.09 1.74 -19.12
CA GLU B 57 -9.21 0.29 -19.01
C GLU B 57 -9.78 0.02 -17.63
N LYS B 58 -11.07 -0.31 -17.56
CA LYS B 58 -11.70 -0.66 -16.26
C LYS B 58 -11.01 -1.87 -15.64
N THR B 59 -10.44 -1.74 -14.45
CA THR B 59 -9.75 -2.89 -13.83
C THR B 59 -10.18 -3.33 -12.43
N ASN B 60 -10.94 -2.54 -11.67
CA ASN B 60 -11.15 -2.96 -10.30
C ASN B 60 -12.60 -2.96 -9.84
N GLU B 61 -12.91 -4.03 -9.14
CA GLU B 61 -14.24 -4.35 -8.69
C GLU B 61 -14.09 -4.97 -7.31
N LYS B 62 -14.62 -4.31 -6.27
CA LYS B 62 -14.44 -4.74 -4.90
C LYS B 62 -15.77 -4.88 -4.23
N PHE B 63 -15.90 -5.87 -3.37
CA PHE B 63 -17.15 -6.16 -2.72
C PHE B 63 -17.06 -5.90 -1.23
N HIS B 64 -17.07 -6.93 -0.38
CA HIS B 64 -16.89 -6.71 1.04
C HIS B 64 -15.45 -6.32 1.37
N GLN B 65 -15.28 -5.23 2.11
CA GLN B 65 -13.96 -4.67 2.41
C GLN B 65 -13.90 -4.46 3.93
N ILE B 66 -13.19 -3.45 4.38
CA ILE B 66 -13.18 -3.09 5.80
C ILE B 66 -14.09 -1.87 5.99
N GLU B 67 -14.50 -1.65 7.22
CA GLU B 67 -15.19 -0.41 7.58
C GLU B 67 -14.19 0.75 7.53
N LYS B 68 -14.69 1.93 7.17
CA LYS B 68 -13.87 3.12 6.98
C LYS B 68 -14.33 4.35 7.74
N GLU B 69 -15.49 4.26 8.38
CA GLU B 69 -16.05 5.28 9.27
C GLU B 69 -16.50 4.53 10.49
N PHE B 70 -16.42 5.20 11.63
CA PHE B 70 -16.59 4.55 12.94
C PHE B 70 -17.40 5.43 13.84
N SER B 71 -18.39 4.90 14.52
CA SER B 71 -19.22 5.70 15.42
C SER B 71 -18.72 5.66 16.88
N GLU B 72 -17.75 4.81 17.18
CA GLU B 72 -17.17 4.64 18.54
C GLU B 72 -15.65 4.79 18.52
N VAL B 73 -15.08 5.29 19.61
CA VAL B 73 -13.63 5.26 19.82
C VAL B 73 -13.27 3.84 20.24
N GLU B 74 -12.26 3.23 19.61
CA GLU B 74 -11.85 1.86 19.98
C GLU B 74 -10.36 1.64 20.25
N GLY B 75 -9.50 2.49 19.74
CA GLY B 75 -8.07 2.33 19.94
C GLY B 75 -7.44 1.51 18.83
N ARG B 76 -6.67 0.49 19.23
CA ARG B 76 -5.60 -0.10 18.39
C ARG B 76 -6.10 -0.65 17.03
N ILE B 77 -7.17 -1.43 17.07
CA ILE B 77 -7.68 -2.05 15.84
C ILE B 77 -8.21 -0.99 14.87
N GLN B 78 -8.91 0.01 15.42
CA GLN B 78 -9.45 1.10 14.59
C GLN B 78 -8.34 1.99 14.05
N ASP B 79 -7.30 2.24 14.88
CA ASP B 79 -6.12 2.98 14.40
C ASP B 79 -5.54 2.30 13.17
N LEU B 80 -5.44 0.97 13.23
CA LEU B 80 -4.86 0.22 12.13
C LEU B 80 -5.75 0.22 10.88
N GLU B 81 -7.04 0.02 11.06
CA GLU B 81 -8.00 0.13 9.95
C GLU B 81 -7.92 1.47 9.24
N LYS B 82 -7.89 2.56 9.99
CA LYS B 82 -7.80 3.91 9.42
C LYS B 82 -6.46 4.15 8.74
N TYR B 83 -5.38 3.68 9.37
CA TYR B 83 -4.04 3.82 8.79
C TYR B 83 -3.90 3.07 7.49
N VAL B 84 -4.40 1.84 7.45
CA VAL B 84 -4.36 1.04 6.23
C VAL B 84 -5.07 1.80 5.08
N GLU B 85 -6.25 2.32 5.37
CA GLU B 85 -7.00 3.06 4.35
C GLU B 85 -6.34 4.38 3.94
N ASP B 86 -5.90 5.15 4.91
CA ASP B 86 -5.18 6.40 4.60
C ASP B 86 -3.90 6.14 3.74
N THR B 87 -3.18 5.08 4.05
CA THR B 87 -1.99 4.64 3.30
C THR B 87 -2.34 4.32 1.84
N LYS B 88 -3.38 3.53 1.67
CA LYS B 88 -3.89 3.18 0.35
C LYS B 88 -4.24 4.42 -0.47
N ILE B 89 -5.03 5.30 0.13
CA ILE B 89 -5.50 6.50 -0.56
C ILE B 89 -4.34 7.40 -1.01
N ASP B 90 -3.36 7.59 -0.12
CA ASP B 90 -2.17 8.39 -0.47
C ASP B 90 -1.37 7.78 -1.62
N LEU B 91 -1.20 6.47 -1.60
CA LEU B 91 -0.48 5.80 -2.69
C LEU B 91 -1.22 5.89 -4.03
N TRP B 92 -2.53 5.68 -4.02
CA TRP B 92 -3.32 5.83 -5.26
C TRP B 92 -3.37 7.27 -5.74
N SER B 93 -3.44 8.22 -4.81
CA SER B 93 -3.42 9.63 -5.16
C SER B 93 -2.09 10.02 -5.85
N TYR B 94 -0.98 9.50 -5.30
CA TYR B 94 0.33 9.63 -5.93
C TYR B 94 0.34 9.01 -7.33
N ASN B 95 -0.16 7.80 -7.45
CA ASN B 95 -0.19 7.14 -8.74
C ASN B 95 -0.95 8.00 -9.76
N ALA B 96 -2.09 8.55 -9.36
CA ALA B 96 -2.90 9.34 -10.25
C ALA B 96 -2.17 10.62 -10.70
N GLU B 97 -1.53 11.30 -9.74
CA GLU B 97 -0.77 12.51 -10.02
C GLU B 97 0.40 12.27 -10.99
N LEU B 98 1.16 11.22 -10.72
CA LEU B 98 2.30 10.85 -11.56
C LEU B 98 1.83 10.46 -12.96
N LEU B 99 0.75 9.67 -13.02
CA LEU B 99 0.23 9.20 -14.28
C LEU B 99 -0.09 10.35 -15.20
N VAL B 100 -0.84 11.33 -14.71
CA VAL B 100 -1.23 12.43 -15.58
C VAL B 100 -0.02 13.27 -15.98
N ALA B 101 0.92 13.48 -15.04
CA ALA B 101 2.12 14.27 -15.37
C ALA B 101 2.91 13.60 -16.49
N LEU B 102 3.15 12.30 -16.38
CA LEU B 102 3.91 11.57 -17.42
C LEU B 102 3.17 11.49 -18.73
N GLU B 103 1.88 11.19 -18.68
CA GLU B 103 1.06 11.13 -19.89
C GLU B 103 1.06 12.47 -20.61
N ASN B 104 0.93 13.56 -19.85
CA ASN B 104 0.78 14.89 -20.44
C ASN B 104 2.07 15.38 -21.06
N GLN B 105 3.20 15.19 -20.37
CA GLN B 105 4.50 15.48 -20.93
C GLN B 105 4.68 14.76 -22.27
N HIS B 106 4.32 13.48 -22.27
CA HIS B 106 4.45 12.64 -23.45
C HIS B 106 3.52 13.06 -24.58
N THR B 107 2.29 13.45 -24.26
CA THR B 107 1.34 13.91 -25.27
C THR B 107 1.83 15.18 -25.96
N ILE B 108 2.36 16.10 -25.16
CA ILE B 108 2.96 17.32 -25.70
C ILE B 108 4.16 16.99 -26.61
N ASP B 109 5.02 16.08 -26.15
CA ASP B 109 6.18 15.66 -26.96
C ASP B 109 5.80 14.87 -28.22
N LEU B 110 4.80 13.99 -28.17
CA LEU B 110 4.41 13.23 -29.37
C LEU B 110 3.73 14.13 -30.40
N THR B 111 2.98 15.13 -29.96
CA THR B 111 2.38 16.07 -30.92
C THR B 111 3.41 16.97 -31.59
N ASP B 112 4.36 17.46 -30.80
CA ASP B 112 5.55 18.20 -31.29
C ASP B 112 6.33 17.36 -32.30
N SER B 113 6.53 16.08 -31.96
CA SER B 113 7.20 15.12 -32.83
C SER B 113 6.50 14.98 -34.18
N GLU B 114 5.17 14.86 -34.18
CA GLU B 114 4.44 14.69 -35.45
C GLU B 114 4.54 15.93 -36.36
N MET B 115 4.52 17.12 -35.76
CA MET B 115 4.77 18.37 -36.50
C MET B 115 6.14 18.29 -37.19
N ASN B 116 7.14 17.94 -36.40
CA ASN B 116 8.52 17.81 -36.88
C ASN B 116 8.66 16.76 -37.98
N LYS B 117 7.98 15.61 -37.82
CA LYS B 117 8.02 14.55 -38.83
C LYS B 117 7.48 15.06 -40.17
N LEU B 118 6.37 15.79 -40.12
CA LEU B 118 5.77 16.34 -41.33
C LEU B 118 6.68 17.35 -42.01
N PHE B 119 7.30 18.21 -41.20
CA PHE B 119 8.26 19.19 -41.69
C PHE B 119 9.48 18.58 -42.39
N GLU B 120 10.07 17.55 -41.77
CA GLU B 120 11.22 16.87 -42.36
C GLU B 120 10.83 16.07 -43.61
N LYS B 121 9.64 15.48 -43.61
CA LYS B 121 9.12 14.76 -44.76
C LYS B 121 8.97 15.68 -45.98
N THR B 122 8.40 16.86 -45.75
CA THR B 122 8.21 17.87 -46.78
C THR B 122 9.55 18.35 -47.34
N GLY B 123 10.47 18.70 -46.44
CA GLY B 123 11.84 19.10 -46.80
C GLY B 123 12.53 18.08 -47.67
N ARG B 124 12.42 16.82 -47.29
CA ARG B 124 12.99 15.74 -48.10
C ARG B 124 12.37 15.57 -49.47
N GLN B 125 11.07 15.81 -49.55
CA GLN B 125 10.37 15.78 -50.83
C GLN B 125 10.93 16.81 -51.80
N LEU B 126 11.16 18.01 -51.28
CA LEU B 126 11.62 19.13 -52.09
C LEU B 126 13.07 19.09 -52.53
N ARG B 127 13.88 18.23 -51.91
CA ARG B 127 15.28 18.01 -52.32
C ARG B 127 16.02 19.35 -52.49
N GLU B 128 16.51 19.68 -53.68
CA GLU B 128 17.27 20.91 -53.88
C GLU B 128 16.42 22.06 -54.41
N ASN B 129 15.11 21.84 -54.55
CA ASN B 129 14.23 22.83 -55.15
C ASN B 129 13.68 23.84 -54.15
N ALA B 130 14.08 23.76 -52.87
CA ALA B 130 13.58 24.70 -51.86
C ALA B 130 14.56 24.88 -50.70
N GLU B 131 14.40 25.98 -49.96
CA GLU B 131 15.19 26.22 -48.76
C GLU B 131 14.31 26.48 -47.54
N ASP B 132 14.79 25.98 -46.40
CA ASP B 132 14.15 26.14 -45.11
C ASP B 132 14.37 27.57 -44.61
N MET B 133 13.29 28.35 -44.52
CA MET B 133 13.39 29.73 -44.01
C MET B 133 13.64 29.81 -42.50
N GLY B 134 13.32 28.75 -41.76
CA GLY B 134 13.60 28.67 -40.32
C GLY B 134 12.40 28.93 -39.42
N ASN B 135 11.25 29.21 -40.02
CA ASN B 135 10.02 29.54 -39.30
C ASN B 135 8.91 28.53 -39.65
N GLY B 136 9.30 27.36 -40.12
CA GLY B 136 8.35 26.36 -40.58
C GLY B 136 7.96 26.49 -42.04
N CYS B 137 8.60 27.41 -42.77
CA CYS B 137 8.27 27.66 -44.18
C CYS B 137 9.43 27.38 -45.12
N PHE B 138 9.07 26.85 -46.29
CA PHE B 138 10.00 26.58 -47.35
C PHE B 138 9.82 27.64 -48.41
N LYS B 139 10.90 28.30 -48.81
CA LYS B 139 10.90 29.10 -50.04
C LYS B 139 11.14 28.15 -51.20
N ILE B 140 10.15 28.01 -52.08
CA ILE B 140 10.25 27.15 -53.24
C ILE B 140 10.74 28.01 -54.42
N TYR B 141 11.82 27.57 -55.06
CA TYR B 141 12.55 28.39 -56.03
C TYR B 141 12.12 28.10 -57.49
N HIS B 142 10.81 27.96 -57.70
CA HIS B 142 10.27 27.74 -59.02
C HIS B 142 8.77 28.05 -59.03
N LYS B 143 8.22 28.18 -60.23
CA LYS B 143 6.80 28.37 -60.43
C LYS B 143 6.09 27.12 -59.90
N CYS B 144 5.16 27.31 -58.97
CA CYS B 144 4.45 26.19 -58.35
C CYS B 144 2.98 26.56 -58.26
N ASP B 145 2.27 26.26 -59.34
CA ASP B 145 0.81 26.38 -59.42
C ASP B 145 0.08 25.48 -58.42
N ASN B 146 -1.22 25.65 -58.32
CA ASN B 146 -2.04 24.90 -57.36
C ASN B 146 -1.94 23.38 -57.55
N ALA B 147 -1.77 22.93 -58.79
CA ALA B 147 -1.48 21.52 -59.07
C ALA B 147 -0.17 21.07 -58.43
N CYS B 148 0.87 21.90 -58.55
CA CYS B 148 2.18 21.63 -57.98
C CYS B 148 2.14 21.60 -56.44
N ILE B 149 1.39 22.50 -55.82
CA ILE B 149 1.24 22.52 -54.36
C ILE B 149 0.55 21.25 -53.90
N GLU B 150 -0.60 20.92 -54.51
CA GLU B 150 -1.32 19.66 -54.20
C GLU B 150 -0.41 18.44 -54.39
N SER B 151 0.46 18.46 -55.40
CA SER B 151 1.42 17.37 -55.63
C SER B 151 2.34 17.16 -54.43
N ILE B 152 2.76 18.27 -53.81
CA ILE B 152 3.58 18.22 -52.61
C ILE B 152 2.77 17.67 -51.43
N ARG B 153 1.55 18.17 -51.28
CA ARG B 153 0.70 17.78 -50.16
C ARG B 153 0.26 16.32 -50.22
N ASN B 154 -0.05 15.80 -51.41
CA ASN B 154 -0.45 14.39 -51.53
C ASN B 154 0.71 13.43 -51.88
N GLY B 155 1.95 13.91 -51.73
CA GLY B 155 3.13 13.07 -51.87
C GLY B 155 3.58 12.63 -53.26
N THR B 156 3.15 13.34 -54.31
CA THR B 156 3.49 12.96 -55.69
C THR B 156 4.40 13.97 -56.43
N TYR B 157 4.89 14.99 -55.73
CA TYR B 157 5.80 15.98 -56.31
C TYR B 157 7.10 15.34 -56.80
N ASP B 158 7.36 15.44 -58.10
CA ASP B 158 8.62 14.98 -58.69
C ASP B 158 9.58 16.16 -58.75
N HIS B 159 10.61 16.12 -57.91
CA HIS B 159 11.59 17.20 -57.83
C HIS B 159 12.47 17.34 -59.08
N ASP B 160 12.70 16.24 -59.81
CA ASP B 160 13.51 16.27 -61.04
C ASP B 160 12.94 17.22 -62.09
N VAL B 161 11.62 17.22 -62.23
CA VAL B 161 10.89 18.08 -63.17
C VAL B 161 11.28 19.57 -63.06
N TYR B 162 11.45 20.06 -61.83
CA TYR B 162 11.70 21.49 -61.58
C TYR B 162 13.13 21.82 -61.17
N ARG B 163 13.99 20.81 -61.06
CA ARG B 163 15.33 20.98 -60.48
C ARG B 163 16.19 22.02 -61.20
N ASP B 164 16.25 21.95 -62.53
CA ASP B 164 17.04 22.91 -63.31
C ASP B 164 16.55 24.34 -63.08
N GLU B 165 15.25 24.55 -63.24
CA GLU B 165 14.61 25.84 -62.96
C GLU B 165 14.95 26.35 -61.56
N ALA B 166 14.86 25.45 -60.57
CA ALA B 166 15.08 25.81 -59.18
C ALA B 166 16.55 26.04 -58.83
N LEU B 167 17.42 25.14 -59.28
CA LEU B 167 18.86 25.29 -59.10
C LEU B 167 19.39 26.62 -59.66
N ASN B 168 18.85 27.02 -60.81
CA ASN B 168 19.23 28.29 -61.44
C ASN B 168 18.82 29.51 -60.60
N ASN B 169 17.58 29.51 -60.13
CA ASN B 169 17.05 30.55 -59.22
C ASN B 169 17.79 30.66 -57.88
N ARG B 170 18.36 29.55 -57.40
CA ARG B 170 19.06 29.51 -56.10
C ARG B 170 20.51 29.98 -56.19
N PHE B 171 21.27 29.51 -57.19
CA PHE B 171 22.70 29.84 -57.29
C PHE B 171 23.03 30.76 -58.47
N GLN B 172 23.73 31.87 -58.20
CA GLN B 172 24.23 32.76 -59.26
C GLN B 172 25.61 33.34 -58.92
N PRO C 1 28.75 8.41 -63.02
CA PRO C 1 28.21 7.19 -62.43
C PRO C 1 28.24 7.23 -60.90
N GLY C 2 27.07 7.20 -60.27
CA GLY C 2 26.95 7.35 -58.84
C GLY C 2 26.96 6.07 -58.01
N ALA C 3 26.51 6.22 -56.78
CA ALA C 3 26.28 5.11 -55.85
C ALA C 3 25.07 5.43 -54.97
N THR C 4 24.40 4.38 -54.48
CA THR C 4 23.33 4.53 -53.51
C THR C 4 23.78 3.90 -52.19
N LEU C 5 23.60 4.62 -51.08
CA LEU C 5 23.92 4.13 -49.74
C LEU C 5 22.67 4.26 -48.89
N CYS C 6 22.08 3.12 -48.52
CA CYS C 6 20.84 3.07 -47.75
C CYS C 6 21.12 2.68 -46.32
N LEU C 7 20.58 3.46 -45.38
CA LEU C 7 20.64 3.16 -43.96
C LEU C 7 19.40 2.36 -43.58
N GLY C 8 19.56 1.41 -42.69
CA GLY C 8 18.46 0.56 -42.29
C GLY C 8 18.67 -0.14 -40.97
N HIS C 9 17.70 -0.97 -40.64
CA HIS C 9 17.68 -1.69 -39.38
C HIS C 9 17.12 -3.08 -39.64
N HIS C 10 17.33 -3.97 -38.68
CA HIS C 10 16.86 -5.34 -38.82
C HIS C 10 15.35 -5.49 -38.54
N ALA C 11 14.85 -6.65 -38.97
CA ALA C 11 13.54 -7.12 -38.62
C ALA C 11 13.66 -8.63 -38.50
N VAL C 12 12.65 -9.26 -37.91
CA VAL C 12 12.61 -10.70 -37.78
C VAL C 12 11.29 -11.18 -38.35
N PRO C 13 11.24 -12.44 -38.83
CA PRO C 13 9.97 -12.92 -39.39
C PRO C 13 8.89 -13.10 -38.31
N ASN C 14 9.28 -13.40 -37.07
CA ASN C 14 8.36 -13.70 -35.99
C ASN C 14 8.61 -12.84 -34.73
N GLY C 15 7.97 -11.67 -34.72
CA GLY C 15 8.09 -10.72 -33.60
C GLY C 15 7.22 -11.08 -32.41
N THR C 16 7.24 -10.21 -31.40
CA THR C 16 6.48 -10.43 -30.17
C THR C 16 5.63 -9.21 -29.88
N LEU C 17 4.40 -9.41 -29.43
CA LEU C 17 3.50 -8.28 -29.08
C LEU C 17 3.76 -7.81 -27.64
N VAL C 18 3.89 -6.49 -27.48
CA VAL C 18 4.07 -5.87 -26.18
C VAL C 18 3.14 -4.68 -26.02
N LYS C 19 3.05 -4.21 -24.79
CA LYS C 19 2.22 -3.07 -24.44
C LYS C 19 3.10 -1.84 -24.22
N THR C 20 2.58 -0.69 -24.61
CA THR C 20 3.20 0.60 -24.38
C THR C 20 2.18 1.57 -23.75
N ILE C 21 2.56 2.84 -23.64
CA ILE C 21 1.68 3.90 -23.16
C ILE C 21 0.53 4.09 -24.17
N THR C 22 0.86 4.07 -25.46
CA THR C 22 -0.13 4.35 -26.50
C THR C 22 -0.79 3.12 -27.13
N ASP C 23 -0.18 1.94 -27.05
CA ASP C 23 -0.73 0.73 -27.71
C ASP C 23 -0.84 -0.43 -26.75
N ASP C 24 -1.98 -1.12 -26.73
CA ASP C 24 -2.04 -2.33 -25.91
C ASP C 24 -1.36 -3.53 -26.56
N GLN C 25 -1.13 -3.47 -27.86
CA GLN C 25 -0.38 -4.51 -28.56
C GLN C 25 0.37 -3.86 -29.70
N ILE C 26 1.68 -3.94 -29.67
CA ILE C 26 2.51 -3.51 -30.77
C ILE C 26 3.72 -4.45 -30.88
N GLU C 27 4.17 -4.67 -32.11
CA GLU C 27 5.12 -5.72 -32.39
C GLU C 27 6.55 -5.22 -32.34
N VAL C 28 7.38 -5.91 -31.56
CA VAL C 28 8.80 -5.62 -31.46
C VAL C 28 9.56 -6.89 -31.86
N THR C 29 10.87 -6.74 -32.08
CA THR C 29 11.68 -7.85 -32.56
C THR C 29 11.89 -8.92 -31.51
N ASN C 30 11.85 -8.54 -30.23
CA ASN C 30 12.11 -9.46 -29.12
C ASN C 30 11.60 -8.88 -27.82
N ALA C 31 11.27 -9.77 -26.90
CA ALA C 31 10.83 -9.37 -25.56
C ALA C 31 11.17 -10.45 -24.56
N THR C 32 11.11 -10.09 -23.28
CA THR C 32 11.38 -11.04 -22.23
C THR C 32 10.28 -10.99 -21.16
N GLU C 33 9.99 -12.16 -20.58
CA GLU C 33 8.90 -12.33 -19.64
C GLU C 33 9.30 -11.84 -18.25
N LEU C 34 8.50 -10.97 -17.64
CA LEU C 34 8.78 -10.45 -16.30
C LEU C 34 7.98 -11.09 -15.16
N VAL C 35 7.00 -11.92 -15.49
CA VAL C 35 6.18 -12.61 -14.48
C VAL C 35 6.50 -14.10 -14.47
N GLN C 36 6.96 -14.60 -13.33
CA GLN C 36 7.15 -16.02 -13.11
C GLN C 36 5.80 -16.67 -12.86
N SER C 37 5.39 -17.57 -13.75
CA SER C 37 4.06 -18.17 -13.62
C SER C 37 4.07 -19.69 -13.40
N SER C 38 5.25 -20.29 -13.26
CA SER C 38 5.33 -21.72 -13.04
C SER C 38 6.29 -22.05 -11.92
N SER C 39 6.10 -23.26 -11.38
CA SER C 39 6.89 -23.82 -10.29
C SER C 39 7.26 -25.24 -10.67
N THR C 40 8.32 -25.78 -10.07
CA THR C 40 8.63 -27.21 -10.18
C THR C 40 7.63 -28.11 -9.48
N GLY C 41 6.87 -27.56 -8.52
CA GLY C 41 5.99 -28.38 -7.70
C GLY C 41 6.69 -28.98 -6.51
N LYS C 42 7.95 -28.59 -6.27
CA LYS C 42 8.75 -29.16 -5.19
C LYS C 42 9.41 -28.04 -4.41
N ILE C 43 9.54 -28.22 -3.10
CA ILE C 43 10.24 -27.28 -2.24
C ILE C 43 11.71 -27.72 -2.14
N CYS C 44 12.62 -26.85 -2.57
CA CYS C 44 14.02 -27.15 -2.52
C CYS C 44 14.55 -27.08 -1.09
N ASN C 45 15.30 -28.10 -0.69
CA ASN C 45 15.82 -28.16 0.70
C ASN C 45 17.02 -27.26 1.01
N ASN C 46 17.52 -26.53 0.01
CA ASN C 46 18.57 -25.52 0.20
C ASN C 46 18.20 -24.25 -0.55
N PRO C 47 18.65 -23.07 -0.09
CA PRO C 47 19.58 -22.89 1.04
C PRO C 47 18.89 -22.69 2.40
N HIS C 48 17.56 -22.73 2.46
CA HIS C 48 16.86 -22.57 3.72
C HIS C 48 16.72 -23.93 4.41
N ARG C 49 16.86 -23.95 5.73
CA ARG C 49 16.53 -25.13 6.52
C ARG C 49 15.01 -25.38 6.55
N ILE C 50 14.58 -26.42 5.81
CA ILE C 50 13.18 -26.80 5.72
C ILE C 50 12.92 -27.93 6.72
N LEU C 51 11.93 -27.76 7.58
CA LEU C 51 11.53 -28.83 8.47
C LEU C 51 10.14 -29.26 8.06
N ASP C 52 10.03 -30.50 7.60
CA ASP C 52 8.75 -31.09 7.21
C ASP C 52 8.01 -31.57 8.46
N GLY C 53 6.84 -30.99 8.72
CA GLY C 53 6.00 -31.40 9.85
C GLY C 53 5.42 -32.79 9.73
N ILE C 54 5.32 -33.33 8.51
CA ILE C 54 4.74 -34.64 8.21
C ILE C 54 3.32 -34.71 8.82
N ASP C 55 3.14 -35.49 9.86
CA ASP C 55 1.84 -35.70 10.52
C ASP C 55 1.55 -34.68 11.62
N CYS C 56 2.42 -33.69 11.82
CA CYS C 56 2.36 -32.81 12.99
C CYS C 56 2.23 -31.34 12.62
N THR C 57 1.36 -30.63 13.33
CA THR C 57 1.34 -29.18 13.30
C THR C 57 2.45 -28.70 14.20
N LEU C 58 2.87 -27.45 13.99
CA LEU C 58 3.86 -26.85 14.86
C LEU C 58 3.41 -26.86 16.31
N ILE C 59 2.14 -26.56 16.57
CA ILE C 59 1.64 -26.50 17.95
C ILE C 59 1.71 -27.91 18.62
N ASP C 60 1.38 -28.96 17.90
CA ASP C 60 1.48 -30.32 18.44
C ASP C 60 2.93 -30.73 18.75
N ALA C 61 3.86 -30.29 17.90
CA ALA C 61 5.28 -30.50 18.13
C ALA C 61 5.75 -29.70 19.34
N LEU C 62 5.25 -28.49 19.50
CA LEU C 62 5.55 -27.65 20.66
C LEU C 62 5.07 -28.29 21.95
N LEU C 63 3.79 -28.70 21.99
CA LEU C 63 3.23 -29.27 23.22
C LEU C 63 3.85 -30.61 23.55
N GLY C 64 4.20 -31.37 22.51
CA GLY C 64 4.81 -32.69 22.68
C GLY C 64 3.80 -33.82 22.65
N ASP C 65 2.87 -33.76 21.69
CA ASP C 65 2.01 -34.86 21.28
C ASP C 65 2.95 -36.05 20.94
N PRO C 66 2.72 -37.26 21.51
CA PRO C 66 3.70 -38.36 21.36
C PRO C 66 4.16 -38.67 19.95
N HIS C 67 3.25 -38.68 18.97
CA HIS C 67 3.66 -38.90 17.57
C HIS C 67 4.49 -37.76 17.00
N CYS C 68 4.58 -36.63 17.71
CA CYS C 68 5.44 -35.53 17.35
C CYS C 68 6.76 -35.46 18.14
N ASP C 69 7.08 -36.49 18.92
CA ASP C 69 8.30 -36.48 19.77
C ASP C 69 9.58 -36.33 18.97
N VAL C 70 9.58 -36.80 17.73
CA VAL C 70 10.70 -36.64 16.82
C VAL C 70 11.10 -35.19 16.56
N PHE C 71 10.20 -34.22 16.82
CA PHE C 71 10.50 -32.79 16.64
C PHE C 71 11.11 -32.07 17.85
N GLN C 72 11.36 -32.80 18.93
CA GLN C 72 11.92 -32.19 20.12
C GLN C 72 13.21 -31.46 19.82
N ASN C 73 13.29 -30.22 20.25
CA ASN C 73 14.46 -29.36 20.05
C ASN C 73 14.78 -28.99 18.60
N GLU C 74 13.88 -29.29 17.66
CA GLU C 74 14.18 -29.00 16.28
C GLU C 74 14.30 -27.49 16.02
N THR C 75 14.95 -27.14 14.93
CA THR C 75 15.02 -25.78 14.47
C THR C 75 14.65 -25.77 12.99
N TRP C 76 14.32 -24.59 12.49
CA TRP C 76 13.97 -24.43 11.09
C TRP C 76 14.15 -22.98 10.64
N ASP C 77 14.32 -22.80 9.34
CA ASP C 77 14.02 -21.55 8.67
C ASP C 77 12.55 -21.55 8.24
N LEU C 78 12.07 -22.67 7.69
CA LEU C 78 10.67 -22.77 7.29
C LEU C 78 10.10 -24.09 7.75
N PHE C 79 9.13 -24.00 8.64
CA PHE C 79 8.37 -25.17 9.08
C PHE C 79 7.25 -25.35 8.07
N VAL C 80 7.12 -26.56 7.52
CA VAL C 80 6.10 -26.86 6.53
C VAL C 80 5.03 -27.75 7.15
N GLU C 81 3.82 -27.20 7.32
CA GLU C 81 2.69 -27.95 7.86
C GLU C 81 1.88 -28.56 6.74
N ARG C 82 1.58 -29.84 6.87
CA ARG C 82 0.89 -30.61 5.84
C ARG C 82 -0.60 -30.73 6.14
N SER C 83 -1.41 -30.84 5.11
CA SER C 83 -2.86 -31.02 5.31
C SER C 83 -3.21 -32.36 5.96
N LYS C 84 -2.34 -33.36 5.88
CA LYS C 84 -2.55 -34.63 6.56
C LYS C 84 -2.25 -34.62 8.07
N ALA C 85 -1.80 -33.49 8.64
CA ALA C 85 -1.46 -33.46 10.06
C ALA C 85 -2.69 -33.79 10.92
N PHE C 86 -2.45 -34.47 12.05
CA PHE C 86 -3.51 -34.79 12.98
C PHE C 86 -2.97 -34.69 14.41
N SER C 87 -3.89 -34.45 15.33
CA SER C 87 -3.62 -34.41 16.76
C SER C 87 -3.98 -35.77 17.31
N ASN C 88 -3.23 -36.26 18.28
CA ASN C 88 -3.50 -37.59 18.83
C ASN C 88 -3.18 -37.68 20.32
N CYS C 89 -3.53 -36.62 21.05
CA CYS C 89 -3.22 -36.54 22.47
C CYS C 89 -4.49 -36.02 23.17
N TYR C 90 -4.36 -35.39 24.33
CA TYR C 90 -5.54 -34.91 25.04
C TYR C 90 -6.23 -33.83 24.17
N PRO C 91 -7.55 -33.87 24.04
CA PRO C 91 -8.21 -32.80 23.26
C PRO C 91 -8.01 -31.42 23.88
N TYR C 92 -7.65 -30.45 23.06
CA TYR C 92 -7.28 -29.14 23.56
C TYR C 92 -7.71 -28.05 22.62
N ASP C 93 -7.76 -26.83 23.13
CA ASP C 93 -7.84 -25.64 22.31
C ASP C 93 -6.81 -24.63 22.76
N VAL C 94 -6.51 -23.69 21.87
CA VAL C 94 -5.63 -22.58 22.19
C VAL C 94 -6.38 -21.29 21.88
N PRO C 95 -6.84 -20.57 22.92
CA PRO C 95 -7.35 -19.24 22.64
C PRO C 95 -6.21 -18.41 22.01
N ASP C 96 -6.47 -17.77 20.91
CA ASP C 96 -5.37 -17.13 20.14
C ASP C 96 -4.29 -18.12 19.63
N TYR C 97 -4.77 -19.27 19.18
CA TYR C 97 -3.99 -20.24 18.43
C TYR C 97 -3.10 -19.58 17.36
N ALA C 98 -3.68 -18.70 16.54
CA ALA C 98 -2.94 -18.10 15.44
C ALA C 98 -1.69 -17.33 15.93
N SER C 99 -1.81 -16.64 17.05
CA SER C 99 -0.68 -15.90 17.63
C SER C 99 0.41 -16.80 18.18
N LEU C 100 0.03 -17.87 18.90
CA LEU C 100 1.01 -18.78 19.46
C LEU C 100 1.80 -19.46 18.33
N ARG C 101 1.08 -19.92 17.31
CA ARG C 101 1.69 -20.50 16.13
C ARG C 101 2.65 -19.53 15.46
N SER C 102 2.21 -18.27 15.32
CA SER C 102 3.03 -17.25 14.67
C SER C 102 4.33 -16.98 15.44
N LEU C 103 4.22 -16.80 16.75
CA LEU C 103 5.37 -16.41 17.52
C LEU C 103 6.40 -17.57 17.62
N VAL C 104 5.92 -18.82 17.75
CA VAL C 104 6.83 -19.96 17.74
C VAL C 104 7.45 -20.11 16.33
N ALA C 105 6.64 -20.02 15.29
CA ALA C 105 7.15 -20.14 13.90
C ALA C 105 8.28 -19.15 13.64
N SER C 106 8.06 -17.93 14.12
CA SER C 106 8.98 -16.83 13.92
C SER C 106 10.27 -16.98 14.75
N SER C 107 10.16 -17.60 15.91
CA SER C 107 11.30 -17.88 16.75
C SER C 107 12.25 -18.93 16.15
N GLY C 108 11.69 -19.92 15.44
CA GLY C 108 12.48 -20.85 14.66
C GLY C 108 13.11 -22.02 15.42
N THR C 109 12.70 -22.22 16.67
CA THR C 109 13.25 -23.28 17.49
C THR C 109 12.21 -23.83 18.47
N LEU C 110 12.35 -25.12 18.78
CA LEU C 110 11.64 -25.76 19.86
C LEU C 110 12.58 -26.14 20.99
N GLU C 111 13.75 -25.50 21.05
CA GLU C 111 14.72 -25.76 22.10
C GLU C 111 14.06 -25.58 23.46
N PHE C 112 14.02 -26.66 24.23
CA PHE C 112 13.31 -26.70 25.49
C PHE C 112 14.28 -27.01 26.63
N ILE C 113 14.22 -26.20 27.69
CA ILE C 113 15.09 -26.33 28.85
C ILE C 113 14.20 -26.67 30.04
N THR C 114 14.44 -27.84 30.61
CA THR C 114 13.65 -28.31 31.76
C THR C 114 14.05 -27.53 33.00
N GLU C 115 13.06 -27.14 33.81
CA GLU C 115 13.33 -26.43 35.06
C GLU C 115 12.76 -27.20 36.24
N GLY C 116 13.40 -27.08 37.38
CA GLY C 116 13.01 -27.80 38.57
C GLY C 116 11.90 -27.12 39.34
N PHE C 117 10.69 -27.12 38.78
CA PHE C 117 9.53 -26.65 39.51
C PHE C 117 9.25 -27.61 40.65
N THR C 118 8.89 -27.04 41.80
CA THR C 118 8.56 -27.82 42.99
C THR C 118 7.07 -27.76 43.20
N TRP C 119 6.38 -28.88 42.96
CA TRP C 119 4.92 -28.94 43.10
C TRP C 119 4.58 -29.68 44.38
N THR C 120 4.54 -28.94 45.48
CA THR C 120 4.40 -29.56 46.80
C THR C 120 2.96 -30.02 47.07
N GLY C 121 2.80 -31.29 47.42
CA GLY C 121 1.52 -31.84 47.86
C GLY C 121 0.56 -32.28 46.78
N VAL C 122 1.04 -32.45 45.55
CA VAL C 122 0.24 -32.96 44.43
C VAL C 122 0.93 -34.12 43.73
N THR C 123 0.16 -34.89 42.98
CA THR C 123 0.68 -35.95 42.14
C THR C 123 1.06 -35.38 40.81
N GLN C 124 2.24 -35.71 40.31
CA GLN C 124 2.73 -35.25 39.02
C GLN C 124 2.55 -36.30 37.95
N ASN C 125 2.79 -35.90 36.71
CA ASN C 125 2.90 -36.83 35.57
C ASN C 125 1.63 -37.61 35.22
N GLY C 126 0.48 -36.98 35.40
CA GLY C 126 -0.78 -37.57 34.99
C GLY C 126 -0.80 -37.88 33.51
N GLY C 127 -1.52 -38.95 33.15
CA GLY C 127 -1.65 -39.37 31.76
C GLY C 127 -3.05 -39.81 31.45
N SER C 128 -3.29 -40.02 30.16
CA SER C 128 -4.60 -40.35 29.63
C SER C 128 -4.46 -41.38 28.54
N ASN C 129 -5.47 -42.24 28.39
CA ASN C 129 -5.52 -43.16 27.27
C ASN C 129 -5.82 -42.48 25.95
N ALA C 130 -6.24 -41.20 25.98
CA ALA C 130 -6.34 -40.43 24.75
C ALA C 130 -4.96 -39.98 24.22
N CYS C 131 -3.90 -40.20 24.98
CA CYS C 131 -2.59 -39.71 24.61
C CYS C 131 -1.55 -40.75 24.98
N LYS C 132 -1.60 -41.89 24.31
CA LYS C 132 -0.68 -43.00 24.58
C LYS C 132 0.75 -42.70 24.14
N ARG C 133 1.67 -43.13 24.98
CA ARG C 133 3.12 -43.01 24.78
C ARG C 133 3.63 -44.43 25.06
N GLY C 134 4.06 -45.14 24.02
CA GLY C 134 4.20 -46.59 24.09
C GLY C 134 2.84 -47.22 24.35
N PRO C 135 2.80 -48.35 25.07
CA PRO C 135 1.52 -49.05 25.27
C PRO C 135 0.59 -48.40 26.29
N GLY C 136 1.10 -47.56 27.18
CA GLY C 136 0.33 -47.02 28.30
C GLY C 136 -0.04 -45.56 28.22
N SER C 137 -0.86 -45.11 29.15
CA SER C 137 -1.39 -43.76 29.13
C SER C 137 -0.24 -42.75 29.20
N GLY C 138 -0.46 -41.59 28.62
CA GLY C 138 0.59 -40.58 28.59
C GLY C 138 0.01 -39.19 28.45
N PHE C 139 0.88 -38.25 28.13
CA PHE C 139 0.51 -36.85 28.06
C PHE C 139 1.49 -36.09 27.19
N PHE C 140 1.19 -34.83 26.92
CA PHE C 140 2.09 -33.93 26.25
C PHE C 140 3.44 -33.95 26.98
N SER C 141 4.53 -34.10 26.25
CA SER C 141 5.85 -34.23 26.86
C SER C 141 6.28 -32.97 27.62
N ARG C 142 5.84 -31.79 27.17
CA ARG C 142 6.29 -30.53 27.79
C ARG C 142 5.36 -30.00 28.87
N LEU C 143 4.30 -30.74 29.20
CA LEU C 143 3.32 -30.33 30.19
C LEU C 143 3.22 -31.40 31.27
N ASN C 144 2.80 -30.99 32.45
CA ASN C 144 2.81 -31.85 33.64
C ASN C 144 1.41 -31.78 34.26
N TRP C 145 0.64 -32.84 34.11
CA TRP C 145 -0.74 -32.89 34.61
C TRP C 145 -0.69 -33.18 36.11
N LEU C 146 -0.97 -32.14 36.91
CA LEU C 146 -0.97 -32.25 38.36
C LEU C 146 -2.37 -32.59 38.86
N THR C 147 -2.45 -33.55 39.77
CA THR C 147 -3.71 -33.91 40.43
C THR C 147 -3.46 -34.10 41.93
N LYS C 148 -4.53 -34.37 42.67
CA LYS C 148 -4.45 -34.48 44.11
C LYS C 148 -3.46 -35.55 44.58
N SER C 149 -2.93 -35.33 45.78
CA SER C 149 -2.09 -36.28 46.48
C SER C 149 -2.83 -36.63 47.77
N GLY C 150 -3.08 -37.92 47.97
CA GLY C 150 -3.96 -38.37 49.05
C GLY C 150 -5.39 -37.91 48.80
N SER C 151 -5.87 -37.02 49.67
CA SER C 151 -7.20 -36.44 49.54
C SER C 151 -7.15 -34.90 49.53
N THR C 152 -6.01 -34.32 49.22
CA THR C 152 -5.84 -32.87 49.21
C THR C 152 -5.14 -32.36 47.93
N TYR C 153 -5.49 -31.15 47.52
CA TYR C 153 -4.79 -30.42 46.48
C TYR C 153 -4.60 -29.04 47.08
N PRO C 154 -3.38 -28.74 47.56
CA PRO C 154 -3.16 -27.45 48.22
C PRO C 154 -3.09 -26.29 47.24
N VAL C 155 -2.98 -25.07 47.74
CA VAL C 155 -2.73 -23.94 46.89
C VAL C 155 -1.28 -24.05 46.45
N LEU C 156 -1.06 -24.21 45.17
CA LEU C 156 0.29 -24.24 44.62
C LEU C 156 0.70 -22.80 44.39
N ASN C 157 1.93 -22.49 44.75
CA ASN C 157 2.43 -21.14 44.63
C ASN C 157 3.94 -21.23 44.39
N VAL C 158 4.35 -21.13 43.12
CA VAL C 158 5.77 -21.34 42.76
C VAL C 158 6.30 -20.21 41.91
N THR C 159 7.62 -20.09 41.91
CA THR C 159 8.31 -19.07 41.18
C THR C 159 9.46 -19.60 40.36
N MET C 160 9.76 -18.93 39.25
CA MET C 160 10.96 -19.18 38.47
C MET C 160 11.46 -17.83 37.95
N PRO C 161 12.56 -17.32 38.52
CA PRO C 161 13.08 -16.07 37.99
C PRO C 161 13.84 -16.32 36.69
N ASN C 162 13.86 -15.32 35.82
CA ASN C 162 14.67 -15.37 34.63
C ASN C 162 15.96 -14.59 34.92
N ASN C 163 17.02 -15.32 35.25
CA ASN C 163 18.34 -14.72 35.41
C ASN C 163 19.24 -14.95 34.21
N ASP C 164 18.67 -15.31 33.07
CA ASP C 164 19.41 -15.41 31.82
C ASP C 164 19.31 -14.10 31.11
N ASN C 165 20.00 -13.98 29.99
CA ASN C 165 19.97 -12.77 29.14
C ASN C 165 19.12 -12.93 27.88
N PHE C 166 18.26 -13.95 27.85
CA PHE C 166 17.34 -14.22 26.73
C PHE C 166 15.92 -14.32 27.29
N ASP C 167 14.91 -14.21 26.42
CA ASP C 167 13.50 -14.35 26.81
C ASP C 167 13.13 -15.82 26.90
N LYS C 168 12.32 -16.17 27.90
CA LYS C 168 11.78 -17.50 28.08
C LYS C 168 10.29 -17.55 27.72
N LEU C 169 9.90 -18.53 26.90
CA LEU C 169 8.50 -18.81 26.59
C LEU C 169 8.02 -19.99 27.43
N TYR C 170 7.02 -19.75 28.25
CA TYR C 170 6.37 -20.83 29.02
C TYR C 170 5.01 -21.16 28.46
N ILE C 171 4.79 -22.45 28.21
CA ILE C 171 3.51 -22.97 27.75
C ILE C 171 2.89 -23.71 28.93
N TRP C 172 1.63 -23.40 29.22
CA TRP C 172 0.90 -24.03 30.30
C TRP C 172 -0.55 -24.17 29.93
N GLY C 173 -1.33 -24.81 30.79
CA GLY C 173 -2.72 -25.00 30.48
C GLY C 173 -3.63 -25.06 31.67
N VAL C 174 -4.91 -25.14 31.34
CA VAL C 174 -5.99 -25.28 32.28
C VAL C 174 -6.88 -26.44 31.84
N HIS C 175 -7.17 -27.34 32.77
CA HIS C 175 -8.03 -28.50 32.50
C HIS C 175 -9.50 -28.16 32.77
N HIS C 176 -10.36 -28.51 31.82
CA HIS C 176 -11.80 -28.31 31.89
C HIS C 176 -12.46 -29.68 31.99
N PRO C 177 -12.78 -30.12 33.21
CA PRO C 177 -13.49 -31.41 33.36
C PRO C 177 -14.89 -31.40 32.77
N SER C 178 -15.40 -32.57 32.44
CA SER C 178 -16.75 -32.66 31.91
C SER C 178 -17.85 -32.78 32.97
N THR C 179 -17.53 -33.20 34.20
CA THR C 179 -18.50 -33.28 35.31
C THR C 179 -17.92 -32.75 36.62
N ASN C 180 -18.80 -32.40 37.55
CA ASN C 180 -18.38 -32.05 38.92
C ASN C 180 -17.66 -33.20 39.63
N GLN C 181 -18.06 -34.42 39.31
CA GLN C 181 -17.47 -35.62 39.87
C GLN C 181 -15.99 -35.71 39.48
N GLU C 182 -15.71 -35.48 38.20
CA GLU C 182 -14.34 -35.48 37.69
C GLU C 182 -13.51 -34.36 38.35
N GLN C 183 -14.08 -33.16 38.41
CA GLN C 183 -13.45 -32.01 39.06
C GLN C 183 -12.95 -32.34 40.47
N THR C 184 -13.87 -32.75 41.34
CA THR C 184 -13.54 -32.96 42.75
C THR C 184 -12.66 -34.18 42.95
N SER C 185 -12.88 -35.18 42.10
CA SER C 185 -12.07 -36.38 42.12
C SER C 185 -10.59 -36.11 41.82
N LEU C 186 -10.32 -35.26 40.82
CA LEU C 186 -8.95 -34.91 40.44
C LEU C 186 -8.33 -33.80 41.29
N TYR C 187 -9.12 -32.78 41.64
CA TYR C 187 -8.58 -31.57 42.26
C TYR C 187 -9.17 -31.21 43.61
N VAL C 188 -10.07 -32.04 44.15
CA VAL C 188 -10.71 -31.80 45.47
C VAL C 188 -11.64 -30.60 45.46
N GLN C 189 -11.09 -29.40 45.29
CA GLN C 189 -11.88 -28.17 45.26
C GLN C 189 -12.94 -28.23 44.14
N ALA C 190 -14.11 -27.68 44.41
CA ALA C 190 -15.24 -27.71 43.47
C ALA C 190 -15.00 -26.82 42.25
N SER C 191 -14.17 -25.79 42.43
CA SER C 191 -13.80 -24.92 41.33
C SER C 191 -12.33 -24.62 41.46
N GLY C 192 -11.59 -24.80 40.37
CA GLY C 192 -10.18 -24.47 40.31
C GLY C 192 -9.92 -23.06 39.84
N ARG C 193 -8.64 -22.76 39.71
CA ARG C 193 -8.19 -21.48 39.19
C ARG C 193 -6.70 -21.56 38.93
N VAL C 194 -6.29 -20.91 37.86
CA VAL C 194 -4.89 -20.82 37.50
C VAL C 194 -4.59 -19.35 37.27
N THR C 195 -3.60 -18.84 37.99
CA THR C 195 -3.11 -17.48 37.80
C THR C 195 -1.61 -17.56 37.50
N VAL C 196 -1.22 -17.08 36.32
CA VAL C 196 0.17 -17.04 35.92
C VAL C 196 0.53 -15.59 35.64
N SER C 197 1.60 -15.11 36.28
CA SER C 197 1.95 -13.70 36.20
C SER C 197 3.44 -13.46 36.16
N THR C 198 3.80 -12.31 35.61
CA THR C 198 5.11 -11.71 35.76
C THR C 198 4.93 -10.37 36.51
N ARG C 199 6.00 -9.60 36.67
CA ARG C 199 5.90 -8.31 37.34
C ARG C 199 4.84 -7.39 36.73
N ARG C 200 4.75 -7.40 35.43
CA ARG C 200 3.98 -6.44 34.63
C ARG C 200 2.68 -6.95 34.00
N SER C 201 2.50 -8.26 33.91
CA SER C 201 1.28 -8.82 33.33
C SER C 201 0.77 -10.05 34.08
N GLN C 202 -0.45 -10.43 33.80
CA GLN C 202 -1.07 -11.57 34.45
C GLN C 202 -2.21 -12.12 33.61
N GLN C 203 -2.46 -13.42 33.77
CA GLN C 203 -3.61 -14.09 33.16
C GLN C 203 -4.22 -14.92 34.26
N THR C 204 -5.50 -14.75 34.53
CA THR C 204 -6.18 -15.70 35.42
C THR C 204 -7.32 -16.36 34.68
N ILE C 205 -7.39 -17.68 34.77
CA ILE C 205 -8.32 -18.49 34.02
C ILE C 205 -9.09 -19.30 35.06
N ILE C 206 -10.42 -19.27 34.95
CA ILE C 206 -11.31 -20.13 35.74
C ILE C 206 -11.73 -21.28 34.82
N PRO C 207 -11.54 -22.55 35.25
CA PRO C 207 -11.99 -23.64 34.41
C PRO C 207 -13.51 -23.68 34.28
N ASN C 208 -13.97 -24.39 33.28
CA ASN C 208 -15.39 -24.51 32.99
C ASN C 208 -15.76 -25.97 32.90
N ILE C 209 -16.71 -26.39 33.72
CA ILE C 209 -17.11 -27.77 33.82
C ILE C 209 -18.29 -27.97 32.86
N GLY C 210 -18.28 -29.04 32.07
CA GLY C 210 -19.39 -29.36 31.15
C GLY C 210 -18.97 -30.27 30.01
N SER C 211 -19.94 -30.88 29.35
CA SER C 211 -19.62 -31.81 28.24
C SER C 211 -19.30 -31.03 26.98
N ARG C 212 -18.18 -31.38 26.34
CA ARG C 212 -17.93 -31.08 24.97
C ARG C 212 -18.18 -32.38 24.18
N PRO C 213 -18.16 -32.31 22.83
CA PRO C 213 -18.25 -33.56 22.09
C PRO C 213 -17.03 -34.44 22.37
N TRP C 214 -17.31 -35.72 22.37
CA TRP C 214 -16.32 -36.79 22.44
C TRP C 214 -15.22 -36.60 21.38
N VAL C 215 -13.99 -36.52 21.86
CA VAL C 215 -12.80 -36.60 21.01
C VAL C 215 -11.86 -37.59 21.68
N ARG C 216 -11.55 -38.67 20.96
CA ARG C 216 -10.66 -39.71 21.46
C ARG C 216 -11.06 -40.18 22.84
N GLY C 217 -12.36 -40.36 23.04
CA GLY C 217 -12.89 -40.91 24.28
C GLY C 217 -13.25 -39.92 25.38
N LEU C 218 -13.04 -38.62 25.14
CA LEU C 218 -13.18 -37.64 26.21
C LEU C 218 -14.06 -36.45 25.81
N SER C 219 -14.87 -36.02 26.77
CA SER C 219 -15.66 -34.82 26.67
C SER C 219 -15.01 -33.66 27.44
N SER C 220 -13.94 -33.91 28.18
CA SER C 220 -13.19 -32.83 28.81
C SER C 220 -12.17 -32.25 27.84
N ARG C 221 -11.58 -31.13 28.22
CA ARG C 221 -10.64 -30.36 27.39
C ARG C 221 -9.54 -29.74 28.21
N ILE C 222 -8.44 -29.41 27.53
CA ILE C 222 -7.42 -28.54 28.04
C ILE C 222 -7.37 -27.26 27.18
N SER C 223 -7.22 -26.10 27.83
CA SER C 223 -6.96 -24.84 27.15
C SER C 223 -5.51 -24.45 27.39
N ILE C 224 -4.83 -24.09 26.32
CA ILE C 224 -3.41 -23.79 26.33
C ILE C 224 -3.18 -22.28 26.31
N TYR C 225 -2.30 -21.83 27.20
CA TYR C 225 -1.88 -20.44 27.35
C TYR C 225 -0.38 -20.34 27.33
N TRP C 226 0.13 -19.12 27.15
CA TRP C 226 1.55 -18.88 27.13
C TRP C 226 1.93 -17.58 27.81
N THR C 227 3.16 -17.53 28.30
CA THR C 227 3.69 -16.37 29.00
C THR C 227 5.17 -16.22 28.66
N ILE C 228 5.58 -15.04 28.24
CA ILE C 228 6.98 -14.74 27.97
C ILE C 228 7.56 -14.01 29.18
N VAL C 229 8.70 -14.48 29.65
CA VAL C 229 9.40 -13.87 30.78
C VAL C 229 10.72 -13.30 30.29
N LYS C 230 10.86 -11.99 30.43
CA LYS C 230 12.07 -11.28 29.95
C LYS C 230 13.18 -11.37 31.00
N PRO C 231 14.44 -11.14 30.59
CA PRO C 231 15.56 -11.12 31.54
C PRO C 231 15.26 -10.17 32.68
N GLY C 232 15.48 -10.63 33.89
CA GLY C 232 15.26 -9.82 35.08
C GLY C 232 13.85 -9.88 35.63
N ASP C 233 12.91 -10.45 34.89
CA ASP C 233 11.55 -10.64 35.37
C ASP C 233 11.46 -12.02 36.03
N VAL C 234 10.26 -12.36 36.53
CA VAL C 234 10.06 -13.57 37.32
C VAL C 234 8.66 -14.11 36.97
N LEU C 235 8.55 -15.43 36.88
CA LEU C 235 7.28 -16.10 36.66
C LEU C 235 6.74 -16.55 37.99
N VAL C 236 5.44 -16.33 38.22
CA VAL C 236 4.77 -16.90 39.38
C VAL C 236 3.53 -17.65 38.91
N ILE C 237 3.38 -18.87 39.39
CA ILE C 237 2.25 -19.71 39.07
C ILE C 237 1.53 -20.03 40.36
N ASN C 238 0.23 -19.75 40.39
CA ASN C 238 -0.60 -19.90 41.57
C ASN C 238 -1.90 -20.59 41.15
N SER C 239 -2.20 -21.70 41.80
CA SER C 239 -3.37 -22.51 41.45
C SER C 239 -3.85 -23.34 42.62
N ASN C 240 -5.16 -23.44 42.78
CA ASN C 240 -5.76 -24.38 43.74
C ASN C 240 -6.52 -25.50 43.00
N GLY C 241 -6.14 -25.75 41.74
CA GLY C 241 -6.69 -26.84 40.96
C GLY C 241 -6.74 -26.55 39.47
N ASN C 242 -6.72 -27.63 38.68
CA ASN C 242 -6.90 -27.60 37.22
C ASN C 242 -5.68 -27.08 36.43
N LEU C 243 -4.53 -26.94 37.10
CA LEU C 243 -3.31 -26.48 36.46
C LEU C 243 -2.69 -27.61 35.64
N ILE C 244 -2.38 -27.30 34.38
CA ILE C 244 -1.54 -28.14 33.55
C ILE C 244 -0.21 -27.41 33.50
N ALA C 245 0.76 -27.93 34.24
CA ALA C 245 1.96 -27.14 34.57
C ALA C 245 3.01 -27.22 33.49
N PRO C 246 3.79 -26.14 33.31
CA PRO C 246 4.97 -26.22 32.44
C PRO C 246 6.05 -27.08 33.09
N ARG C 247 6.91 -27.70 32.28
CA ARG C 247 8.08 -28.43 32.79
C ARG C 247 9.35 -27.61 32.65
N GLY C 248 9.23 -26.42 32.10
CA GLY C 248 10.38 -25.64 31.67
C GLY C 248 9.96 -24.59 30.69
N TYR C 249 10.93 -24.09 29.93
CA TYR C 249 10.68 -23.02 28.97
C TYR C 249 11.32 -23.32 27.62
N PHE C 250 10.77 -22.65 26.60
CA PHE C 250 11.36 -22.63 25.28
C PHE C 250 12.23 -21.42 25.14
N LYS C 251 13.39 -21.60 24.56
CA LYS C 251 14.27 -20.51 24.26
C LYS C 251 13.71 -19.74 23.05
N MET C 252 13.48 -18.45 23.20
CA MET C 252 13.07 -17.61 22.08
C MET C 252 14.25 -17.00 21.34
N ARG C 253 14.11 -16.91 20.03
CA ARG C 253 15.08 -16.24 19.17
C ARG C 253 14.34 -15.33 18.23
N THR C 254 15.08 -14.46 17.57
CA THR C 254 14.53 -13.67 16.48
C THR C 254 15.42 -13.96 15.29
N GLY C 255 14.86 -13.83 14.09
CA GLY C 255 15.56 -14.16 12.88
C GLY C 255 14.59 -14.32 11.73
N LYS C 256 14.97 -15.13 10.75
CA LYS C 256 14.28 -15.24 9.48
C LYS C 256 13.28 -16.42 9.42
N SER C 257 12.94 -17.01 10.56
CA SER C 257 12.11 -18.22 10.53
C SER C 257 10.62 -17.93 10.28
N SER C 258 9.93 -18.86 9.63
CA SER C 258 8.50 -18.75 9.41
C SER C 258 7.86 -20.15 9.29
N ILE C 259 6.59 -20.16 8.91
CA ILE C 259 5.82 -21.38 8.73
C ILE C 259 4.99 -21.24 7.47
N MET C 260 4.75 -22.35 6.79
CA MET C 260 3.97 -22.38 5.56
C MET C 260 3.14 -23.66 5.52
N ARG C 261 1.88 -23.53 5.08
CA ARG C 261 1.01 -24.65 4.80
C ARG C 261 1.23 -25.06 3.34
N SER C 262 1.64 -26.32 3.12
CA SER C 262 1.90 -26.81 1.77
C SER C 262 1.90 -28.32 1.76
N ASP C 263 1.45 -28.88 0.65
CA ASP C 263 1.60 -30.29 0.40
C ASP C 263 2.66 -30.62 -0.64
N ALA C 264 3.48 -29.66 -1.05
CA ALA C 264 4.51 -29.95 -2.05
C ALA C 264 5.63 -30.80 -1.43
N PRO C 265 6.13 -31.82 -2.14
CA PRO C 265 7.22 -32.60 -1.57
C PRO C 265 8.54 -31.81 -1.50
N ILE C 266 9.40 -32.18 -0.55
CA ILE C 266 10.73 -31.59 -0.43
C ILE C 266 11.71 -32.33 -1.32
N ASP C 267 12.56 -31.58 -2.02
CA ASP C 267 13.52 -32.17 -2.94
C ASP C 267 14.92 -31.61 -2.69
N THR C 268 15.93 -32.33 -3.16
CA THR C 268 17.30 -31.88 -2.99
C THR C 268 17.64 -30.96 -4.17
N CYS C 269 17.59 -29.67 -3.94
CA CYS C 269 17.91 -28.67 -4.96
C CYS C 269 18.10 -27.33 -4.24
N ILE C 270 18.39 -26.29 -5.00
CA ILE C 270 18.66 -24.99 -4.45
C ILE C 270 17.66 -23.99 -5.02
N SER C 271 16.93 -23.31 -4.15
CA SER C 271 16.09 -22.20 -4.56
C SER C 271 15.86 -21.22 -3.42
N GLU C 272 16.11 -19.93 -3.68
CA GLU C 272 15.91 -18.88 -2.70
C GLU C 272 14.44 -18.65 -2.37
N CYS C 273 13.54 -18.83 -3.34
CA CYS C 273 12.13 -18.50 -3.17
C CYS C 273 11.25 -19.72 -3.05
N ILE C 274 10.43 -19.78 -2.01
CA ILE C 274 9.53 -20.90 -1.77
C ILE C 274 8.09 -20.40 -1.74
N THR C 275 7.20 -21.11 -2.43
CA THR C 275 5.77 -20.89 -2.34
C THR C 275 5.13 -22.21 -1.92
N PRO C 276 3.86 -22.17 -1.52
CA PRO C 276 3.16 -23.42 -1.22
C PRO C 276 3.06 -24.38 -2.41
N ASN C 277 3.12 -23.83 -3.63
CA ASN C 277 3.12 -24.64 -4.86
C ASN C 277 4.47 -25.30 -5.12
N GLY C 278 5.51 -24.87 -4.42
CA GLY C 278 6.89 -25.32 -4.65
C GLY C 278 7.79 -24.11 -4.81
N SER C 279 9.07 -24.38 -4.96
CA SER C 279 10.05 -23.34 -5.17
C SER C 279 9.85 -22.68 -6.53
N ILE C 280 10.20 -21.42 -6.65
CA ILE C 280 10.18 -20.75 -7.94
C ILE C 280 11.48 -20.01 -8.17
N PRO C 281 11.89 -19.91 -9.45
CA PRO C 281 13.04 -19.08 -9.76
C PRO C 281 12.76 -17.65 -9.40
N ASN C 282 13.79 -16.91 -9.01
CA ASN C 282 13.64 -15.49 -8.67
C ASN C 282 14.44 -14.56 -9.62
N ASP C 283 14.71 -14.98 -10.85
CA ASP C 283 15.33 -14.08 -11.86
C ASP C 283 14.37 -12.96 -12.35
N LYS C 284 13.08 -13.19 -12.28
CA LYS C 284 12.08 -12.22 -12.73
C LYS C 284 11.63 -11.35 -11.56
N PRO C 285 11.24 -10.09 -11.83
CA PRO C 285 10.83 -9.19 -10.76
C PRO C 285 9.42 -9.47 -10.20
N PHE C 286 8.57 -10.13 -10.99
CA PHE C 286 7.18 -10.40 -10.59
C PHE C 286 6.86 -11.90 -10.71
N GLN C 287 5.81 -12.31 -10.01
CA GLN C 287 5.33 -13.68 -10.08
C GLN C 287 3.84 -13.70 -9.82
N ASN C 288 3.19 -14.69 -10.40
CA ASN C 288 1.77 -14.89 -10.31
C ASN C 288 1.48 -16.30 -9.77
N VAL C 289 2.46 -16.94 -9.13
CA VAL C 289 2.29 -18.31 -8.65
C VAL C 289 1.46 -18.33 -7.36
N ASN C 290 1.86 -17.53 -6.37
CA ASN C 290 1.17 -17.51 -5.08
C ASN C 290 1.55 -16.25 -4.32
N LYS C 291 0.55 -15.62 -3.72
CA LYS C 291 0.78 -14.49 -2.85
C LYS C 291 1.52 -14.88 -1.56
N ILE C 292 1.46 -16.15 -1.18
CA ILE C 292 2.24 -16.67 -0.06
C ILE C 292 3.61 -17.06 -0.56
N THR C 293 4.64 -16.40 -0.04
CA THR C 293 6.03 -16.70 -0.37
C THR C 293 6.95 -16.61 0.85
N TYR C 294 8.12 -17.22 0.72
CA TYR C 294 9.18 -17.15 1.71
C TYR C 294 10.49 -17.06 0.97
N GLY C 295 11.34 -16.12 1.40
CA GLY C 295 12.68 -15.96 0.85
C GLY C 295 12.79 -14.78 -0.10
N ALA C 296 13.86 -14.78 -0.90
CA ALA C 296 14.10 -13.75 -1.93
C ALA C 296 13.21 -14.05 -3.15
N CYS C 297 12.06 -13.41 -3.19
CA CYS C 297 11.00 -13.75 -4.12
C CYS C 297 10.63 -12.59 -5.03
N PRO C 298 10.24 -12.89 -6.27
CA PRO C 298 9.56 -11.87 -7.06
C PRO C 298 8.28 -11.42 -6.35
N LYS C 299 7.83 -10.19 -6.63
CA LYS C 299 6.60 -9.66 -6.04
C LYS C 299 5.37 -10.24 -6.70
N TYR C 300 4.37 -10.59 -5.90
CA TYR C 300 3.13 -11.13 -6.43
C TYR C 300 2.30 -10.07 -7.16
N VAL C 301 1.88 -10.39 -8.38
CA VAL C 301 1.00 -9.54 -9.16
C VAL C 301 -0.10 -10.39 -9.75
N LYS C 302 -1.15 -9.71 -10.19
CA LYS C 302 -2.31 -10.39 -10.76
C LYS C 302 -2.10 -10.80 -12.22
N GLN C 303 -1.22 -10.14 -12.97
CA GLN C 303 -1.02 -10.44 -14.39
C GLN C 303 -0.34 -11.80 -14.50
N ASN C 304 -0.74 -12.62 -15.48
CA ASN C 304 0.00 -13.87 -15.69
C ASN C 304 1.13 -13.73 -16.71
N THR C 305 1.20 -12.60 -17.41
CA THR C 305 2.32 -12.31 -18.28
C THR C 305 2.49 -10.81 -18.42
N LEU C 306 3.74 -10.36 -18.49
CA LEU C 306 4.07 -8.98 -18.81
C LEU C 306 5.39 -9.01 -19.58
N LYS C 307 5.35 -8.52 -20.81
CA LYS C 307 6.50 -8.60 -21.70
C LYS C 307 7.27 -7.27 -21.75
N LEU C 308 8.55 -7.34 -21.43
CA LEU C 308 9.45 -6.21 -21.55
C LEU C 308 10.16 -6.30 -22.90
N ALA C 309 9.94 -5.30 -23.75
CA ALA C 309 10.60 -5.19 -25.04
C ALA C 309 12.10 -5.16 -24.87
N THR C 310 12.79 -6.00 -25.64
CA THR C 310 14.24 -6.06 -25.64
C THR C 310 14.78 -5.83 -27.04
N GLY C 311 13.97 -5.19 -27.89
CA GLY C 311 14.39 -4.79 -29.20
C GLY C 311 13.47 -3.72 -29.78
N MET C 312 13.83 -3.28 -30.95
CA MET C 312 13.04 -2.27 -31.66
C MET C 312 11.72 -2.78 -32.21
N ARG C 313 10.96 -1.81 -32.68
CA ARG C 313 9.77 -2.04 -33.45
C ARG C 313 10.07 -2.98 -34.66
N ASN C 314 9.26 -4.03 -34.83
CA ASN C 314 9.43 -4.97 -35.92
C ASN C 314 8.58 -4.55 -37.11
N VAL C 315 9.25 -4.20 -38.22
CA VAL C 315 8.58 -3.80 -39.46
C VAL C 315 9.07 -4.76 -40.56
N PRO C 316 8.40 -5.91 -40.71
CA PRO C 316 8.96 -6.95 -41.57
C PRO C 316 8.86 -6.65 -43.06
N GLU C 317 9.56 -7.42 -43.87
CA GLU C 317 9.52 -7.30 -45.34
C GLU C 317 8.32 -8.05 -45.88
N GLY D 1 7.65 5.74 -33.71
CA GLY D 1 8.41 6.42 -32.63
C GLY D 1 8.56 7.91 -32.85
N LEU D 2 9.06 8.57 -31.81
CA LEU D 2 9.22 10.02 -31.78
C LEU D 2 10.09 10.58 -32.90
N PHE D 3 11.02 9.79 -33.41
CA PHE D 3 12.01 10.27 -34.41
C PHE D 3 11.63 10.01 -35.85
N GLY D 4 10.66 9.13 -36.07
CA GLY D 4 10.09 8.95 -37.41
C GLY D 4 11.00 8.26 -38.40
N ALA D 5 11.99 7.51 -37.91
CA ALA D 5 12.85 6.71 -38.76
C ALA D 5 12.28 5.29 -38.86
N ILE D 6 12.34 4.54 -37.77
CA ILE D 6 11.86 3.16 -37.77
C ILE D 6 10.34 3.19 -37.87
N ALA D 7 9.79 2.41 -38.80
CA ALA D 7 8.37 2.48 -39.16
C ALA D 7 7.97 3.87 -39.63
N GLY D 8 8.92 4.61 -40.19
CA GLY D 8 8.73 6.01 -40.58
C GLY D 8 9.28 6.23 -41.96
N PHE D 9 10.26 7.12 -42.12
CA PHE D 9 10.88 7.35 -43.44
C PHE D 9 11.68 6.15 -43.94
N ILE D 10 12.09 5.26 -43.03
CA ILE D 10 12.58 3.95 -43.42
C ILE D 10 11.38 3.00 -43.47
N GLU D 11 11.08 2.51 -44.67
CA GLU D 11 9.83 1.81 -44.95
C GLU D 11 9.70 0.53 -44.14
N ASN D 12 10.78 -0.22 -44.07
CA ASN D 12 10.78 -1.47 -43.32
C ASN D 12 12.18 -1.90 -42.94
N GLY D 13 12.22 -2.93 -42.11
CA GLY D 13 13.48 -3.53 -41.68
C GLY D 13 13.97 -4.58 -42.66
N TRP D 14 15.19 -5.04 -42.42
CA TRP D 14 15.84 -6.05 -43.23
C TRP D 14 15.94 -7.35 -42.45
N GLU D 15 15.17 -8.36 -42.85
CA GLU D 15 15.27 -9.69 -42.22
C GLU D 15 16.63 -10.37 -42.49
N GLY D 16 17.25 -10.03 -43.61
CA GLY D 16 18.57 -10.53 -43.97
C GLY D 16 19.72 -10.02 -43.13
N MET D 17 19.54 -8.90 -42.43
CA MET D 17 20.58 -8.41 -41.55
C MET D 17 20.52 -9.13 -40.20
N ILE D 18 21.39 -10.11 -40.03
CA ILE D 18 21.42 -10.95 -38.84
C ILE D 18 22.65 -10.72 -37.95
N ASP D 19 23.57 -9.85 -38.36
CA ASP D 19 24.82 -9.60 -37.61
C ASP D 19 24.88 -8.21 -36.93
N GLY D 20 23.73 -7.55 -36.85
CA GLY D 20 23.63 -6.24 -36.23
C GLY D 20 22.20 -5.75 -36.28
N TRP D 21 21.92 -4.67 -35.58
CA TRP D 21 20.58 -4.10 -35.52
C TRP D 21 20.36 -2.97 -36.52
N TYR D 22 21.44 -2.28 -36.85
CA TYR D 22 21.43 -1.18 -37.80
C TYR D 22 22.57 -1.42 -38.76
N GLY D 23 22.44 -0.87 -39.96
CA GLY D 23 23.53 -0.99 -40.91
C GLY D 23 23.30 -0.35 -42.26
N PHE D 24 24.12 -0.76 -43.22
CA PHE D 24 24.20 -0.14 -44.53
C PHE D 24 23.98 -1.15 -45.64
N ARG D 25 23.20 -0.75 -46.65
CA ARG D 25 23.15 -1.43 -47.93
C ARG D 25 23.54 -0.44 -49.02
N HIS D 26 24.38 -0.91 -49.96
CA HIS D 26 24.90 -0.06 -51.02
C HIS D 26 24.73 -0.70 -52.40
N GLN D 27 24.69 0.17 -53.40
CA GLN D 27 24.78 -0.24 -54.80
C GLN D 27 25.79 0.69 -55.46
N ASN D 28 26.83 0.13 -56.05
CA ASN D 28 27.84 0.90 -56.78
C ASN D 28 28.20 0.19 -58.10
N SER D 29 29.21 0.69 -58.81
CA SER D 29 29.74 0.04 -60.03
C SER D 29 30.06 -1.46 -59.84
N GLU D 30 30.61 -1.81 -58.66
CA GLU D 30 30.99 -3.19 -58.34
C GLU D 30 29.88 -4.12 -57.85
N GLY D 31 28.63 -3.64 -57.77
CA GLY D 31 27.50 -4.47 -57.34
C GLY D 31 26.87 -3.98 -56.04
N THR D 32 26.27 -4.90 -55.30
CA THR D 32 25.56 -4.59 -54.06
C THR D 32 26.07 -5.37 -52.86
N GLY D 33 25.84 -4.81 -51.68
CA GLY D 33 26.22 -5.47 -50.42
C GLY D 33 25.58 -4.89 -49.18
N GLN D 34 25.84 -5.54 -48.05
CA GLN D 34 25.24 -5.22 -46.76
C GLN D 34 26.31 -5.32 -45.68
N ALA D 35 26.31 -4.36 -44.75
CA ALA D 35 27.18 -4.43 -43.57
C ALA D 35 26.49 -3.82 -42.33
N ALA D 36 26.56 -4.54 -41.21
CA ALA D 36 26.05 -4.06 -39.93
C ALA D 36 26.93 -2.95 -39.40
N ASP D 37 26.32 -1.96 -38.76
CA ASP D 37 27.03 -0.92 -38.00
C ASP D 37 27.08 -1.35 -36.54
N LEU D 38 28.30 -1.53 -36.04
CA LEU D 38 28.51 -2.11 -34.73
C LEU D 38 28.25 -1.08 -33.65
N LYS D 39 28.70 0.16 -33.87
CA LYS D 39 28.60 1.22 -32.87
C LYS D 39 27.14 1.51 -32.46
N SER D 40 26.29 1.73 -33.46
CA SER D 40 24.88 2.04 -33.21
C SER D 40 24.18 0.84 -32.58
N THR D 41 24.43 -0.34 -33.12
CA THR D 41 23.95 -1.59 -32.56
C THR D 41 24.32 -1.73 -31.08
N GLN D 42 25.59 -1.45 -30.78
CA GLN D 42 26.10 -1.56 -29.42
C GLN D 42 25.44 -0.55 -28.48
N ALA D 43 25.24 0.68 -28.95
CA ALA D 43 24.60 1.73 -28.15
C ALA D 43 23.15 1.39 -27.77
N ALA D 44 22.40 0.85 -28.74
CA ALA D 44 21.04 0.37 -28.48
C ALA D 44 21.06 -0.78 -27.49
N PHE D 45 21.89 -1.78 -27.75
CA PHE D 45 22.01 -2.92 -26.86
C PHE D 45 22.38 -2.49 -25.45
N ASP D 46 23.37 -1.62 -25.30
CA ASP D 46 23.83 -1.21 -23.95
C ASP D 46 22.74 -0.52 -23.14
N GLN D 47 21.94 0.31 -23.80
CA GLN D 47 20.82 0.96 -23.13
C GLN D 47 19.71 -0.02 -22.74
N ILE D 48 19.38 -0.95 -23.63
CA ILE D 48 18.33 -1.94 -23.35
C ILE D 48 18.78 -2.91 -22.27
N ASN D 49 20.04 -3.31 -22.35
CA ASN D 49 20.64 -4.12 -21.33
C ASN D 49 20.69 -3.42 -19.98
N GLY D 50 21.03 -2.16 -19.99
CA GLY D 50 21.04 -1.35 -18.78
C GLY D 50 19.67 -1.32 -18.12
N LYS D 51 18.61 -1.12 -18.90
CA LYS D 51 17.26 -1.10 -18.31
C LYS D 51 16.80 -2.47 -17.84
N LEU D 52 17.15 -3.52 -18.57
CA LEU D 52 16.87 -4.88 -18.15
C LEU D 52 17.51 -5.16 -16.79
N ASN D 53 18.77 -4.78 -16.63
CA ASN D 53 19.46 -5.04 -15.37
C ASN D 53 18.87 -4.23 -14.22
N ARG D 54 18.37 -3.03 -14.50
CA ARG D 54 17.71 -2.24 -13.44
C ARG D 54 16.40 -2.90 -13.01
N VAL D 55 15.64 -3.38 -13.98
CA VAL D 55 14.35 -4.03 -13.71
C VAL D 55 14.49 -5.35 -12.96
N ILE D 56 15.51 -6.13 -13.25
CA ILE D 56 15.67 -7.40 -12.51
C ILE D 56 16.59 -7.32 -11.30
N GLU D 57 16.96 -6.10 -10.89
CA GLU D 57 17.69 -5.87 -9.63
C GLU D 57 16.83 -6.52 -8.56
N LYS D 58 17.27 -7.67 -8.05
CA LYS D 58 16.54 -8.34 -6.95
C LYS D 58 16.45 -7.42 -5.72
N THR D 59 15.24 -7.09 -5.30
CA THR D 59 15.03 -6.03 -4.28
C THR D 59 14.33 -6.43 -2.96
N ASN D 60 13.55 -7.50 -2.98
CA ASN D 60 12.88 -7.91 -1.77
C ASN D 60 13.09 -9.37 -1.42
N GLU D 61 13.31 -9.52 -0.13
CA GLU D 61 13.44 -10.79 0.56
C GLU D 61 12.62 -10.68 1.84
N LYS D 62 11.58 -11.50 1.97
CA LYS D 62 10.66 -11.42 3.09
C LYS D 62 10.57 -12.77 3.77
N PHE D 63 10.45 -12.75 5.09
CA PHE D 63 10.43 -13.95 5.87
C PHE D 63 9.07 -14.20 6.50
N HIS D 64 8.93 -14.10 7.80
CA HIS D 64 7.62 -14.21 8.43
C HIS D 64 6.76 -12.96 8.13
N GLN D 65 5.54 -13.19 7.65
CA GLN D 65 4.64 -12.12 7.22
C GLN D 65 3.29 -12.37 7.91
N ILE D 66 2.19 -12.07 7.26
CA ILE D 66 0.86 -12.36 7.77
C ILE D 66 0.32 -13.57 7.03
N GLU D 67 -0.66 -14.21 7.64
CA GLU D 67 -1.41 -15.26 6.96
C GLU D 67 -2.27 -14.64 5.86
N LYS D 68 -2.45 -15.39 4.77
CA LYS D 68 -3.17 -14.90 3.60
C LYS D 68 -4.27 -15.82 3.10
N GLU D 69 -4.39 -17.01 3.69
CA GLU D 69 -5.48 -17.94 3.47
C GLU D 69 -5.92 -18.37 4.86
N PHE D 70 -7.21 -18.66 4.97
CA PHE D 70 -7.86 -18.86 6.27
C PHE D 70 -8.86 -19.99 6.13
N SER D 71 -8.88 -20.91 7.08
CA SER D 71 -9.78 -22.05 6.97
C SER D 71 -11.10 -21.83 7.70
N GLU D 72 -11.19 -20.76 8.51
CA GLU D 72 -12.39 -20.40 9.31
C GLU D 72 -12.82 -18.95 9.01
N VAL D 73 -14.12 -18.69 9.13
CA VAL D 73 -14.66 -17.35 9.13
C VAL D 73 -14.37 -16.73 10.51
N GLU D 74 -13.84 -15.52 10.52
CA GLU D 74 -13.56 -14.81 11.78
C GLU D 74 -14.11 -13.39 11.91
N GLY D 75 -14.36 -12.71 10.79
CA GLY D 75 -14.87 -11.35 10.84
C GLY D 75 -13.73 -10.35 10.80
N ARG D 76 -13.74 -9.42 11.75
CA ARG D 76 -13.07 -8.11 11.61
C ARG D 76 -11.55 -8.18 11.33
N ILE D 77 -10.86 -8.99 12.12
CA ILE D 77 -9.39 -9.09 11.99
C ILE D 77 -9.03 -9.71 10.63
N GLN D 78 -9.77 -10.74 10.24
CA GLN D 78 -9.51 -11.43 8.97
C GLN D 78 -9.90 -10.55 7.80
N ASP D 79 -10.98 -9.78 7.93
CA ASP D 79 -11.33 -8.79 6.87
C ASP D 79 -10.15 -7.86 6.63
N LEU D 80 -9.56 -7.38 7.72
CA LEU D 80 -8.45 -6.46 7.61
C LEU D 80 -7.19 -7.10 7.00
N GLU D 81 -6.84 -8.30 7.47
CA GLU D 81 -5.72 -9.05 6.89
C GLU D 81 -5.87 -9.25 5.37
N LYS D 82 -7.06 -9.66 4.93
CA LYS D 82 -7.32 -9.85 3.51
C LYS D 82 -7.27 -8.54 2.73
N TYR D 83 -7.86 -7.49 3.30
CA TYR D 83 -7.85 -6.19 2.67
C TYR D 83 -6.46 -5.61 2.52
N VAL D 84 -5.65 -5.73 3.57
CA VAL D 84 -4.26 -5.28 3.50
C VAL D 84 -3.54 -5.95 2.33
N GLU D 85 -3.68 -7.26 2.23
CA GLU D 85 -3.01 -8.00 1.18
C GLU D 85 -3.55 -7.68 -0.22
N ASP D 86 -4.88 -7.66 -0.35
CA ASP D 86 -5.49 -7.29 -1.63
C ASP D 86 -5.05 -5.87 -2.10
N THR D 87 -4.97 -4.93 -1.18
CA THR D 87 -4.51 -3.54 -1.44
C THR D 87 -3.06 -3.54 -1.96
N LYS D 88 -2.19 -4.26 -1.26
CA LYS D 88 -0.80 -4.43 -1.67
C LYS D 88 -0.70 -4.99 -3.09
N ILE D 89 -1.40 -6.09 -3.34
CA ILE D 89 -1.32 -6.77 -4.63
C ILE D 89 -1.80 -5.86 -5.78
N ASP D 90 -2.89 -5.13 -5.57
CA ASP D 90 -3.38 -4.18 -6.58
C ASP D 90 -2.38 -3.07 -6.87
N LEU D 91 -1.74 -2.54 -5.83
CA LEU D 91 -0.72 -1.52 -6.02
C LEU D 91 0.50 -2.03 -6.77
N TRP D 92 0.98 -3.22 -6.42
CA TRP D 92 2.13 -3.80 -7.14
C TRP D 92 1.76 -4.19 -8.56
N SER D 93 0.54 -4.66 -8.78
CA SER D 93 0.06 -5.01 -10.13
C SER D 93 0.05 -3.75 -11.01
N TYR D 94 -0.46 -2.64 -10.45
CA TYR D 94 -0.41 -1.34 -11.12
C TYR D 94 1.05 -0.94 -11.44
N ASN D 95 1.92 -1.04 -10.44
CA ASN D 95 3.31 -0.69 -10.66
C ASN D 95 3.90 -1.49 -11.81
N ALA D 96 3.62 -2.79 -11.85
CA ALA D 96 4.17 -3.65 -12.88
C ALA D 96 3.65 -3.26 -14.26
N GLU D 97 2.35 -3.00 -14.37
CA GLU D 97 1.71 -2.60 -15.64
C GLU D 97 2.29 -1.28 -16.17
N LEU D 98 2.40 -0.29 -15.28
CA LEU D 98 2.95 1.01 -15.65
C LEU D 98 4.41 0.89 -16.06
N LEU D 99 5.18 0.12 -15.29
CA LEU D 99 6.59 -0.06 -15.55
C LEU D 99 6.82 -0.55 -16.95
N VAL D 100 6.15 -1.63 -17.34
CA VAL D 100 6.39 -2.20 -18.66
C VAL D 100 5.93 -1.24 -19.76
N ALA D 101 4.79 -0.55 -19.54
CA ALA D 101 4.30 0.38 -20.55
C ALA D 101 5.33 1.51 -20.79
N LEU D 102 5.82 2.10 -19.71
CA LEU D 102 6.83 3.18 -19.82
C LEU D 102 8.15 2.69 -20.42
N GLU D 103 8.63 1.55 -19.93
CA GLU D 103 9.87 0.98 -20.44
C GLU D 103 9.76 0.69 -21.93
N ASN D 104 8.63 0.14 -22.35
CA ASN D 104 8.46 -0.30 -23.73
C ASN D 104 8.33 0.88 -24.68
N GLN D 105 7.55 1.89 -24.32
CA GLN D 105 7.47 3.14 -25.09
C GLN D 105 8.88 3.70 -25.29
N HIS D 106 9.65 3.74 -24.19
CA HIS D 106 10.99 4.29 -24.22
C HIS D 106 11.96 3.44 -25.06
N THR D 107 11.85 2.12 -25.00
CA THR D 107 12.72 1.24 -25.79
C THR D 107 12.47 1.44 -27.28
N ILE D 108 11.20 1.55 -27.65
CA ILE D 108 10.85 1.84 -29.04
C ILE D 108 11.41 3.19 -29.48
N ASP D 109 11.27 4.21 -28.63
CA ASP D 109 11.80 5.53 -28.94
C ASP D 109 13.34 5.59 -28.97
N LEU D 110 14.03 4.90 -28.06
CA LEU D 110 15.51 4.93 -28.07
C LEU D 110 16.08 4.17 -29.28
N THR D 111 15.42 3.11 -29.71
CA THR D 111 15.87 2.39 -30.90
C THR D 111 15.66 3.19 -32.20
N ASP D 112 14.49 3.84 -32.29
CA ASP D 112 14.18 4.81 -33.35
C ASP D 112 15.22 5.95 -33.38
N SER D 113 15.54 6.47 -32.20
CA SER D 113 16.57 7.48 -32.02
C SER D 113 17.94 7.06 -32.56
N GLU D 114 18.36 5.83 -32.24
CA GLU D 114 19.68 5.35 -32.72
C GLU D 114 19.74 5.22 -34.25
N MET D 115 18.65 4.78 -34.86
CA MET D 115 18.54 4.76 -36.33
C MET D 115 18.76 6.17 -36.87
N ASN D 116 18.01 7.12 -36.31
CA ASN D 116 18.10 8.51 -36.70
C ASN D 116 19.49 9.10 -36.51
N LYS D 117 20.14 8.78 -35.39
CA LYS D 117 21.50 9.25 -35.11
C LYS D 117 22.47 8.77 -36.18
N LEU D 118 22.36 7.50 -36.56
CA LEU D 118 23.23 6.92 -37.58
C LEU D 118 23.01 7.59 -38.93
N PHE D 119 21.75 7.82 -39.27
CA PHE D 119 21.38 8.52 -40.50
C PHE D 119 21.93 9.94 -40.60
N GLU D 120 21.80 10.72 -39.52
CA GLU D 120 22.32 12.09 -39.49
C GLU D 120 23.86 12.11 -39.48
N LYS D 121 24.48 11.14 -38.82
CA LYS D 121 25.94 11.01 -38.79
C LYS D 121 26.48 10.76 -40.21
N THR D 122 25.83 9.85 -40.93
CA THR D 122 26.21 9.51 -42.29
C THR D 122 26.06 10.72 -43.22
N GLY D 123 24.89 11.37 -43.16
CA GLY D 123 24.62 12.60 -43.91
C GLY D 123 25.68 13.67 -43.69
N ARG D 124 26.05 13.88 -42.43
CA ARG D 124 27.11 14.83 -42.11
C ARG D 124 28.49 14.45 -42.65
N GLN D 125 28.77 13.16 -42.68
CA GLN D 125 30.01 12.66 -43.26
C GLN D 125 30.12 13.02 -44.73
N LEU D 126 29.02 12.83 -45.45
CA LEU D 126 28.97 13.03 -46.89
C LEU D 126 28.96 14.49 -47.34
N ARG D 127 28.69 15.43 -46.43
CA ARG D 127 28.74 16.87 -46.73
C ARG D 127 27.96 17.18 -48.00
N GLU D 128 28.61 17.73 -49.04
CA GLU D 128 27.91 18.13 -50.26
C GLU D 128 28.00 17.06 -51.35
N ASN D 129 28.59 15.91 -51.04
CA ASN D 129 28.81 14.86 -52.04
C ASN D 129 27.64 13.90 -52.17
N ALA D 130 26.54 14.13 -51.45
CA ALA D 130 25.37 13.28 -51.57
C ALA D 130 24.06 14.03 -51.26
N GLU D 131 22.94 13.45 -51.68
CA GLU D 131 21.62 13.97 -51.30
C GLU D 131 20.75 12.90 -50.65
N ASP D 132 19.97 13.36 -49.67
CA ASP D 132 19.01 12.55 -48.96
C ASP D 132 17.80 12.29 -49.85
N MET D 133 17.59 11.04 -50.27
CA MET D 133 16.43 10.70 -51.10
C MET D 133 15.09 10.74 -50.34
N GLY D 134 15.13 10.62 -49.02
CA GLY D 134 13.92 10.70 -48.18
C GLY D 134 13.35 9.36 -47.71
N ASN D 135 13.99 8.27 -48.11
CA ASN D 135 13.56 6.90 -47.78
C ASN D 135 14.66 6.18 -46.99
N GLY D 136 15.56 6.93 -46.37
CA GLY D 136 16.70 6.38 -45.69
C GLY D 136 17.92 6.12 -46.55
N CYS D 137 17.88 6.59 -47.81
CA CYS D 137 18.98 6.41 -48.75
C CYS D 137 19.60 7.72 -49.22
N PHE D 138 20.91 7.66 -49.40
CA PHE D 138 21.67 8.76 -49.94
C PHE D 138 22.03 8.41 -51.37
N LYS D 139 21.73 9.31 -52.31
CA LYS D 139 22.31 9.25 -53.66
C LYS D 139 23.69 9.89 -53.59
N ILE D 140 24.73 9.11 -53.82
CA ILE D 140 26.11 9.59 -53.78
C ILE D 140 26.50 9.96 -55.22
N TYR D 141 26.96 11.20 -55.40
CA TYR D 141 27.13 11.79 -56.73
C TYR D 141 28.57 11.67 -57.25
N HIS D 142 29.17 10.50 -57.06
CA HIS D 142 30.51 10.23 -57.54
C HIS D 142 30.77 8.74 -57.56
N LYS D 143 31.85 8.36 -58.25
CA LYS D 143 32.30 6.97 -58.30
C LYS D 143 32.69 6.58 -56.87
N CYS D 144 32.09 5.51 -56.36
CA CYS D 144 32.33 5.06 -55.00
C CYS D 144 32.46 3.55 -55.01
N ASP D 145 33.69 3.11 -55.27
CA ASP D 145 34.08 1.69 -55.18
C ASP D 145 33.94 1.13 -53.77
N ASN D 146 34.12 -0.18 -53.63
CA ASN D 146 33.97 -0.84 -52.34
C ASN D 146 34.89 -0.30 -51.24
N ALA D 147 36.08 0.16 -51.62
CA ALA D 147 36.96 0.88 -50.69
C ALA D 147 36.32 2.16 -50.17
N CYS D 148 35.70 2.93 -51.09
CA CYS D 148 35.03 4.18 -50.76
C CYS D 148 33.81 3.94 -49.84
N ILE D 149 33.04 2.88 -50.09
CA ILE D 149 31.87 2.54 -49.26
C ILE D 149 32.36 2.19 -47.86
N GLU D 150 33.33 1.27 -47.75
CA GLU D 150 33.92 0.92 -46.44
C GLU D 150 34.47 2.15 -45.72
N SER D 151 35.06 3.10 -46.46
CA SER D 151 35.54 4.35 -45.85
C SER D 151 34.42 5.13 -45.16
N ILE D 152 33.23 5.13 -45.76
CA ILE D 152 32.06 5.77 -45.16
C ILE D 152 31.60 4.98 -43.93
N ARG D 153 31.56 3.67 -44.05
CA ARG D 153 31.07 2.82 -42.96
C ARG D 153 32.00 2.82 -41.75
N ASN D 154 33.32 2.83 -41.96
CA ASN D 154 34.26 2.87 -40.81
C ASN D 154 34.73 4.29 -40.44
N GLY D 155 34.03 5.31 -40.95
CA GLY D 155 34.26 6.70 -40.52
C GLY D 155 35.50 7.42 -41.03
N THR D 156 36.09 6.97 -42.13
CA THR D 156 37.33 7.59 -42.68
C THR D 156 37.16 8.25 -44.05
N TYR D 157 35.92 8.34 -44.55
CA TYR D 157 35.63 9.01 -45.83
C TYR D 157 36.00 10.49 -45.78
N ASP D 158 36.93 10.91 -46.64
CA ASP D 158 37.31 12.31 -46.79
C ASP D 158 36.47 12.89 -47.94
N HIS D 159 35.54 13.77 -47.59
CA HIS D 159 34.63 14.37 -48.57
C HIS D 159 35.33 15.33 -49.56
N ASP D 160 36.43 15.96 -49.13
CA ASP D 160 37.18 16.89 -50.00
C ASP D 160 37.70 16.22 -51.26
N VAL D 161 38.17 14.98 -51.12
CA VAL D 161 38.68 14.17 -52.24
C VAL D 161 37.71 14.09 -53.42
N TYR D 162 36.41 13.94 -53.14
CA TYR D 162 35.40 13.74 -54.19
C TYR D 162 34.50 14.95 -54.45
N ARG D 163 34.72 16.04 -53.71
CA ARG D 163 33.80 17.18 -53.74
C ARG D 163 33.59 17.80 -55.13
N ASP D 164 34.68 18.06 -55.83
CA ASP D 164 34.62 18.66 -57.18
C ASP D 164 33.82 17.76 -58.13
N GLU D 165 34.20 16.48 -58.17
CA GLU D 165 33.49 15.47 -58.95
C GLU D 165 32.00 15.43 -58.62
N ALA D 166 31.69 15.48 -57.31
CA ALA D 166 30.31 15.38 -56.86
C ALA D 166 29.51 16.66 -57.07
N LEU D 167 30.10 17.81 -56.73
CA LEU D 167 29.46 19.11 -56.99
C LEU D 167 29.09 19.29 -58.46
N ASN D 168 29.97 18.84 -59.35
CA ASN D 168 29.72 18.92 -60.80
C ASN D 168 28.52 18.07 -61.24
N ASN D 169 28.49 16.81 -60.78
CA ASN D 169 27.38 15.88 -61.03
C ASN D 169 26.02 16.36 -60.48
N ARG D 170 26.03 17.14 -59.40
CA ARG D 170 24.81 17.62 -58.75
C ARG D 170 24.24 18.88 -59.40
N PHE D 171 25.14 19.84 -59.64
CA PHE D 171 24.80 21.10 -60.28
C PHE D 171 25.39 21.14 -61.69
N PRO E 1 39.29 33.50 -47.00
CA PRO E 1 39.44 33.05 -45.62
C PRO E 1 38.17 33.28 -44.78
N GLY E 2 37.54 32.21 -44.34
CA GLY E 2 36.25 32.27 -43.68
C GLY E 2 36.31 32.28 -42.16
N ALA E 3 35.31 31.65 -41.55
CA ALA E 3 35.19 31.56 -40.10
C ALA E 3 34.62 30.21 -39.67
N THR E 4 34.93 29.80 -38.45
CA THR E 4 34.36 28.59 -37.83
C THR E 4 33.50 29.02 -36.64
N LEU E 5 32.29 28.46 -36.55
CA LEU E 5 31.37 28.72 -35.43
C LEU E 5 30.99 27.38 -34.83
N CYS E 6 31.46 27.12 -33.61
CA CYS E 6 31.21 25.86 -32.92
C CYS E 6 30.15 26.03 -31.83
N LEU E 7 29.18 25.13 -31.84
CA LEU E 7 28.16 25.06 -30.78
C LEU E 7 28.64 24.11 -29.71
N GLY E 8 28.37 24.44 -28.46
CA GLY E 8 28.75 23.59 -27.36
C GLY E 8 27.96 23.85 -26.11
N HIS E 9 28.38 23.18 -25.06
CA HIS E 9 27.70 23.21 -23.77
C HIS E 9 28.76 23.15 -22.69
N HIS E 10 28.36 23.48 -21.47
CA HIS E 10 29.29 23.50 -20.35
C HIS E 10 29.58 22.10 -19.79
N ALA E 11 30.63 22.06 -18.99
CA ALA E 11 31.00 20.91 -18.21
C ALA E 11 31.66 21.45 -16.94
N VAL E 12 31.82 20.57 -15.95
CA VAL E 12 32.61 20.88 -14.75
C VAL E 12 33.65 19.78 -14.60
N PRO E 13 34.76 20.02 -13.89
CA PRO E 13 35.78 18.97 -13.79
C PRO E 13 35.30 17.76 -12.97
N ASN E 14 34.41 17.96 -12.00
CA ASN E 14 33.90 16.81 -11.21
C ASN E 14 32.41 16.92 -10.95
N GLY E 15 31.60 16.17 -11.68
CA GLY E 15 30.14 16.20 -11.57
C GLY E 15 29.62 15.33 -10.43
N THR E 16 28.33 14.98 -10.53
CA THR E 16 27.64 14.20 -9.50
C THR E 16 26.95 13.00 -10.16
N LEU E 17 26.94 11.86 -9.45
CA LEU E 17 26.34 10.63 -10.00
C LEU E 17 24.85 10.55 -9.75
N VAL E 18 24.10 10.19 -10.78
CA VAL E 18 22.66 9.93 -10.64
C VAL E 18 22.29 8.62 -11.32
N LYS E 19 21.09 8.15 -11.02
CA LYS E 19 20.52 6.96 -11.63
C LYS E 19 19.46 7.38 -12.64
N THR E 20 19.36 6.58 -13.71
CA THR E 20 18.33 6.75 -14.72
C THR E 20 17.62 5.41 -14.98
N ILE E 21 16.77 5.40 -15.99
CA ILE E 21 16.11 4.18 -16.46
C ILE E 21 17.14 3.17 -16.98
N THR E 22 18.11 3.66 -17.73
CA THR E 22 19.10 2.78 -18.39
C THR E 22 20.40 2.59 -17.61
N ASP E 23 20.78 3.51 -16.71
CA ASP E 23 22.07 3.45 -16.02
C ASP E 23 21.92 3.58 -14.51
N ASP E 24 22.61 2.75 -13.75
CA ASP E 24 22.69 2.90 -12.31
C ASP E 24 23.55 4.07 -11.85
N GLN E 25 24.47 4.52 -12.70
CA GLN E 25 25.35 5.60 -12.37
C GLN E 25 25.65 6.33 -13.67
N ILE E 26 25.31 7.61 -13.70
CA ILE E 26 25.71 8.44 -14.81
C ILE E 26 25.99 9.82 -14.26
N GLU E 27 27.00 10.45 -14.84
CA GLU E 27 27.52 11.71 -14.31
C GLU E 27 26.82 12.90 -14.97
N VAL E 28 26.30 13.79 -14.13
CA VAL E 28 25.65 15.01 -14.57
C VAL E 28 26.37 16.18 -13.92
N THR E 29 26.11 17.38 -14.41
CA THR E 29 26.83 18.57 -13.93
C THR E 29 26.40 18.95 -12.52
N ASN E 30 25.17 18.63 -12.14
CA ASN E 30 24.65 18.97 -10.82
C ASN E 30 23.45 18.10 -10.47
N ALA E 31 23.24 17.94 -9.18
CA ALA E 31 22.07 17.22 -8.67
C ALA E 31 21.71 17.75 -7.30
N THR E 32 20.51 17.39 -6.85
CA THR E 32 20.06 17.75 -5.53
C THR E 32 19.51 16.52 -4.78
N GLU E 33 19.74 16.51 -3.47
CA GLU E 33 19.42 15.39 -2.61
C GLU E 33 17.94 15.41 -2.25
N LEU E 34 17.25 14.31 -2.46
CA LEU E 34 15.82 14.19 -2.16
C LEU E 34 15.49 13.44 -0.85
N VAL E 35 16.48 12.80 -0.24
CA VAL E 35 16.28 12.06 1.02
C VAL E 35 16.96 12.80 2.19
N GLN E 36 16.17 13.18 3.18
CA GLN E 36 16.69 13.73 4.42
C GLN E 36 17.23 12.59 5.28
N SER E 37 18.53 12.61 5.55
CA SER E 37 19.17 11.52 6.30
C SER E 37 19.78 11.95 7.63
N SER E 38 19.59 13.20 8.03
CA SER E 38 20.16 13.66 9.30
C SER E 38 19.13 14.44 10.10
N SER E 39 19.39 14.47 11.40
CA SER E 39 18.57 15.18 12.39
C SER E 39 19.50 16.02 13.24
N THR E 40 18.98 17.05 13.89
CA THR E 40 19.71 17.79 14.94
C THR E 40 19.93 16.96 16.20
N GLY E 41 19.13 15.92 16.42
CA GLY E 41 19.18 15.16 17.67
C GLY E 41 18.32 15.79 18.77
N LYS E 42 17.55 16.83 18.44
CA LYS E 42 16.74 17.53 19.39
C LYS E 42 15.34 17.71 18.86
N ILE E 43 14.35 17.65 19.74
CA ILE E 43 12.96 17.90 19.38
C ILE E 43 12.65 19.39 19.58
N CYS E 44 12.26 20.06 18.51
CA CYS E 44 11.98 21.49 18.59
C CYS E 44 10.64 21.72 19.29
N ASN E 45 10.62 22.64 20.23
CA ASN E 45 9.40 22.93 21.01
C ASN E 45 8.31 23.76 20.29
N ASN E 46 8.59 24.19 19.07
CA ASN E 46 7.61 24.87 18.22
C ASN E 46 7.65 24.28 16.80
N PRO E 47 6.53 24.30 16.06
CA PRO E 47 5.28 24.91 16.42
C PRO E 47 4.28 24.01 17.17
N HIS E 48 4.63 22.77 17.42
CA HIS E 48 3.75 21.84 18.10
C HIS E 48 3.95 21.95 19.62
N ARG E 49 2.86 21.89 20.38
CA ARG E 49 2.94 21.80 21.83
C ARG E 49 3.51 20.44 22.29
N ILE E 50 4.76 20.45 22.77
CA ILE E 50 5.45 19.24 23.21
C ILE E 50 5.31 19.13 24.72
N LEU E 51 4.84 18.00 25.22
CA LEU E 51 4.81 17.75 26.63
C LEU E 51 5.78 16.62 26.93
N ASP E 52 6.83 16.93 27.67
CA ASP E 52 7.83 15.94 28.10
C ASP E 52 7.29 15.17 29.32
N GLY E 53 7.10 13.86 29.17
CA GLY E 53 6.67 13.01 30.27
C GLY E 53 7.69 12.87 31.42
N ILE E 54 8.97 13.11 31.13
CA ILE E 54 10.07 12.97 32.10
C ILE E 54 10.03 11.56 32.72
N ASP E 55 9.66 11.44 33.99
CA ASP E 55 9.59 10.20 34.73
C ASP E 55 8.27 9.45 34.58
N CYS E 56 7.33 9.98 33.78
CA CYS E 56 5.98 9.46 33.74
C CYS E 56 5.55 8.99 32.36
N THR E 57 4.89 7.84 32.29
CA THR E 57 4.17 7.40 31.11
C THR E 57 2.86 8.15 31.10
N LEU E 58 2.27 8.22 29.91
CA LEU E 58 0.95 8.83 29.79
C LEU E 58 -0.08 8.14 30.67
N ILE E 59 -0.05 6.80 30.72
CA ILE E 59 -1.02 6.05 31.52
C ILE E 59 -0.87 6.36 33.04
N ASP E 60 0.35 6.48 33.52
CA ASP E 60 0.56 6.84 34.94
C ASP E 60 0.06 8.26 35.26
N ALA E 61 0.23 9.18 34.31
CA ALA E 61 -0.29 10.52 34.44
C ALA E 61 -1.80 10.53 34.42
N LEU E 62 -2.39 9.69 33.56
CA LEU E 62 -3.83 9.53 33.51
C LEU E 62 -4.41 8.99 34.83
N LEU E 63 -3.84 7.89 35.34
CA LEU E 63 -4.35 7.27 36.56
C LEU E 63 -4.14 8.17 37.79
N GLY E 64 -3.04 8.93 37.77
CA GLY E 64 -2.71 9.84 38.86
C GLY E 64 -1.79 9.22 39.91
N ASP E 65 -0.77 8.50 39.43
CA ASP E 65 0.40 8.09 40.21
C ASP E 65 0.99 9.39 40.84
N PRO E 66 1.23 9.42 42.16
CA PRO E 66 1.63 10.66 42.84
C PRO E 66 2.76 11.46 42.21
N HIS E 67 3.83 10.80 41.77
CA HIS E 67 4.92 11.51 41.10
C HIS E 67 4.52 12.07 39.73
N CYS E 68 3.35 11.67 39.21
CA CYS E 68 2.82 12.23 37.99
C CYS E 68 1.70 13.28 38.20
N ASP E 69 1.47 13.72 39.45
CA ASP E 69 0.40 14.69 39.77
C ASP E 69 0.60 16.01 39.03
N VAL E 70 1.86 16.38 38.76
CA VAL E 70 2.18 17.58 38.00
C VAL E 70 1.57 17.62 36.59
N PHE E 71 1.18 16.48 36.04
CA PHE E 71 0.56 16.44 34.70
C PHE E 71 -0.98 16.64 34.66
N GLN E 72 -1.61 16.77 35.82
CA GLN E 72 -3.07 16.82 35.90
C GLN E 72 -3.70 17.86 34.95
N ASN E 73 -3.18 19.04 34.89
CA ASN E 73 -3.89 20.05 34.08
C ASN E 73 -3.41 20.10 32.66
N GLU E 74 -2.81 19.01 32.14
CA GLU E 74 -1.96 19.19 30.96
C GLU E 74 -2.60 18.82 29.66
N THR E 75 -2.09 19.48 28.62
CA THR E 75 -2.52 19.22 27.25
C THR E 75 -1.26 19.11 26.41
N TRP E 76 -1.39 18.54 25.22
CA TRP E 76 -0.29 18.40 24.29
C TRP E 76 -0.77 18.26 22.85
N ASP E 77 0.11 18.59 21.91
CA ASP E 77 0.08 18.06 20.57
C ASP E 77 0.88 16.77 20.52
N LEU E 78 2.03 16.70 21.17
CA LEU E 78 2.84 15.48 21.18
C LEU E 78 3.33 15.23 22.59
N PHE E 79 2.87 14.13 23.18
CA PHE E 79 3.36 13.66 24.46
C PHE E 79 4.61 12.83 24.18
N VAL E 80 5.71 13.14 24.84
CA VAL E 80 6.98 12.41 24.66
C VAL E 80 7.26 11.52 25.87
N GLU E 81 7.21 10.21 25.67
CA GLU E 81 7.51 9.25 26.75
C GLU E 81 8.97 8.85 26.70
N ARG E 82 9.62 8.91 27.85
CA ARG E 82 11.05 8.65 27.99
C ARG E 82 11.29 7.23 28.50
N SER E 83 12.43 6.65 28.10
CA SER E 83 12.77 5.30 28.54
C SER E 83 13.03 5.23 30.06
N LYS E 84 13.37 6.35 30.70
CA LYS E 84 13.55 6.37 32.16
C LYS E 84 12.23 6.40 32.97
N ALA E 85 11.06 6.44 32.32
CA ALA E 85 9.81 6.54 33.08
C ALA E 85 9.61 5.32 33.98
N PHE E 86 8.99 5.51 35.14
CA PHE E 86 8.73 4.43 36.06
C PHE E 86 7.39 4.66 36.75
N SER E 87 6.83 3.55 37.24
CA SER E 87 5.57 3.55 37.98
C SER E 87 5.93 3.49 39.45
N ASN E 88 5.15 4.15 40.29
CA ASN E 88 5.45 4.16 41.72
C ASN E 88 4.20 4.20 42.61
N CYS E 89 3.19 3.45 42.20
CA CYS E 89 1.90 3.45 42.91
C CYS E 89 1.47 1.98 43.03
N TYR E 90 0.19 1.70 43.17
CA TYR E 90 -0.28 0.32 43.31
C TYR E 90 0.08 -0.46 42.03
N PRO E 91 0.64 -1.67 42.16
CA PRO E 91 0.95 -2.42 40.96
C PRO E 91 -0.32 -2.77 40.15
N TYR E 92 -0.24 -2.57 38.85
CA TYR E 92 -1.41 -2.69 38.00
C TYR E 92 -1.06 -3.22 36.65
N ASP E 93 -2.06 -3.71 35.94
CA ASP E 93 -1.94 -3.96 34.51
C ASP E 93 -3.16 -3.35 33.80
N VAL E 94 -3.01 -3.15 32.50
CA VAL E 94 -4.10 -2.71 31.65
C VAL E 94 -4.26 -3.71 30.52
N PRO E 95 -5.30 -4.56 30.57
CA PRO E 95 -5.62 -5.34 29.38
C PRO E 95 -5.90 -4.36 28.24
N ASP E 96 -5.28 -4.57 27.11
CA ASP E 96 -5.35 -3.55 26.04
C ASP E 96 -4.79 -2.16 26.41
N TYR E 97 -3.68 -2.22 27.14
CA TYR E 97 -2.83 -1.05 27.42
C TYR E 97 -2.62 -0.18 26.17
N ALA E 98 -2.22 -0.80 25.07
CA ALA E 98 -1.89 -0.05 23.86
C ALA E 98 -3.06 0.80 23.35
N SER E 99 -4.28 0.27 23.43
CA SER E 99 -5.48 1.02 23.01
C SER E 99 -5.80 2.20 23.92
N LEU E 100 -5.71 1.99 25.25
CA LEU E 100 -6.00 3.07 26.18
C LEU E 100 -4.99 4.22 25.99
N ARG E 101 -3.72 3.87 25.89
CA ARG E 101 -2.67 4.80 25.61
C ARG E 101 -2.91 5.57 24.30
N SER E 102 -3.32 4.84 23.26
CA SER E 102 -3.57 5.46 21.98
C SER E 102 -4.73 6.48 22.02
N LEU E 103 -5.83 6.08 22.63
CA LEU E 103 -6.99 6.93 22.64
C LEU E 103 -6.78 8.18 23.52
N VAL E 104 -6.10 8.04 24.66
CA VAL E 104 -5.78 9.20 25.50
C VAL E 104 -4.77 10.10 24.74
N ALA E 105 -3.73 9.50 24.14
CA ALA E 105 -2.75 10.28 23.39
C ALA E 105 -3.41 11.15 22.32
N SER E 106 -4.36 10.52 21.62
CA SER E 106 -5.07 11.13 20.53
C SER E 106 -6.04 12.24 20.97
N SER E 107 -6.58 12.09 22.16
CA SER E 107 -7.45 13.10 22.75
C SER E 107 -6.70 14.38 23.15
N GLY E 108 -5.45 14.26 23.57
CA GLY E 108 -4.58 15.41 23.76
C GLY E 108 -4.73 16.19 25.06
N THR E 109 -5.47 15.66 26.02
CA THR E 109 -5.70 16.32 27.28
C THR E 109 -5.91 15.28 28.39
N LEU E 110 -5.56 15.66 29.62
CA LEU E 110 -5.96 14.91 30.82
C LEU E 110 -7.02 15.63 31.63
N GLU E 111 -7.79 16.49 30.98
CA GLU E 111 -8.78 17.31 31.65
C GLU E 111 -9.79 16.39 32.35
N PHE E 112 -9.86 16.47 33.66
CA PHE E 112 -10.65 15.62 34.49
C PHE E 112 -11.74 16.39 35.24
N ILE E 113 -12.97 15.90 35.15
CA ILE E 113 -14.14 16.53 35.73
C ILE E 113 -14.68 15.57 36.78
N THR E 114 -14.69 16.00 38.03
CA THR E 114 -15.14 15.16 39.14
C THR E 114 -16.66 15.03 39.08
N GLU E 115 -17.19 13.82 39.34
CA GLU E 115 -18.62 13.61 39.46
C GLU E 115 -19.02 13.07 40.80
N GLY E 116 -20.21 13.42 41.25
CA GLY E 116 -20.67 13.04 42.58
C GLY E 116 -21.29 11.65 42.62
N PHE E 117 -20.48 10.62 42.45
CA PHE E 117 -20.95 9.24 42.63
C PHE E 117 -21.28 9.04 44.10
N THR E 118 -22.38 8.35 44.35
CA THR E 118 -22.81 8.05 45.73
C THR E 118 -22.54 6.57 46.00
N TRP E 119 -21.57 6.29 46.87
CA TRP E 119 -21.19 4.91 47.18
C TRP E 119 -21.74 4.58 48.58
N THR E 120 -22.98 4.13 48.62
CA THR E 120 -23.67 3.90 49.89
C THR E 120 -23.23 2.60 50.54
N GLY E 121 -22.81 2.71 51.81
CA GLY E 121 -22.50 1.54 52.64
C GLY E 121 -21.11 0.97 52.49
N VAL E 122 -20.18 1.73 51.89
CA VAL E 122 -18.77 1.34 51.79
C VAL E 122 -17.86 2.44 52.27
N THR E 123 -16.61 2.06 52.56
CA THR E 123 -15.57 3.02 52.93
C THR E 123 -14.91 3.47 51.63
N GLN E 124 -14.70 4.77 51.50
CA GLN E 124 -14.04 5.36 50.33
C GLN E 124 -12.60 5.68 50.62
N ASN E 125 -11.86 6.03 49.57
CA ASN E 125 -10.50 6.61 49.68
C ASN E 125 -9.44 5.68 50.29
N GLY E 126 -9.54 4.40 50.00
CA GLY E 126 -8.50 3.46 50.41
C GLY E 126 -7.15 3.85 49.83
N GLY E 127 -6.09 3.56 50.59
CA GLY E 127 -4.71 3.83 50.19
C GLY E 127 -3.82 2.67 50.56
N SER E 128 -2.59 2.73 50.06
CA SER E 128 -1.61 1.67 50.21
C SER E 128 -0.24 2.28 50.44
N ASN E 129 0.62 1.57 51.18
CA ASN E 129 2.02 1.97 51.30
C ASN E 129 2.82 1.75 50.02
N ALA E 130 2.26 1.06 49.02
CA ALA E 130 2.86 1.04 47.71
C ALA E 130 2.72 2.33 46.92
N CYS E 131 1.89 3.25 47.43
CA CYS E 131 1.57 4.45 46.67
C CYS E 131 1.48 5.63 47.65
N LYS E 132 2.62 5.98 48.20
CA LYS E 132 2.73 6.97 49.26
C LYS E 132 2.40 8.40 48.82
N ARG E 133 1.66 9.08 49.67
CA ARG E 133 1.32 10.48 49.49
C ARG E 133 1.64 11.14 50.83
N GLY E 134 2.67 11.97 50.89
CA GLY E 134 2.99 12.68 52.13
C GLY E 134 3.51 11.70 53.15
N PRO E 135 3.16 11.86 54.45
CA PRO E 135 3.60 10.90 55.45
C PRO E 135 2.90 9.51 55.41
N GLY E 136 1.75 9.42 54.77
CA GLY E 136 0.99 8.18 54.77
C GLY E 136 0.83 7.44 53.45
N SER E 137 -0.08 6.50 53.53
CA SER E 137 -0.47 5.67 52.40
C SER E 137 -1.33 6.50 51.48
N GLY E 138 -1.38 6.12 50.22
CA GLY E 138 -2.19 6.86 49.23
C GLY E 138 -2.57 5.99 48.07
N PHE E 139 -3.06 6.61 47.01
CA PHE E 139 -3.59 5.89 45.86
C PHE E 139 -3.59 6.78 44.63
N PHE E 140 -3.91 6.20 43.48
CA PHE E 140 -4.11 6.95 42.25
C PHE E 140 -5.11 8.07 42.50
N SER E 141 -4.78 9.28 42.07
CA SER E 141 -5.62 10.44 42.37
C SER E 141 -7.02 10.33 41.70
N ARG E 142 -7.11 9.67 40.55
CA ARG E 142 -8.37 9.61 39.80
C ARG E 142 -9.23 8.39 40.07
N LEU E 143 -8.79 7.54 41.00
CA LEU E 143 -9.49 6.31 41.33
C LEU E 143 -9.81 6.28 42.81
N ASN E 144 -10.86 5.55 43.17
CA ASN E 144 -11.42 5.55 44.51
C ASN E 144 -11.51 4.10 44.98
N TRP E 145 -10.61 3.70 45.87
CA TRP E 145 -10.59 2.32 46.37
C TRP E 145 -11.67 2.14 47.44
N LEU E 146 -12.74 1.45 47.06
CA LEU E 146 -13.86 1.19 47.95
C LEU E 146 -13.66 -0.15 48.68
N THR E 147 -13.89 -0.13 49.98
CA THR E 147 -13.84 -1.34 50.81
C THR E 147 -15.05 -1.35 51.76
N LYS E 148 -15.19 -2.43 52.52
CA LYS E 148 -16.35 -2.60 53.38
C LYS E 148 -16.48 -1.49 54.41
N SER E 149 -17.71 -1.27 54.85
CA SER E 149 -18.06 -0.38 55.93
C SER E 149 -18.74 -1.22 56.99
N GLY E 150 -18.20 -1.20 58.20
CA GLY E 150 -18.62 -2.09 59.27
C GLY E 150 -18.24 -3.52 58.93
N SER E 151 -19.25 -4.35 58.72
CA SER E 151 -19.04 -5.75 58.34
C SER E 151 -19.78 -6.12 57.05
N THR E 152 -20.15 -5.11 56.25
CA THR E 152 -20.90 -5.33 55.02
C THR E 152 -20.30 -4.56 53.82
N TYR E 153 -20.45 -5.14 52.65
CA TYR E 153 -20.16 -4.49 51.39
C TYR E 153 -21.38 -4.80 50.54
N PRO E 154 -22.30 -3.83 50.41
CA PRO E 154 -23.55 -4.08 49.69
C PRO E 154 -23.33 -4.13 48.17
N VAL E 155 -24.39 -4.43 47.44
CA VAL E 155 -24.37 -4.32 46.01
C VAL E 155 -24.37 -2.82 45.69
N LEU E 156 -23.31 -2.34 45.09
CA LEU E 156 -23.23 -0.96 44.65
C LEU E 156 -23.90 -0.87 43.29
N ASN E 157 -24.69 0.16 43.10
CA ASN E 157 -25.47 0.32 41.88
C ASN E 157 -25.65 1.81 41.64
N VAL E 158 -24.82 2.39 40.78
CA VAL E 158 -24.89 3.83 40.50
C VAL E 158 -24.98 4.14 39.00
N THR E 159 -25.47 5.34 38.71
CA THR E 159 -25.67 5.81 37.35
C THR E 159 -25.15 7.21 37.18
N MET E 160 -24.71 7.54 35.95
CA MET E 160 -24.27 8.87 35.60
C MET E 160 -24.60 9.10 34.10
N PRO E 161 -25.61 9.91 33.80
CA PRO E 161 -25.93 10.16 32.40
C PRO E 161 -24.96 11.15 31.78
N ASN E 162 -24.72 11.04 30.48
CA ASN E 162 -23.97 12.04 29.76
C ASN E 162 -24.93 12.99 29.07
N ASN E 163 -25.19 14.15 29.71
CA ASN E 163 -25.97 15.20 29.04
C ASN E 163 -25.14 16.32 28.44
N ASP E 164 -23.85 16.08 28.25
CA ASP E 164 -22.98 17.03 27.55
C ASP E 164 -22.97 16.69 26.09
N ASN E 165 -22.31 17.51 25.27
CA ASN E 165 -22.16 17.28 23.83
C ASN E 165 -20.78 16.72 23.44
N PHE E 166 -20.03 16.23 24.42
CA PHE E 166 -18.72 15.62 24.21
C PHE E 166 -18.74 14.22 24.80
N ASP E 167 -17.77 13.39 24.36
CA ASP E 167 -17.61 12.04 24.91
C ASP E 167 -16.90 12.09 26.25
N LYS E 168 -17.35 11.26 27.18
CA LYS E 168 -16.71 11.09 28.47
C LYS E 168 -15.94 9.78 28.55
N LEU E 169 -14.67 9.85 28.97
CA LEU E 169 -13.86 8.68 29.23
C LEU E 169 -13.86 8.39 30.72
N TYR E 170 -14.34 7.22 31.11
CA TYR E 170 -14.26 6.75 32.49
C TYR E 170 -13.20 5.68 32.63
N ILE E 171 -12.31 5.88 33.59
CA ILE E 171 -11.27 4.90 33.94
C ILE E 171 -11.67 4.29 35.26
N TRP E 172 -11.67 2.97 35.32
CA TRP E 172 -12.01 2.24 36.52
C TRP E 172 -11.17 0.99 36.59
N GLY E 173 -11.30 0.26 37.68
CA GLY E 173 -10.51 -0.93 37.86
C GLY E 173 -11.17 -2.00 38.67
N VAL E 174 -10.46 -3.11 38.73
CA VAL E 174 -10.83 -4.26 39.51
C VAL E 174 -9.60 -4.70 40.33
N HIS E 175 -9.82 -4.89 41.62
CA HIS E 175 -8.76 -5.31 42.53
C HIS E 175 -8.67 -6.85 42.58
N HIS E 176 -7.46 -7.38 42.45
CA HIS E 176 -7.16 -8.80 42.52
C HIS E 176 -6.35 -9.02 43.78
N PRO E 177 -7.02 -9.45 44.88
CA PRO E 177 -6.29 -9.76 46.11
C PRO E 177 -5.37 -10.97 45.95
N SER E 178 -4.36 -11.04 46.80
CA SER E 178 -3.46 -12.18 46.76
C SER E 178 -3.90 -13.39 47.59
N THR E 179 -4.79 -13.21 48.57
CA THR E 179 -5.34 -14.35 49.36
C THR E 179 -6.85 -14.22 49.56
N ASN E 180 -7.50 -15.33 49.89
CA ASN E 180 -8.92 -15.34 50.29
C ASN E 180 -9.19 -14.50 51.54
N GLN E 181 -8.19 -14.48 52.42
CA GLN E 181 -8.26 -13.74 53.67
C GLN E 181 -8.40 -12.24 53.35
N GLU E 182 -7.56 -11.76 52.44
CA GLU E 182 -7.59 -10.36 52.07
C GLU E 182 -8.90 -10.03 51.31
N GLN E 183 -9.36 -10.90 50.41
CA GLN E 183 -10.64 -10.73 49.72
C GLN E 183 -11.78 -10.47 50.70
N THR E 184 -12.01 -11.39 51.63
CA THR E 184 -13.16 -11.29 52.52
C THR E 184 -12.99 -10.18 53.53
N SER E 185 -11.75 -9.95 53.93
CA SER E 185 -11.42 -8.86 54.83
C SER E 185 -11.76 -7.48 54.25
N LEU E 186 -11.45 -7.26 52.96
CA LEU E 186 -11.74 -6.00 52.29
C LEU E 186 -13.17 -5.88 51.77
N TYR E 187 -13.70 -6.97 51.22
CA TYR E 187 -14.98 -6.92 50.49
C TYR E 187 -16.08 -7.83 51.02
N VAL E 188 -15.83 -8.54 52.11
CA VAL E 188 -16.81 -9.48 52.72
C VAL E 188 -17.11 -10.69 51.83
N GLN E 189 -17.74 -10.46 50.68
CA GLN E 189 -18.07 -11.54 49.74
C GLN E 189 -16.79 -12.29 49.32
N ALA E 190 -16.91 -13.60 49.13
CA ALA E 190 -15.78 -14.47 48.79
C ALA E 190 -15.30 -14.23 47.36
N SER E 191 -16.19 -13.77 46.51
CA SER E 191 -15.87 -13.46 45.13
C SER E 191 -16.59 -12.17 44.78
N GLY E 192 -15.84 -11.22 44.21
CA GLY E 192 -16.42 -9.96 43.76
C GLY E 192 -16.83 -10.00 42.31
N ARG E 193 -17.28 -8.85 41.82
CA ARG E 193 -17.61 -8.68 40.43
C ARG E 193 -17.84 -7.20 40.16
N VAL E 194 -17.42 -6.77 38.99
CA VAL E 194 -17.63 -5.41 38.55
C VAL E 194 -18.27 -5.49 37.17
N THR E 195 -19.43 -4.85 37.04
CA THR E 195 -20.12 -4.74 35.76
C THR E 195 -20.34 -3.27 35.44
N VAL E 196 -19.77 -2.82 34.34
CA VAL E 196 -19.87 -1.44 33.89
C VAL E 196 -20.51 -1.46 32.51
N SER E 197 -21.59 -0.70 32.33
CA SER E 197 -22.35 -0.74 31.09
C SER E 197 -22.85 0.62 30.66
N THR E 198 -23.12 0.71 29.36
CA THR E 198 -23.90 1.79 28.76
C THR E 198 -25.16 1.15 28.16
N ARG E 199 -25.98 1.94 27.47
CA ARG E 199 -27.20 1.40 26.91
C ARG E 199 -27.00 0.19 26.03
N ARG E 200 -25.94 0.23 25.20
CA ARG E 200 -25.73 -0.80 24.17
C ARG E 200 -24.56 -1.73 24.38
N SER E 201 -23.67 -1.47 25.35
CA SER E 201 -22.57 -2.39 25.62
C SER E 201 -22.29 -2.60 27.12
N GLN E 202 -21.50 -3.61 27.43
CA GLN E 202 -21.18 -3.91 28.82
C GLN E 202 -19.86 -4.67 28.93
N GLN E 203 -19.23 -4.57 30.09
CA GLN E 203 -18.02 -5.32 30.43
C GLN E 203 -18.25 -5.85 31.82
N THR E 204 -18.08 -7.15 32.03
CA THR E 204 -18.10 -7.72 33.38
C THR E 204 -16.77 -8.40 33.62
N ILE E 205 -16.16 -8.08 34.76
CA ILE E 205 -14.87 -8.60 35.13
C ILE E 205 -15.05 -9.31 36.47
N ILE E 206 -14.55 -10.55 36.55
CA ILE E 206 -14.49 -11.30 37.82
C ILE E 206 -13.05 -11.22 38.31
N PRO E 207 -12.84 -10.77 39.56
CA PRO E 207 -11.46 -10.77 40.07
C PRO E 207 -10.89 -12.15 40.26
N ASN E 208 -9.57 -12.23 40.33
CA ASN E 208 -8.84 -13.47 40.46
C ASN E 208 -7.89 -13.39 41.65
N ILE E 209 -8.02 -14.32 42.57
CA ILE E 209 -7.27 -14.31 43.81
C ILE E 209 -6.01 -15.15 43.59
N GLY E 210 -4.85 -14.65 44.04
CA GLY E 210 -3.57 -15.40 43.96
C GLY E 210 -2.36 -14.50 44.01
N SER E 211 -1.17 -15.04 44.32
CA SER E 211 0.03 -14.20 44.35
C SER E 211 0.56 -13.96 42.96
N ARG E 212 0.87 -12.69 42.69
CA ARG E 212 1.72 -12.27 41.62
C ARG E 212 3.12 -11.95 42.25
N PRO E 213 4.13 -11.64 41.42
CA PRO E 213 5.38 -11.23 41.99
C PRO E 213 5.25 -9.96 42.80
N TRP E 214 6.02 -9.93 43.90
CA TRP E 214 6.16 -8.78 44.75
C TRP E 214 6.59 -7.54 43.96
N VAL E 215 5.79 -6.49 44.05
CA VAL E 215 6.10 -5.19 43.48
C VAL E 215 5.75 -4.17 44.54
N ARG E 216 6.76 -3.43 44.99
CA ARG E 216 6.60 -2.40 46.01
C ARG E 216 5.83 -2.91 47.22
N GLY E 217 6.19 -4.12 47.64
CA GLY E 217 5.63 -4.73 48.84
C GLY E 217 4.41 -5.59 48.67
N LEU E 218 3.87 -5.70 47.46
CA LEU E 218 2.57 -6.34 47.25
C LEU E 218 2.58 -7.41 46.17
N SER E 219 1.81 -8.48 46.43
CA SER E 219 1.54 -9.52 45.48
C SER E 219 0.15 -9.37 44.88
N SER E 220 -0.67 -8.44 45.36
CA SER E 220 -1.96 -8.19 44.72
C SER E 220 -1.79 -7.20 43.58
N ARG E 221 -2.86 -7.05 42.78
CA ARG E 221 -2.86 -6.23 41.58
C ARG E 221 -4.19 -5.51 41.38
N ILE E 222 -4.13 -4.43 40.60
CA ILE E 222 -5.31 -3.83 40.00
C ILE E 222 -5.25 -4.00 38.49
N SER E 223 -6.40 -4.33 37.87
CA SER E 223 -6.55 -4.30 36.43
C SER E 223 -7.39 -3.09 36.05
N ILE E 224 -6.92 -2.32 35.08
CA ILE E 224 -7.55 -1.09 34.66
C ILE E 224 -8.36 -1.31 33.37
N TYR E 225 -9.58 -0.77 33.40
CA TYR E 225 -10.51 -0.79 32.29
C TYR E 225 -11.02 0.61 32.02
N TRP E 226 -11.65 0.78 30.86
CA TRP E 226 -12.19 2.07 30.48
C TRP E 226 -13.51 1.91 29.73
N THR E 227 -14.31 2.97 29.79
CA THR E 227 -15.60 3.01 29.13
C THR E 227 -15.81 4.43 28.62
N ILE E 228 -16.14 4.55 27.34
CA ILE E 228 -16.50 5.83 26.75
C ILE E 228 -18.02 5.95 26.74
N VAL E 229 -18.52 7.08 27.25
CA VAL E 229 -19.94 7.36 27.23
C VAL E 229 -20.22 8.52 26.29
N LYS E 230 -21.00 8.26 25.25
CA LYS E 230 -21.30 9.25 24.24
C LYS E 230 -22.46 10.16 24.71
N PRO E 231 -22.59 11.36 24.11
CA PRO E 231 -23.70 12.24 24.44
C PRO E 231 -25.01 11.51 24.29
N GLY E 232 -25.87 11.63 25.30
CA GLY E 232 -27.17 10.99 25.28
C GLY E 232 -27.18 9.58 25.84
N ASP E 233 -26.02 8.97 26.08
CA ASP E 233 -25.95 7.66 26.68
C ASP E 233 -25.79 7.84 28.21
N VAL E 234 -25.66 6.72 28.95
CA VAL E 234 -25.64 6.72 30.39
C VAL E 234 -24.69 5.61 30.87
N LEU E 235 -23.94 5.88 31.94
CA LEU E 235 -23.07 4.92 32.57
C LEU E 235 -23.81 4.28 33.74
N VAL E 236 -23.72 2.95 33.86
CA VAL E 236 -24.13 2.27 35.08
C VAL E 236 -22.97 1.42 35.60
N ILE E 237 -22.69 1.51 36.90
CA ILE E 237 -21.70 0.68 37.53
C ILE E 237 -22.38 -0.14 38.62
N ASN E 238 -22.13 -1.44 38.59
CA ASN E 238 -22.73 -2.39 39.50
C ASN E 238 -21.67 -3.34 40.00
N SER E 239 -21.52 -3.46 41.31
CA SER E 239 -20.47 -4.28 41.91
C SER E 239 -20.85 -4.75 43.31
N ASN E 240 -20.52 -6.01 43.63
CA ASN E 240 -20.64 -6.49 45.00
C ASN E 240 -19.25 -6.76 45.61
N GLY E 241 -18.23 -6.09 45.08
CA GLY E 241 -16.88 -6.17 45.62
C GLY E 241 -15.79 -5.99 44.57
N ASN E 242 -14.62 -5.54 45.04
CA ASN E 242 -13.40 -5.43 44.23
C ASN E 242 -13.38 -4.26 43.22
N LEU E 243 -14.36 -3.35 43.32
CA LEU E 243 -14.45 -2.20 42.43
C LEU E 243 -13.43 -1.15 42.84
N ILE E 244 -12.65 -0.71 41.86
CA ILE E 244 -11.82 0.47 41.99
C ILE E 244 -12.55 1.55 41.19
N ALA E 245 -13.20 2.45 41.90
CA ALA E 245 -14.23 3.29 41.30
C ALA E 245 -13.64 4.51 40.62
N PRO E 246 -14.29 4.99 39.54
CA PRO E 246 -13.92 6.30 38.97
C PRO E 246 -14.34 7.41 39.90
N ARG E 247 -13.64 8.55 39.87
CA ARG E 247 -14.07 9.76 40.61
C ARG E 247 -14.79 10.74 39.69
N GLY E 248 -14.89 10.39 38.41
CA GLY E 248 -15.30 11.34 37.39
C GLY E 248 -14.88 10.84 36.05
N TYR E 249 -14.81 11.76 35.08
CA TYR E 249 -14.48 11.42 33.71
C TYR E 249 -13.42 12.37 33.15
N PHE E 250 -12.75 11.89 32.10
CA PHE E 250 -11.87 12.70 31.28
C PHE E 250 -12.64 13.22 30.10
N LYS E 251 -12.50 14.50 29.83
CA LYS E 251 -13.26 15.13 28.77
C LYS E 251 -12.46 14.83 27.51
N MET E 252 -13.07 14.16 26.53
CA MET E 252 -12.36 13.78 25.33
C MET E 252 -12.48 14.83 24.24
N ARG E 253 -11.39 14.96 23.46
CA ARG E 253 -11.41 15.79 22.26
C ARG E 253 -10.88 14.96 21.10
N THR E 254 -11.06 15.49 19.90
CA THR E 254 -10.43 14.90 18.74
C THR E 254 -9.62 16.01 18.12
N GLY E 255 -8.53 15.64 17.47
CA GLY E 255 -7.65 16.62 16.82
C GLY E 255 -6.34 15.95 16.47
N LYS E 256 -5.26 16.71 16.51
CA LYS E 256 -3.99 16.32 15.94
C LYS E 256 -3.01 15.73 16.98
N SER E 257 -3.49 15.40 18.18
CA SER E 257 -2.57 15.00 19.25
C SER E 257 -2.06 13.54 19.08
N SER E 258 -0.85 13.28 19.53
CA SER E 258 -0.29 11.94 19.49
C SER E 258 0.74 11.75 20.62
N ILE E 259 1.43 10.62 20.57
CA ILE E 259 2.44 10.26 21.56
C ILE E 259 3.61 9.67 20.81
N MET E 260 4.82 9.88 21.34
CA MET E 260 6.05 9.34 20.75
C MET E 260 6.99 8.90 21.87
N ARG E 261 7.65 7.77 21.67
CA ARG E 261 8.73 7.30 22.53
C ARG E 261 10.05 7.88 22.00
N SER E 262 10.76 8.63 22.82
CA SER E 262 12.04 9.22 22.43
C SER E 262 12.83 9.63 23.64
N ASP E 263 14.14 9.56 23.54
CA ASP E 263 15.02 10.14 24.53
C ASP E 263 15.73 11.42 24.04
N ALA E 264 15.32 11.99 22.91
CA ALA E 264 15.95 13.22 22.44
C ALA E 264 15.56 14.42 23.32
N PRO E 265 16.52 15.28 23.67
CA PRO E 265 16.12 16.46 24.47
C PRO E 265 15.24 17.46 23.69
N ILE E 266 14.43 18.21 24.40
CA ILE E 266 13.59 19.25 23.82
C ILE E 266 14.40 20.55 23.75
N ASP E 267 14.32 21.25 22.63
CA ASP E 267 15.08 22.49 22.44
C ASP E 267 14.18 23.60 21.94
N THR E 268 14.63 24.83 22.10
CA THR E 268 13.87 25.99 21.65
C THR E 268 14.23 26.26 20.20
N CYS E 269 13.37 25.82 19.29
CA CYS E 269 13.57 26.00 17.86
C CYS E 269 12.26 25.68 17.18
N ILE E 270 12.24 25.78 15.86
CA ILE E 270 11.03 25.57 15.09
C ILE E 270 11.26 24.45 14.10
N SER E 271 10.43 23.42 14.17
CA SER E 271 10.43 22.38 13.16
C SER E 271 9.07 21.71 13.05
N GLU E 272 8.53 21.65 11.84
CA GLU E 272 7.25 21.01 11.57
C GLU E 272 7.31 19.50 11.77
N CYS E 273 8.44 18.87 11.46
CA CYS E 273 8.55 17.42 11.48
C CYS E 273 9.35 16.92 12.66
N ILE E 274 8.79 15.97 13.41
CA ILE E 274 9.44 15.40 14.57
C ILE E 274 9.59 13.90 14.40
N THR E 275 10.79 13.38 14.70
CA THR E 275 11.04 11.97 14.76
C THR E 275 11.58 11.65 16.14
N PRO E 276 11.62 10.37 16.53
CA PRO E 276 12.24 10.02 17.79
C PRO E 276 13.72 10.39 17.89
N ASN E 277 14.39 10.49 16.76
CA ASN E 277 15.81 10.91 16.69
C ASN E 277 15.97 12.42 16.87
N GLY E 278 14.88 13.16 16.80
CA GLY E 278 14.89 14.63 16.84
C GLY E 278 14.10 15.17 15.65
N SER E 279 13.98 16.47 15.60
CA SER E 279 13.29 17.14 14.52
C SER E 279 14.10 17.00 13.23
N ILE E 280 13.42 17.00 12.09
CA ILE E 280 14.13 17.02 10.81
C ILE E 280 13.55 18.08 9.91
N PRO E 281 14.37 18.66 9.03
CA PRO E 281 13.84 19.58 8.03
C PRO E 281 12.89 18.84 7.11
N ASN E 282 11.89 19.53 6.60
CA ASN E 282 10.93 18.93 5.67
C ASN E 282 10.96 19.55 4.26
N ASP E 283 12.08 20.14 3.85
CA ASP E 283 12.21 20.67 2.45
C ASP E 283 12.32 19.54 1.39
N LYS E 284 12.80 18.36 1.79
CA LYS E 284 12.93 17.24 0.89
C LYS E 284 11.69 16.34 0.93
N PRO E 285 11.36 15.68 -0.19
CA PRO E 285 10.16 14.85 -0.24
C PRO E 285 10.27 13.51 0.51
N PHE E 286 11.50 13.01 0.71
CA PHE E 286 11.74 11.72 1.35
C PHE E 286 12.70 11.87 2.53
N GLN E 287 12.68 10.88 3.41
CA GLN E 287 13.59 10.83 4.54
C GLN E 287 13.84 9.39 4.92
N ASN E 288 15.00 9.16 5.47
CA ASN E 288 15.45 7.85 5.89
C ASN E 288 15.85 7.91 7.38
N VAL E 289 15.38 8.90 8.11
CA VAL E 289 15.74 9.05 9.51
C VAL E 289 14.97 8.05 10.38
N ASN E 290 13.65 8.04 10.28
CA ASN E 290 12.82 7.14 11.09
C ASN E 290 11.44 7.02 10.46
N LYS E 291 10.94 5.81 10.42
CA LYS E 291 9.57 5.55 9.98
C LYS E 291 8.53 6.13 10.94
N ILE E 292 8.90 6.38 12.19
CA ILE E 292 8.06 7.07 13.15
C ILE E 292 8.26 8.56 12.98
N THR E 293 7.20 9.26 12.58
CA THR E 293 7.19 10.71 12.46
C THR E 293 5.90 11.33 12.97
N TYR E 294 5.97 12.64 13.22
CA TYR E 294 4.84 13.44 13.60
C TYR E 294 4.98 14.77 12.92
N GLY E 295 3.89 15.23 12.28
CA GLY E 295 3.83 16.55 11.66
C GLY E 295 3.95 16.49 10.14
N ALA E 296 4.31 17.63 9.55
CA ALA E 296 4.46 17.75 8.10
C ALA E 296 5.87 17.21 7.75
N CYS E 297 5.92 15.95 7.33
CA CYS E 297 7.16 15.23 7.23
C CYS E 297 7.40 14.70 5.83
N PRO E 298 8.68 14.61 5.42
CA PRO E 298 8.97 13.80 4.24
C PRO E 298 8.53 12.35 4.45
N LYS E 299 8.25 11.64 3.36
CA LYS E 299 7.86 10.22 3.46
C LYS E 299 9.07 9.33 3.73
N TYR E 300 8.90 8.35 4.59
CA TYR E 300 9.98 7.41 4.89
C TYR E 300 10.26 6.47 3.72
N VAL E 301 11.54 6.37 3.35
CA VAL E 301 11.98 5.43 2.34
C VAL E 301 13.23 4.71 2.87
N LYS E 302 13.54 3.59 2.25
CA LYS E 302 14.70 2.79 2.64
C LYS E 302 16.02 3.32 2.09
N GLN E 303 16.01 4.08 1.00
CA GLN E 303 17.26 4.57 0.39
C GLN E 303 17.84 5.64 1.32
N ASN E 304 19.16 5.68 1.47
CA ASN E 304 19.74 6.78 2.25
C ASN E 304 20.15 7.99 1.40
N THR E 305 20.10 7.85 0.09
CA THR E 305 20.31 8.97 -0.82
C THR E 305 19.57 8.71 -2.13
N LEU E 306 19.02 9.76 -2.69
CA LEU E 306 18.43 9.73 -4.03
C LEU E 306 18.66 11.08 -4.65
N LYS E 307 19.42 11.10 -5.75
CA LYS E 307 19.82 12.33 -6.40
C LYS E 307 18.92 12.64 -7.59
N LEU E 308 18.36 13.83 -7.58
CA LEU E 308 17.61 14.37 -8.70
C LEU E 308 18.57 15.24 -9.52
N ALA E 309 18.80 14.86 -10.77
CA ALA E 309 19.61 15.64 -11.70
C ALA E 309 19.03 17.02 -11.88
N THR E 310 19.88 18.03 -11.76
CA THR E 310 19.49 19.41 -11.98
C THR E 310 20.38 20.05 -13.04
N GLY E 311 20.98 19.20 -13.88
CA GLY E 311 21.78 19.65 -14.99
C GLY E 311 21.98 18.55 -16.02
N MET E 312 22.61 18.91 -17.12
CA MET E 312 22.91 17.98 -18.18
C MET E 312 24.00 16.98 -17.84
N ARG E 313 24.13 16.03 -18.73
CA ARG E 313 25.22 15.09 -18.77
C ARG E 313 26.57 15.83 -18.73
N ASN E 314 27.46 15.41 -17.84
CA ASN E 314 28.79 16.02 -17.72
C ASN E 314 29.78 15.25 -18.59
N VAL E 315 30.31 15.93 -19.60
CA VAL E 315 31.31 15.37 -20.52
C VAL E 315 32.55 16.25 -20.45
N PRO E 316 33.45 15.98 -19.49
CA PRO E 316 34.60 16.88 -19.33
C PRO E 316 35.63 16.77 -20.47
N GLU E 317 36.56 17.72 -20.51
CA GLU E 317 37.69 17.67 -21.44
C GLU E 317 38.79 16.72 -20.99
N GLY F 1 22.06 10.74 -24.91
CA GLY F 1 20.61 11.08 -24.96
C GLY F 1 19.99 10.82 -26.32
N LEU F 2 18.67 10.96 -26.36
CA LEU F 2 17.88 10.65 -27.55
C LEU F 2 18.26 11.48 -28.78
N PHE F 3 18.83 12.67 -28.58
CA PHE F 3 19.12 13.59 -29.69
C PHE F 3 20.53 13.51 -30.23
N GLY F 4 21.43 12.89 -29.48
CA GLY F 4 22.76 12.59 -30.00
C GLY F 4 23.67 13.79 -30.14
N ALA F 5 23.39 14.87 -29.42
CA ALA F 5 24.26 16.04 -29.41
C ALA F 5 25.21 15.93 -28.22
N ILE F 6 24.68 16.07 -27.01
CA ILE F 6 25.51 16.01 -25.81
C ILE F 6 25.99 14.57 -25.63
N ALA F 7 27.30 14.40 -25.43
CA ALA F 7 27.95 13.08 -25.44
C ALA F 7 27.73 12.37 -26.78
N GLY F 8 27.58 13.13 -27.85
CA GLY F 8 27.23 12.60 -29.17
C GLY F 8 28.10 13.25 -30.21
N PHE F 9 27.50 13.93 -31.18
CA PHE F 9 28.28 14.63 -32.21
C PHE F 9 29.08 15.82 -31.65
N ILE F 10 28.68 16.34 -30.50
CA ILE F 10 29.52 17.25 -29.73
C ILE F 10 30.37 16.41 -28.80
N GLU F 11 31.68 16.46 -29.00
CA GLU F 11 32.62 15.53 -28.36
C GLU F 11 32.63 15.66 -26.86
N ASN F 12 32.65 16.90 -26.39
CA ASN F 12 32.66 17.16 -24.97
C ASN F 12 32.18 18.56 -24.67
N GLY F 13 32.00 18.81 -23.37
CA GLY F 13 31.62 20.11 -22.89
C GLY F 13 32.81 21.02 -22.64
N TRP F 14 32.51 22.28 -22.35
CA TRP F 14 33.52 23.30 -22.11
C TRP F 14 33.54 23.68 -20.65
N GLU F 15 34.60 23.32 -19.94
CA GLU F 15 34.75 23.72 -18.53
C GLU F 15 34.93 25.24 -18.36
N GLY F 16 35.48 25.89 -19.38
CA GLY F 16 35.67 27.33 -19.40
C GLY F 16 34.40 28.15 -19.54
N MET F 17 33.32 27.55 -20.02
CA MET F 17 32.06 28.28 -20.12
C MET F 17 31.35 28.27 -18.77
N ILE F 18 31.47 29.37 -18.04
CA ILE F 18 30.93 29.50 -16.70
C ILE F 18 29.73 30.46 -16.59
N ASP F 19 29.34 31.11 -17.69
CA ASP F 19 28.24 32.09 -17.67
C ASP F 19 26.98 31.61 -18.43
N GLY F 20 26.91 30.31 -18.72
CA GLY F 20 25.76 29.75 -19.41
C GLY F 20 25.94 28.26 -19.59
N TRP F 21 24.88 27.59 -20.02
CA TRP F 21 24.90 26.13 -20.18
C TRP F 21 25.20 25.71 -21.60
N TYR F 22 24.82 26.56 -22.56
CA TYR F 22 25.05 26.33 -23.97
C TYR F 22 25.65 27.61 -24.52
N GLY F 23 26.41 27.49 -25.60
CA GLY F 23 26.94 28.68 -26.25
C GLY F 23 27.77 28.45 -27.49
N PHE F 24 28.54 29.48 -27.83
CA PHE F 24 29.26 29.55 -29.10
C PHE F 24 30.74 29.79 -28.87
N ARG F 25 31.56 29.06 -29.62
CA ARG F 25 32.96 29.39 -29.82
C ARG F 25 33.24 29.62 -31.30
N HIS F 26 34.00 30.67 -31.60
CA HIS F 26 34.28 31.04 -32.99
C HIS F 26 35.77 31.27 -33.24
N GLN F 27 36.16 31.09 -34.49
CA GLN F 27 37.45 31.52 -34.98
C GLN F 27 37.19 32.29 -36.28
N ASN F 28 37.67 33.53 -36.34
CA ASN F 28 37.59 34.35 -37.56
C ASN F 28 38.93 35.07 -37.80
N SER F 29 38.97 35.97 -38.79
CA SER F 29 40.15 36.82 -39.05
C SER F 29 40.67 37.55 -37.80
N GLU F 30 39.76 38.01 -36.95
CA GLU F 30 40.10 38.74 -35.71
C GLU F 30 40.50 37.91 -34.49
N GLY F 31 40.53 36.57 -34.62
CA GLY F 31 40.93 35.68 -33.53
C GLY F 31 39.80 34.78 -33.06
N THR F 32 39.84 34.40 -31.78
CA THR F 32 38.88 33.45 -31.21
C THR F 32 38.16 34.01 -29.99
N GLY F 33 36.98 33.46 -29.72
CA GLY F 33 36.19 33.85 -28.56
C GLY F 33 35.06 32.90 -28.20
N GLN F 34 34.41 33.20 -27.08
CA GLN F 34 33.38 32.37 -26.48
C GLN F 34 32.25 33.26 -25.96
N ALA F 35 31.01 32.84 -26.20
CA ALA F 35 29.84 33.52 -25.62
C ALA F 35 28.70 32.53 -25.30
N ALA F 36 28.12 32.68 -24.12
CA ALA F 36 26.97 31.87 -23.69
C ALA F 36 25.73 32.29 -24.46
N ASP F 37 24.87 31.32 -24.78
CA ASP F 37 23.52 31.58 -25.29
C ASP F 37 22.52 31.57 -24.14
N LEU F 38 21.88 32.71 -23.93
CA LEU F 38 21.00 32.94 -22.80
C LEU F 38 19.68 32.19 -22.96
N LYS F 39 19.11 32.26 -24.16
CA LYS F 39 17.78 31.71 -24.41
C LYS F 39 17.72 30.19 -24.17
N SER F 40 18.67 29.46 -24.75
CA SER F 40 18.70 28.01 -24.61
C SER F 40 18.99 27.63 -23.16
N THR F 41 19.97 28.32 -22.56
CA THR F 41 20.28 28.16 -21.14
C THR F 41 19.03 28.36 -20.28
N GLN F 42 18.29 29.43 -20.56
CA GLN F 42 17.10 29.75 -19.81
C GLN F 42 16.02 28.69 -19.95
N ALA F 43 15.83 28.17 -21.17
CA ALA F 43 14.83 27.14 -21.42
C ALA F 43 15.12 25.83 -20.65
N ALA F 44 16.39 25.41 -20.64
CA ALA F 44 16.81 24.26 -19.85
C ALA F 44 16.60 24.50 -18.36
N PHE F 45 17.09 25.64 -17.86
CA PHE F 45 16.94 25.98 -16.46
C PHE F 45 15.47 26.01 -16.05
N ASP F 46 14.60 26.65 -16.85
CA ASP F 46 13.18 26.77 -16.48
C ASP F 46 12.48 25.43 -16.37
N GLN F 47 12.81 24.50 -17.26
CA GLN F 47 12.24 23.17 -17.25
C GLN F 47 12.74 22.37 -16.04
N ILE F 48 14.03 22.45 -15.74
CA ILE F 48 14.60 21.71 -14.61
C ILE F 48 14.09 22.27 -13.29
N ASN F 49 14.01 23.59 -13.23
CA ASN F 49 13.46 24.26 -12.08
C ASN F 49 11.98 23.90 -11.87
N GLY F 50 11.23 23.86 -12.97
CA GLY F 50 9.84 23.46 -12.92
C GLY F 50 9.66 22.05 -12.34
N LYS F 51 10.48 21.10 -12.81
CA LYS F 51 10.37 19.74 -12.27
C LYS F 51 10.83 19.62 -10.82
N LEU F 52 11.88 20.34 -10.45
CA LEU F 52 12.31 20.41 -9.05
C LEU F 52 11.16 20.88 -8.16
N ASN F 53 10.49 21.95 -8.56
CA ASN F 53 9.39 22.49 -7.73
C ASN F 53 8.21 21.52 -7.65
N ARG F 54 7.95 20.76 -8.71
CA ARG F 54 6.90 19.75 -8.66
C ARG F 54 7.24 18.63 -7.69
N VAL F 55 8.49 18.18 -7.73
CA VAL F 55 8.96 17.09 -6.86
C VAL F 55 8.98 17.46 -5.38
N ILE F 56 9.34 18.69 -5.06
CA ILE F 56 9.36 19.07 -3.64
C ILE F 56 8.07 19.73 -3.14
N GLU F 57 7.00 19.68 -3.95
CA GLU F 57 5.69 20.14 -3.52
C GLU F 57 5.37 19.41 -2.22
N LYS F 58 5.46 20.10 -1.10
CA LYS F 58 5.11 19.51 0.20
C LYS F 58 3.69 18.95 0.22
N THR F 59 3.55 17.65 0.45
CA THR F 59 2.25 16.98 0.38
C THR F 59 1.79 16.18 1.61
N ASN F 60 2.60 16.00 2.64
CA ASN F 60 2.32 14.96 3.63
C ASN F 60 2.37 15.47 5.07
N GLU F 61 1.23 15.49 5.78
CA GLU F 61 1.16 15.86 7.15
C GLU F 61 0.34 14.82 7.92
N LYS F 62 0.96 14.09 8.82
CA LYS F 62 0.29 13.02 9.56
C LYS F 62 0.50 13.24 11.05
N PHE F 63 -0.52 12.91 11.82
CA PHE F 63 -0.47 13.11 13.26
C PHE F 63 -0.46 11.75 13.97
N HIS F 64 -1.55 11.36 14.64
CA HIS F 64 -1.60 10.05 15.27
C HIS F 64 -1.72 8.94 14.22
N GLN F 65 -0.85 7.93 14.32
CA GLN F 65 -0.78 6.85 13.33
C GLN F 65 -0.79 5.53 14.10
N ILE F 66 -0.10 4.53 13.64
CA ILE F 66 0.03 3.25 14.36
C ILE F 66 1.40 3.20 14.99
N GLU F 67 1.55 2.36 15.99
CA GLU F 67 2.86 2.05 16.54
C GLU F 67 3.66 1.24 15.52
N LYS F 68 4.97 1.44 15.51
CA LYS F 68 5.87 0.81 14.55
C LYS F 68 7.06 0.09 15.17
N GLU F 69 7.22 0.23 16.49
CA GLU F 69 8.21 -0.49 17.28
C GLU F 69 7.44 -1.01 18.48
N PHE F 70 7.88 -2.14 18.98
CA PHE F 70 7.15 -2.93 19.97
C PHE F 70 8.15 -3.51 20.93
N SER F 71 7.89 -3.43 22.23
CA SER F 71 8.84 -3.93 23.21
C SER F 71 8.55 -5.38 23.63
N GLU F 72 7.39 -5.91 23.25
CA GLU F 72 6.92 -7.28 23.58
C GLU F 72 6.51 -8.04 22.30
N VAL F 73 6.66 -9.34 22.35
CA VAL F 73 6.12 -10.26 21.35
C VAL F 73 4.61 -10.38 21.62
N GLU F 74 3.81 -10.25 20.57
CA GLU F 74 2.35 -10.40 20.71
C GLU F 74 1.66 -11.35 19.71
N GLY F 75 2.27 -11.60 18.57
CA GLY F 75 1.64 -12.46 17.57
C GLY F 75 0.82 -11.62 16.59
N ARG F 76 -0.42 -12.06 16.38
CA ARG F 76 -1.20 -11.78 15.16
C ARG F 76 -1.38 -10.28 14.85
N ILE F 77 -1.79 -9.51 15.84
CA ILE F 77 -2.10 -8.08 15.62
C ILE F 77 -0.79 -7.34 15.31
N GLN F 78 0.28 -7.68 16.02
CA GLN F 78 1.58 -7.04 15.80
C GLN F 78 2.16 -7.45 14.46
N ASP F 79 1.99 -8.72 14.07
CA ASP F 79 2.42 -9.18 12.73
C ASP F 79 1.76 -8.29 11.66
N LEU F 80 0.47 -8.02 11.82
CA LEU F 80 -0.25 -7.22 10.86
C LEU F 80 0.19 -5.75 10.84
N GLU F 81 0.36 -5.16 12.03
CA GLU F 81 0.89 -3.80 12.13
C GLU F 81 2.25 -3.65 11.43
N LYS F 82 3.16 -4.59 11.67
CA LYS F 82 4.47 -4.54 11.04
C LYS F 82 4.40 -4.74 9.54
N TYR F 83 3.56 -5.70 9.12
CA TYR F 83 3.38 -5.97 7.69
C TYR F 83 2.79 -4.77 6.95
N VAL F 84 1.80 -4.13 7.54
CA VAL F 84 1.21 -2.94 6.94
C VAL F 84 2.27 -1.88 6.70
N GLU F 85 3.08 -1.62 7.74
CA GLU F 85 4.13 -0.62 7.63
C GLU F 85 5.23 -1.00 6.66
N ASP F 86 5.70 -2.24 6.73
CA ASP F 86 6.72 -2.72 5.78
C ASP F 86 6.23 -2.61 4.31
N THR F 87 4.98 -2.96 4.07
CA THR F 87 4.32 -2.85 2.76
C THR F 87 4.34 -1.39 2.25
N LYS F 88 3.91 -0.49 3.11
CA LYS F 88 3.91 0.93 2.83
C LYS F 88 5.31 1.44 2.44
N ILE F 89 6.28 1.12 3.28
CA ILE F 89 7.65 1.59 3.08
C ILE F 89 8.23 1.08 1.76
N ASP F 90 8.01 -0.19 1.45
CA ASP F 90 8.47 -0.74 0.16
C ASP F 90 7.83 -0.07 -1.04
N LEU F 91 6.53 0.21 -0.96
CA LEU F 91 5.85 0.89 -2.06
C LEU F 91 6.34 2.32 -2.24
N TRP F 92 6.53 3.07 -1.14
CA TRP F 92 7.07 4.43 -1.26
C TRP F 92 8.51 4.44 -1.71
N SER F 93 9.30 3.47 -1.26
CA SER F 93 10.70 3.35 -1.69
C SER F 93 10.77 3.10 -3.21
N TYR F 94 9.90 2.21 -3.69
CA TYR F 94 9.75 1.97 -5.13
C TYR F 94 9.35 3.26 -5.86
N ASN F 95 8.34 3.96 -5.34
CA ASN F 95 7.93 5.20 -5.98
C ASN F 95 9.09 6.17 -6.07
N ALA F 96 9.86 6.30 -5.01
CA ALA F 96 10.98 7.24 -5.00
C ALA F 96 12.05 6.85 -6.03
N GLU F 97 12.39 5.57 -6.08
CA GLU F 97 13.41 5.06 -7.02
C GLU F 97 12.97 5.28 -8.48
N LEU F 98 11.72 4.94 -8.78
CA LEU F 98 11.19 5.11 -10.13
C LEU F 98 11.12 6.58 -10.51
N LEU F 99 10.66 7.42 -9.57
CA LEU F 99 10.52 8.84 -9.82
C LEU F 99 11.84 9.44 -10.26
N VAL F 100 12.89 9.18 -9.50
CA VAL F 100 14.20 9.78 -9.81
C VAL F 100 14.72 9.21 -11.14
N ALA F 101 14.55 7.92 -11.39
CA ALA F 101 15.01 7.32 -12.64
C ALA F 101 14.33 7.97 -13.84
N LEU F 102 13.01 8.12 -13.79
CA LEU F 102 12.26 8.76 -14.90
C LEU F 102 12.60 10.23 -15.05
N GLU F 103 12.65 10.94 -13.94
CA GLU F 103 13.01 12.36 -13.98
C GLU F 103 14.40 12.56 -14.58
N ASN F 104 15.34 11.71 -14.17
CA ASN F 104 16.73 11.88 -14.57
C ASN F 104 16.95 11.55 -16.03
N GLN F 105 16.36 10.46 -16.51
CA GLN F 105 16.37 10.13 -17.94
C GLN F 105 15.83 11.31 -18.75
N HIS F 106 14.73 11.87 -18.28
CA HIS F 106 14.08 12.99 -18.97
C HIS F 106 14.92 14.27 -18.94
N THR F 107 15.57 14.54 -17.80
CA THR F 107 16.42 15.71 -17.69
C THR F 107 17.61 15.64 -18.64
N ILE F 108 18.21 14.47 -18.73
CA ILE F 108 19.30 14.24 -19.67
C ILE F 108 18.82 14.42 -21.12
N ASP F 109 17.65 13.87 -21.44
CA ASP F 109 17.08 14.02 -22.78
C ASP F 109 16.65 15.46 -23.11
N LEU F 110 16.06 16.19 -22.16
CA LEU F 110 15.66 17.57 -22.44
C LEU F 110 16.87 18.50 -22.61
N THR F 111 17.94 18.26 -21.86
CA THR F 111 19.15 19.08 -22.03
C THR F 111 19.88 18.81 -23.36
N ASP F 112 19.95 17.55 -23.73
CA ASP F 112 20.42 17.10 -25.05
C ASP F 112 19.58 17.75 -26.17
N SER F 113 18.27 17.73 -25.99
CA SER F 113 17.32 18.36 -26.91
C SER F 113 17.60 19.85 -27.09
N GLU F 114 17.83 20.57 -25.99
CA GLU F 114 18.09 22.03 -26.10
C GLU F 114 19.38 22.35 -26.85
N MET F 115 20.42 21.53 -26.65
CA MET F 115 21.66 21.63 -27.44
C MET F 115 21.33 21.50 -28.93
N ASN F 116 20.61 20.45 -29.26
CA ASN F 116 20.19 20.16 -30.62
C ASN F 116 19.34 21.28 -31.21
N LYS F 117 18.41 21.82 -30.43
CA LYS F 117 17.55 22.92 -30.88
C LYS F 117 18.39 24.14 -31.27
N LEU F 118 19.38 24.46 -30.44
CA LEU F 118 20.25 25.60 -30.70
C LEU F 118 21.08 25.39 -31.96
N PHE F 119 21.60 24.17 -32.12
CA PHE F 119 22.34 23.80 -33.31
C PHE F 119 21.54 23.90 -34.61
N GLU F 120 20.31 23.39 -34.61
CA GLU F 120 19.44 23.48 -35.78
C GLU F 120 18.98 24.92 -36.05
N LYS F 121 18.76 25.71 -35.00
CA LYS F 121 18.39 27.12 -35.13
C LYS F 121 19.51 27.91 -35.83
N THR F 122 20.75 27.67 -35.40
CA THR F 122 21.93 28.30 -35.97
C THR F 122 22.09 27.93 -37.45
N GLY F 123 22.04 26.62 -37.73
CA GLY F 123 22.09 26.10 -39.10
C GLY F 123 21.07 26.74 -40.02
N ARG F 124 19.83 26.86 -39.53
CA ARG F 124 18.78 27.53 -40.30
C ARG F 124 19.01 29.00 -40.54
N GLN F 125 19.61 29.67 -39.57
CA GLN F 125 19.99 31.07 -39.72
C GLN F 125 20.97 31.24 -40.88
N LEU F 126 21.96 30.36 -40.94
CA LEU F 126 23.03 30.45 -41.92
C LEU F 126 22.65 30.07 -43.34
N ARG F 127 21.50 29.40 -43.53
CA ARG F 127 20.99 29.08 -44.87
C ARG F 127 22.09 28.44 -45.75
N GLU F 128 22.47 29.05 -46.86
CA GLU F 128 23.46 28.45 -47.76
C GLU F 128 24.87 28.99 -47.53
N ASN F 129 25.04 29.83 -46.52
CA ASN F 129 26.32 30.49 -46.26
C ASN F 129 27.26 29.67 -45.38
N ALA F 130 26.87 28.48 -44.97
CA ALA F 130 27.73 27.64 -44.12
C ALA F 130 27.43 26.16 -44.27
N GLU F 131 28.40 25.33 -43.87
CA GLU F 131 28.19 23.87 -43.86
C GLU F 131 28.47 23.26 -42.48
N ASP F 132 27.68 22.25 -42.15
CA ASP F 132 27.80 21.49 -40.92
C ASP F 132 29.01 20.55 -41.03
N MET F 133 30.05 20.79 -40.23
CA MET F 133 31.23 19.92 -40.23
C MET F 133 30.99 18.55 -39.59
N GLY F 134 29.97 18.42 -38.75
CA GLY F 134 29.59 17.14 -38.16
C GLY F 134 30.01 16.94 -36.70
N ASN F 135 30.71 17.93 -36.15
CA ASN F 135 31.26 17.89 -34.79
C ASN F 135 30.69 19.04 -33.94
N GLY F 136 29.53 19.57 -34.37
CA GLY F 136 28.94 20.72 -33.72
C GLY F 136 29.42 22.05 -34.23
N CYS F 137 30.23 22.05 -35.30
CA CYS F 137 30.78 23.28 -35.86
C CYS F 137 30.33 23.53 -37.30
N PHE F 138 30.12 24.81 -37.58
CA PHE F 138 29.78 25.29 -38.91
C PHE F 138 31.01 25.92 -39.51
N LYS F 139 31.38 25.50 -40.72
CA LYS F 139 32.35 26.25 -41.54
C LYS F 139 31.58 27.35 -42.26
N ILE F 140 31.88 28.60 -41.93
CA ILE F 140 31.21 29.75 -42.54
C ILE F 140 32.08 30.19 -43.72
N TYR F 141 31.47 30.28 -44.90
CA TYR F 141 32.20 30.45 -46.16
C TYR F 141 32.26 31.92 -46.60
N HIS F 142 32.54 32.81 -45.66
CA HIS F 142 32.69 34.22 -45.94
C HIS F 142 33.40 34.90 -44.80
N LYS F 143 33.86 36.13 -45.06
CA LYS F 143 34.47 36.97 -44.05
C LYS F 143 33.42 37.27 -42.99
N CYS F 144 33.71 36.95 -41.74
CA CYS F 144 32.77 37.13 -40.65
C CYS F 144 33.52 37.71 -39.46
N ASP F 145 33.61 39.03 -39.46
CA ASP F 145 34.15 39.81 -38.34
C ASP F 145 33.32 39.65 -37.05
N ASN F 146 33.85 40.19 -35.95
CA ASN F 146 33.19 40.05 -34.65
C ASN F 146 31.76 40.59 -34.62
N ALA F 147 31.49 41.63 -35.39
CA ALA F 147 30.12 42.13 -35.59
C ALA F 147 29.22 41.06 -36.23
N CYS F 148 29.74 40.40 -37.25
CA CYS F 148 29.02 39.33 -37.97
C CYS F 148 28.75 38.12 -37.05
N ILE F 149 29.72 37.75 -36.21
CA ILE F 149 29.55 36.64 -35.27
C ILE F 149 28.45 36.99 -34.27
N GLU F 150 28.56 38.17 -33.63
CA GLU F 150 27.52 38.65 -32.70
C GLU F 150 26.14 38.70 -33.37
N SER F 151 26.09 39.07 -34.65
CA SER F 151 24.82 39.08 -35.41
C SER F 151 24.17 37.68 -35.45
N ILE F 152 25.01 36.64 -35.59
CA ILE F 152 24.53 35.27 -35.57
C ILE F 152 24.06 34.89 -34.17
N ARG F 153 24.85 35.25 -33.16
CA ARG F 153 24.54 34.90 -31.78
C ARG F 153 23.29 35.60 -31.24
N ASN F 154 23.07 36.86 -31.60
CA ASN F 154 21.86 37.58 -31.13
C ASN F 154 20.70 37.54 -32.14
N GLY F 155 20.77 36.65 -33.12
CA GLY F 155 19.67 36.39 -34.03
C GLY F 155 19.35 37.40 -35.12
N THR F 156 20.31 38.27 -35.48
CA THR F 156 20.07 39.31 -36.49
C THR F 156 20.87 39.16 -37.79
N TYR F 157 21.60 38.06 -37.93
CA TYR F 157 22.38 37.77 -39.14
C TYR F 157 21.48 37.68 -40.39
N ASP F 158 21.71 38.57 -41.35
CA ASP F 158 21.01 38.52 -42.64
C ASP F 158 21.88 37.73 -43.62
N HIS F 159 21.41 36.53 -43.98
CA HIS F 159 22.15 35.64 -44.88
C HIS F 159 22.25 36.16 -46.32
N ASP F 160 21.27 36.95 -46.77
CA ASP F 160 21.29 37.51 -48.14
C ASP F 160 22.51 38.38 -48.40
N VAL F 161 22.91 39.16 -47.40
CA VAL F 161 24.07 40.05 -47.47
C VAL F 161 25.35 39.32 -47.92
N TYR F 162 25.56 38.10 -47.42
CA TYR F 162 26.80 37.36 -47.68
C TYR F 162 26.64 36.18 -48.65
N ARG F 163 25.43 35.96 -49.16
CA ARG F 163 25.12 34.75 -49.93
C ARG F 163 25.98 34.58 -51.18
N ASP F 164 26.13 35.64 -51.98
CA ASP F 164 26.93 35.57 -53.21
C ASP F 164 28.38 35.21 -52.88
N GLU F 165 28.97 35.96 -51.94
CA GLU F 165 30.33 35.69 -51.44
C GLU F 165 30.48 34.25 -50.98
N ALA F 166 29.49 33.75 -50.22
CA ALA F 166 29.55 32.41 -49.65
C ALA F 166 29.29 31.32 -50.66
N LEU F 167 28.27 31.48 -51.50
CA LEU F 167 27.98 30.53 -52.58
C LEU F 167 29.19 30.33 -53.51
N ASN F 168 29.91 31.42 -53.80
CA ASN F 168 31.11 31.36 -54.64
C ASN F 168 32.23 30.54 -54.00
N ASN F 169 32.51 30.82 -52.72
CA ASN F 169 33.50 30.07 -51.92
C ASN F 169 33.19 28.58 -51.76
N ARG F 170 31.91 28.21 -51.79
CA ARG F 170 31.47 26.81 -51.59
C ARG F 170 31.51 26.00 -52.89
N PHE F 171 30.96 26.59 -53.94
CA PHE F 171 30.92 25.98 -55.28
C PHE F 171 31.88 26.73 -56.21
C1 NAG G . -12.64 17.85 -25.91
C2 NAG G . -13.55 17.27 -27.00
C3 NAG G . -14.99 17.09 -26.52
C4 NAG G . -15.09 16.39 -25.17
C5 NAG G . -14.08 16.97 -24.16
C6 NAG G . -13.95 16.06 -22.94
C7 NAG G . -12.83 17.83 -29.28
C8 NAG G . -12.88 18.85 -30.40
N2 NAG G . -13.50 18.15 -28.16
O3 NAG G . -15.69 16.26 -27.45
O4 NAG G . -16.43 16.55 -24.67
O5 NAG G . -12.77 17.10 -24.70
O6 NAG G . -13.27 16.74 -21.89
O7 NAG G . -12.23 16.78 -29.43
C1 NAG G . -17.26 15.34 -24.69
C2 NAG G . -18.41 15.53 -23.71
C3 NAG G . -19.27 14.27 -23.69
C4 NAG G . -19.83 13.89 -25.06
C5 NAG G . -18.95 14.30 -26.27
C6 NAG G . -19.78 15.09 -27.28
C7 NAG G . -17.73 17.00 -21.82
C8 NAG G . -17.27 16.99 -20.39
N2 NAG G . -17.96 15.78 -22.34
O3 NAG G . -20.37 14.48 -22.80
O4 NAG G . -20.04 12.45 -25.09
O5 NAG G . -17.75 15.06 -26.01
O6 NAG G . -19.25 14.92 -28.59
O7 NAG G . -17.86 18.04 -22.44
C1 BMA G . -21.33 12.06 -25.62
C2 BMA G . -21.32 10.57 -26.00
C3 BMA G . -22.70 10.10 -26.50
C4 BMA G . -23.77 10.49 -25.50
C5 BMA G . -23.69 11.98 -25.17
C6 BMA G . -24.72 12.39 -24.13
O2 BMA G . -20.90 9.78 -24.89
O3 BMA G . -22.74 8.68 -26.72
O4 BMA G . -25.07 10.15 -26.01
O5 BMA G . -22.39 12.30 -24.69
O6 BMA G . -24.15 13.42 -23.30
C1 NAG H . -24.64 -34.79 26.94
C2 NAG H . -24.16 -36.10 27.57
C3 NAG H . -22.89 -36.55 26.84
C4 NAG H . -23.21 -36.79 25.38
C5 NAG H . -23.74 -35.49 24.79
C6 NAG H . -24.10 -35.62 23.31
C7 NAG H . -24.76 -36.25 29.95
C8 NAG H . -24.27 -36.19 31.36
N2 NAG H . -23.84 -36.06 29.00
O3 NAG H . -22.33 -37.72 27.44
O4 NAG H . -22.01 -37.22 24.70
O5 NAG H . -24.88 -35.02 25.54
O6 NAG H . -25.16 -36.58 23.10
O7 NAG H . -25.94 -36.43 29.69
C1 NAG H . -22.03 -38.60 24.30
C2 NAG H . -21.16 -38.76 23.06
C3 NAG H . -21.09 -40.21 22.60
C4 NAG H . -20.72 -41.14 23.75
C5 NAG H . -21.64 -40.89 24.94
C6 NAG H . -21.27 -41.81 26.10
C7 NAG H . -21.08 -36.95 21.38
C8 NAG H . -21.80 -36.34 20.21
N2 NAG H . -21.68 -38.00 21.93
O3 NAG H . -20.14 -40.27 21.52
O4 NAG H . -20.85 -42.53 23.32
O5 NAG H . -21.58 -39.49 25.33
O6 NAG H . -21.81 -41.34 27.35
O7 NAG H . -20.04 -36.48 21.78
C1 BMA H . -19.63 -43.21 22.92
C2 BMA H . -19.59 -44.55 23.68
C3 BMA H . -18.54 -45.52 23.12
C4 BMA H . -18.63 -45.59 21.59
C5 BMA H . -18.47 -44.18 21.02
C6 BMA H . -18.42 -44.18 19.49
O2 BMA H . -20.88 -45.17 23.66
O3 BMA H . -18.71 -46.82 23.69
O4 BMA H . -17.64 -46.48 21.07
O5 BMA H . -19.56 -43.39 21.49
O6 BMA H . -18.41 -42.83 18.98
C1 NAG I . -20.11 12.20 0.00
C2 NAG I . -19.78 13.67 -0.33
C3 NAG I . -18.64 14.20 0.51
C4 NAG I . -18.84 13.89 1.99
C5 NAG I . -19.16 12.40 2.17
C6 NAG I . -19.38 12.04 3.63
C7 NAG I . -20.36 14.22 -2.66
C8 NAG I . -19.87 14.39 -4.07
N2 NAG I . -19.44 13.87 -1.74
O3 NAG I . -18.54 15.62 0.28
O4 NAG I . -17.66 14.23 2.72
O5 NAG I . -20.31 12.02 1.40
O6 NAG I . -20.61 11.36 3.83
O7 NAG I . -21.53 14.37 -2.38
C1 NAG I . -17.79 15.36 3.62
C2 NAG I . -16.84 15.09 4.77
C3 NAG I . -16.59 16.31 5.66
C4 NAG I . -16.31 17.57 4.86
C5 NAG I . -17.35 17.77 3.76
C6 NAG I . -16.95 18.96 2.86
C7 NAG I . -16.83 12.81 5.68
C8 NAG I . -17.55 11.85 6.61
N2 NAG I . -17.37 14.03 5.61
O3 NAG I . -15.47 16.00 6.50
O4 NAG I . -16.28 18.70 5.74
O5 NAG I . -17.49 16.59 2.94
O6 NAG I . -18.02 19.27 1.98
O7 NAG I . -15.84 12.46 5.05
C1 NAG J . 3.94 -17.15 46.72
C2 NAG J . 3.99 -16.39 48.05
C3 NAG J . 4.78 -15.09 47.91
C4 NAG J . 6.10 -15.30 47.23
C5 NAG J . 5.91 -16.10 45.95
C6 NAG J . 7.23 -16.45 45.34
C7 NAG J . 1.96 -16.82 49.33
C8 NAG J . 0.59 -16.33 49.70
N2 NAG J . 2.65 -16.06 48.49
O3 NAG J . 5.13 -14.52 49.17
O4 NAG J . 6.67 -14.03 46.87
O5 NAG J . 5.25 -17.31 46.23
O6 NAG J . 8.10 -17.04 46.32
O7 NAG J . 2.42 -17.85 49.80
C1 NAG J . 7.84 -13.70 47.61
C2 NAG J . 8.61 -12.69 46.77
C3 NAG J . 9.83 -12.15 47.49
C4 NAG J . 9.41 -11.60 48.85
C5 NAG J . 8.60 -12.63 49.63
C6 NAG J . 8.10 -11.99 50.92
C7 NAG J . 8.39 -12.90 44.36
C8 NAG J . 9.00 -13.39 43.09
N2 NAG J . 9.07 -13.15 45.47
O3 NAG J . 10.42 -11.14 46.65
O4 NAG J . 10.60 -11.30 49.60
O5 NAG J . 7.48 -13.13 48.87
O6 NAG J . 7.10 -12.84 51.48
O7 NAG J . 7.32 -12.33 44.39
C1 BMA J . 10.98 -9.91 49.68
C2 BMA J . 11.74 -9.76 51.00
C3 BMA J . 12.17 -8.32 51.19
C4 BMA J . 13.06 -7.94 50.01
C5 BMA J . 12.31 -8.13 48.69
C6 BMA J . 13.28 -7.83 47.56
O2 BMA J . 12.88 -10.62 51.01
O3 BMA J . 12.86 -8.15 52.44
O4 BMA J . 13.49 -6.58 50.14
O5 BMA J . 11.77 -9.46 48.57
O6 BMA J . 12.77 -8.24 46.28
C1 MAN J . 13.81 -8.40 45.27
C2 MAN J . 14.35 -9.85 45.30
C3 MAN J . 15.71 -10.03 45.98
C4 MAN J . 16.69 -8.96 45.53
C5 MAN J . 16.13 -7.58 45.87
C6 MAN J . 17.05 -6.48 45.37
O2 MAN J . 14.43 -10.33 43.94
O3 MAN J . 16.26 -11.33 45.70
O4 MAN J . 17.95 -9.16 46.18
O5 MAN J . 14.83 -7.36 45.30
O6 MAN J . 16.45 -5.19 45.64
C1 NAG K . -0.60 -22.37 -6.73
C2 NAG K . -1.25 -22.44 -8.11
C3 NAG K . -2.58 -21.72 -8.09
C4 NAG K . -3.45 -22.16 -6.92
C5 NAG K . -2.65 -22.02 -5.62
C6 NAG K . -3.38 -22.45 -4.36
C7 NAG K . 0.44 -22.60 -9.90
C8 NAG K . 1.17 -21.87 -10.99
N2 NAG K . -0.44 -21.87 -9.19
O3 NAG K . -3.23 -22.01 -9.32
O4 NAG K . -4.60 -21.31 -6.90
O5 NAG K . -1.49 -22.84 -5.72
O6 NAG K . -3.89 -23.77 -4.55
O7 NAG K . 0.66 -23.77 -9.68
C1 NAG K . -5.84 -22.04 -7.07
C2 NAG K . -6.94 -21.13 -6.54
C3 NAG K . -8.27 -21.74 -6.94
C4 NAG K . -8.43 -21.57 -8.46
C5 NAG K . -7.14 -22.00 -9.23
C6 NAG K . -6.59 -20.90 -10.15
C7 NAG K . -6.27 -19.84 -4.53
C8 NAG K . -6.18 -19.88 -3.03
N2 NAG K . -6.77 -20.95 -5.11
O3 NAG K . -9.35 -21.10 -6.26
O4 NAG K . -9.57 -22.31 -8.92
O5 NAG K . -6.07 -22.52 -8.40
O6 NAG K . -5.30 -20.41 -9.77
O7 NAG K . -5.90 -18.86 -5.15
C1 NAG L . -29.72 0.51 39.79
C2 NAG L . -31.20 0.20 40.06
C3 NAG L . -32.03 0.63 38.86
C4 NAG L . -31.77 2.08 38.52
C5 NAG L . -30.29 2.46 38.51
C6 NAG L . -30.05 3.97 38.49
C7 NAG L . -31.89 -1.68 41.48
C8 NAG L . -31.96 -3.18 41.63
N2 NAG L . -31.35 -1.22 40.36
O3 NAG L . -33.44 0.48 39.09
O4 NAG L . -32.28 2.35 37.21
O5 NAG L . -29.63 1.93 39.65
O6 NAG L . -30.57 4.58 39.67
O7 NAG L . -32.31 -0.96 42.36
C1 NAG L . -33.29 3.37 37.21
C2 NAG L . -33.40 3.88 35.77
C3 NAG L . -34.60 4.78 35.59
C4 NAG L . -35.86 4.04 36.03
C5 NAG L . -35.73 3.54 37.47
C6 NAG L . -36.92 2.67 37.86
C7 NAG L . -31.26 4.04 34.57
C8 NAG L . -30.14 4.95 34.13
N2 NAG L . -32.23 4.60 35.30
O3 NAG L . -34.65 5.14 34.21
O4 NAG L . -36.97 4.92 35.94
O5 NAG L . -34.52 2.80 37.69
O6 NAG L . -36.98 1.51 37.04
O7 NAG L . -31.26 2.86 34.26
C1 BMA L . -37.70 4.93 34.69
C2 BMA L . -39.11 5.24 35.12
C3 BMA L . -40.08 5.37 33.95
C4 BMA L . -39.53 6.22 32.80
C5 BMA L . -38.01 6.14 32.57
C6 BMA L . -37.55 7.44 31.90
O2 BMA L . -39.09 6.47 35.87
O3 BMA L . -41.26 6.01 34.46
O4 BMA L . -40.19 5.82 31.60
O5 BMA L . -37.24 5.93 33.77
O6 BMA L . -36.39 7.24 31.09
C1 MAN L . -42.46 5.22 34.37
C2 MAN L . -43.63 6.12 34.75
C3 MAN L . -43.59 6.44 36.25
C4 MAN L . -43.59 5.16 37.08
C5 MAN L . -42.52 4.18 36.62
C6 MAN L . -42.71 2.81 37.26
O2 MAN L . -44.86 5.49 34.39
O3 MAN L . -44.72 7.26 36.61
O4 MAN L . -43.35 5.50 38.45
O5 MAN L . -42.50 4.03 35.18
O6 MAN L . -41.44 2.26 37.62
C1 NAG M . -37.04 -19.95 5.16
C2 NAG M . -38.54 -20.21 5.21
C3 NAG M . -38.81 -21.60 5.78
C4 NAG M . -38.06 -22.67 4.99
C5 NAG M . -36.58 -22.32 4.84
C6 NAG M . -35.82 -23.35 3.96
C7 NAG M . -39.70 -18.03 5.43
C8 NAG M . -40.34 -17.07 6.41
N2 NAG M . -39.20 -19.16 5.98
O3 NAG M . -40.22 -21.89 5.79
O4 NAG M . -38.23 -23.95 5.63
O5 NAG M . -36.44 -20.97 4.34
O6 NAG M . -35.37 -22.83 2.70
O7 NAG M . -39.64 -17.76 4.24
C1 NAG N . 15.72 -12.85 -28.03
C2 NAG N . 16.20 -13.53 -29.31
C3 NAG N . 16.83 -14.87 -28.94
C4 NAG N . 18.15 -14.59 -28.26
C5 NAG N . 18.04 -13.50 -27.17
C6 NAG N . 19.04 -12.39 -27.45
C7 NAG N . 14.97 -12.99 -31.37
C8 NAG N . 13.76 -13.34 -32.18
N2 NAG N . 15.11 -13.70 -30.24
O3 NAG N . 17.04 -15.67 -30.11
O4 NAG N . 18.68 -15.83 -27.74
O5 NAG N . 16.72 -12.87 -27.00
O6 NAG N . 19.20 -11.55 -26.30
O7 NAG N . 15.76 -12.12 -31.73
C1 NAG O . 17.12 -30.23 24.21
C2 NAG O . 17.69 -31.60 24.59
C3 NAG O . 18.16 -31.48 26.04
C4 NAG O . 19.31 -30.45 26.12
C5 NAG O . 19.32 -29.39 25.00
C6 NAG O . 20.20 -29.72 23.78
C7 NAG O . 16.67 -33.42 23.24
C8 NAG O . 15.61 -34.47 23.19
N2 NAG O . 16.73 -32.68 24.37
O3 NAG O . 18.57 -32.76 26.54
O4 NAG O . 19.21 -29.77 27.38
O5 NAG O . 17.97 -29.12 24.55
O6 NAG O . 20.99 -28.58 23.41
O7 NAG O . 17.41 -33.26 22.28
C1 NAG P . 38.79 1.86 -42.78
C2 NAG P . 40.12 1.29 -42.19
C3 NAG P . 41.21 1.03 -43.25
C4 NAG P . 40.59 0.50 -44.53
C5 NAG P . 39.63 1.56 -45.06
C6 NAG P . 39.13 1.30 -46.48
C7 NAG P . 41.70 2.68 -40.72
C8 NAG P . 41.67 3.57 -39.50
N2 NAG P . 40.49 2.18 -41.08
O3 NAG P . 42.16 0.06 -42.78
O4 NAG P . 41.61 0.17 -45.51
O5 NAG P . 38.53 1.59 -44.16
O6 NAG P . 38.76 -0.07 -46.66
O7 NAG P . 42.75 2.46 -41.29
C1 NAG Q . 23.10 22.84 -8.01
C2 NAG Q . 23.39 24.34 -8.11
C3 NAG Q . 22.73 25.13 -6.99
C4 NAG Q . 21.23 24.86 -7.04
C5 NAG Q . 20.99 23.38 -6.78
C6 NAG Q . 19.49 23.01 -6.77
C7 NAG Q . 25.56 24.81 -9.17
C8 NAG Q . 27.04 24.93 -8.94
N2 NAG Q . 24.83 24.51 -8.09
O3 NAG Q . 22.99 26.53 -7.16
O4 NAG Q . 20.54 25.68 -6.07
O5 NAG Q . 21.69 22.58 -7.76
O6 NAG Q . 18.77 23.64 -7.84
O7 NAG Q . 25.08 24.98 -10.28
C1 NAG R . 17.22 7.03 14.31
C2 NAG R . 18.53 6.63 13.62
C3 NAG R . 18.49 5.15 13.21
C4 NAG R . 18.09 4.27 14.38
C5 NAG R . 16.72 4.77 14.85
C6 NAG R . 16.01 3.90 15.90
C7 NAG R . 19.53 8.57 12.44
C8 NAG R . 19.80 9.24 11.11
N2 NAG R . 18.85 7.42 12.42
O3 NAG R . 19.77 4.82 12.66
O4 NAG R . 18.10 2.88 14.01
O5 NAG R . 16.89 6.11 15.36
O6 NAG R . 16.71 3.99 17.14
O7 NAG R . 19.93 9.11 13.46
C1 NAG S . -4.70 22.44 38.34
C2 NAG S . -3.55 22.61 39.34
C3 NAG S . -4.03 23.04 40.72
C4 NAG S . -4.93 24.27 40.59
C5 NAG S . -6.11 23.93 39.66
C6 NAG S . -7.15 25.05 39.54
C7 NAG S . -1.53 21.22 39.05
C8 NAG S . -0.94 19.86 39.24
N2 NAG S . -2.80 21.36 39.44
O3 NAG S . -2.85 23.29 41.48
O4 NAG S . -5.37 24.76 41.87
O5 NAG S . -5.60 23.56 38.36
O6 NAG S . -6.66 26.16 38.78
O7 NAG S . -0.88 22.15 38.56
#